data_7SKA
#
_entry.id   7SKA
#
_cell.length_a   1.00
_cell.length_b   1.00
_cell.length_c   1.00
_cell.angle_alpha   90.00
_cell.angle_beta   90.00
_cell.angle_gamma   90.00
#
_symmetry.space_group_name_H-M   'P 1'
#
loop_
_entity.id
_entity.type
_entity.pdbx_description
1 polymer 'Envelope glycoprotein gp120'
2 polymer 'Envelope glycoprotein gp41'
3 branched alpha-D-mannopyranose-(1-2)-alpha-D-mannopyranose-(1-3)-beta-D-mannopyranose-(1-4)-2-acetamido-2-deoxy-beta-D-glucopyranose-(1-4)-2-acetamido-2-deoxy-beta-D-glucopyranose
4 branched alpha-D-mannopyranose-(1-2)-alpha-D-mannopyranose-(1-3)-alpha-D-mannopyranose-(1-6)-beta-D-mannopyranose-(1-4)-2-acetamido-2-deoxy-beta-D-glucopyranose-(1-4)-2-acetamido-2-deoxy-beta-D-glucopyranose
5 branched 2-acetamido-2-deoxy-beta-D-glucopyranose-(1-4)-2-acetamido-2-deoxy-beta-D-glucopyranose
6 branched alpha-D-mannopyranose-(1-3)-beta-D-mannopyranose-(1-4)-2-acetamido-2-deoxy-beta-D-glucopyranose-(1-4)-2-acetamido-2-deoxy-beta-D-glucopyranose
7 branched beta-D-mannopyranose-(1-4)-2-acetamido-2-deoxy-beta-D-glucopyranose-(1-4)-2-acetamido-2-deoxy-beta-D-glucopyranose
8 branched 2-acetamido-2-deoxy-beta-D-glucopyranose-(1-2)-alpha-D-mannopyranose-(1-3)-beta-D-mannopyranose-(1-4)-2-acetamido-2-deoxy-beta-D-glucopyranose-(1-4)-[alpha-L-fucopyranose-(2-6)]2-acetamido-2-deoxy-beta-D-glucopyranose
9 branched beta-D-galactopyranose-(1-4)-2-acetamido-2-deoxy-beta-D-glucopyranose-(1-2)-[beta-D-galactopyranose-(1-4)-2-acetamido-2-deoxy-beta-D-glucopyranose-(1-4)]alpha-D-mannopyranose-(1-3)-beta-D-mannopyranose-(1-4)-2-acetamido-2-deoxy-beta-D-glucopyranose-(1-4)-2-acetamido-2-deoxy-beta-D-glucopyranose
10 branched 2-acetamido-2-deoxy-beta-D-glucopyranose-(1-2)-alpha-D-mannopyranose
11 branched alpha-D-mannopyranose-(1-3)-alpha-D-mannopyranose-(1-6)-[alpha-D-mannopyranose-(1-3)]beta-D-mannopyranose-(1-4)-2-acetamido-2-deoxy-beta-D-glucopyranose-(1-4)-2-acetamido-2-deoxy-beta-D-glucopyranose
12 non-polymer 2-acetamido-2-deoxy-beta-D-glucopyranose
13 non-polymer alpha-L-fucopyranose
#
loop_
_entity_poly.entity_id
_entity_poly.type
_entity_poly.pdbx_seq_one_letter_code
_entity_poly.pdbx_strand_id
1 'polypeptide(L)'
;KLWVTVYYGVPVWKEATTTLFCASDAKAYDTEVHNVWATHACVPTDPNPQEVVLENVTENFNMWKNNMVEQMHEDIISLW
DQSLKPCVKLTPLCVTLNCTDLRNVTNINNSSEGMRGEIKNCSFNITTSIRDKVKKDYALFYRLDVVPIDNDNTSYRLIN
CNTSTITQACPKVSFEPIPIHYCTPAGFAILKCKDKKFNGTGPCKNVSTVQCTHGIRPVVSTQLLLNGSLAEEEVVIRSS
NFTDNAKNIIVQLKESVEINCTRPNNNTRKSIHIGPGRAFYTTGEIIGDIRQAHCNISRTKWNNTLNQIATKLKEQFGNN
KTIVFNQSSGGDPEIVMHSFNCGGEFFYCNSTQLFNSTWNFNGTWNLTQSNGTEGNDTITLPCRIKQIINMWQEVGKAMY
APPIRGQIRCSSNITGLILTRDGGTNSSGSEIFRPGGGDMRDNWRSELYKYKVVKIEPLGVAPTK
;
A,N,Y
2 'polypeptide(L)'
;GFLGAAGSTMGAASMTLTVQARQLLSGIVQQQNNLLRAIEAQQHLLQLTVWGIRQLQARVLAVERYLRDQQLLGIWGCSG
KLICTTAVPWNASWSNKSLEQIWNNMTWMEWDREINNYTSLIHSLIEEAQNQQEKNEQELLELD
;
B,O,Z
#
# COMPACT_ATOMS: atom_id res chain seq x y z
N LYS A 1 6.79 -8.47 52.43
CA LYS A 1 7.53 -8.44 51.17
C LYS A 1 6.64 -7.94 50.03
N LEU A 2 6.98 -6.78 49.46
CA LEU A 2 6.24 -6.21 48.34
C LEU A 2 6.80 -6.75 47.03
N TRP A 3 6.80 -8.07 46.91
CA TRP A 3 7.23 -8.70 45.66
C TRP A 3 6.45 -8.06 44.53
N VAL A 4 7.16 -7.47 43.57
CA VAL A 4 6.46 -6.92 42.42
C VAL A 4 5.73 -8.05 41.73
N THR A 5 4.53 -7.75 41.25
CA THR A 5 3.75 -8.73 40.51
C THR A 5 3.20 -8.06 39.27
N VAL A 6 3.04 -8.86 38.22
CA VAL A 6 2.54 -8.39 36.94
C VAL A 6 1.18 -8.99 36.69
N TYR A 7 0.31 -8.23 36.03
CA TYR A 7 -1.06 -8.65 35.79
C TYR A 7 -1.47 -8.23 34.39
N TYR A 8 -2.39 -9.00 33.79
CA TYR A 8 -2.85 -8.80 32.43
C TYR A 8 -4.38 -8.70 32.43
N GLY A 9 -4.93 -8.17 31.34
CA GLY A 9 -6.36 -7.96 31.28
C GLY A 9 -6.87 -7.02 32.35
N VAL A 10 -6.00 -6.20 32.92
CA VAL A 10 -6.34 -5.30 34.01
C VAL A 10 -7.30 -4.24 33.48
N PRO A 11 -8.22 -3.73 34.31
CA PRO A 11 -9.02 -2.57 33.89
C PRO A 11 -8.18 -1.31 33.89
N VAL A 12 -7.92 -0.78 32.70
CA VAL A 12 -7.12 0.44 32.58
C VAL A 12 -7.73 1.31 31.50
N TRP A 13 -7.75 2.61 31.76
CA TRP A 13 -8.35 3.60 30.89
C TRP A 13 -7.39 4.77 30.77
N LYS A 14 -6.90 5.04 29.57
CA LYS A 14 -5.92 6.09 29.35
C LYS A 14 -6.36 6.94 28.16
N GLU A 15 -5.76 8.13 28.06
CA GLU A 15 -6.17 9.11 27.05
C GLU A 15 -5.83 8.60 25.67
N ALA A 16 -6.85 8.21 24.92
CA ALA A 16 -6.64 7.77 23.55
C ALA A 16 -6.75 8.94 22.58
N THR A 17 -5.89 8.91 21.56
CA THR A 17 -5.97 9.81 20.40
C THR A 17 -5.69 8.94 19.19
N THR A 18 -6.75 8.34 18.64
CA THR A 18 -6.60 7.37 17.57
C THR A 18 -7.73 7.58 16.57
N THR A 19 -7.69 6.79 15.51
CA THR A 19 -8.69 6.85 14.45
C THR A 19 -9.95 6.14 14.92
N LEU A 20 -11.09 6.60 14.41
CA LEU A 20 -12.34 5.88 14.58
C LEU A 20 -12.84 5.46 13.22
N PHE A 21 -13.70 4.44 13.23
CA PHE A 21 -14.15 3.80 12.01
C PHE A 21 -15.61 4.16 11.77
N CYS A 22 -16.09 3.91 10.54
CA CYS A 22 -17.47 4.21 10.16
C CYS A 22 -18.38 3.03 10.47
N ALA A 23 -19.59 3.33 10.93
CA ALA A 23 -20.61 2.29 11.12
C ALA A 23 -21.95 2.84 10.68
N SER A 24 -22.68 2.04 9.91
CA SER A 24 -23.98 2.42 9.37
C SER A 24 -24.94 1.24 9.48
N ASP A 25 -26.07 1.48 10.15
CA ASP A 25 -26.92 0.39 10.63
C ASP A 25 -27.46 -0.44 9.45
N ALA A 26 -28.15 -1.53 9.81
CA ALA A 26 -28.80 -2.35 8.80
C ALA A 26 -29.79 -1.51 8.00
N LYS A 27 -30.55 -0.64 8.68
CA LYS A 27 -31.43 0.27 7.96
C LYS A 27 -30.64 1.11 6.96
N ALA A 28 -29.41 1.52 7.33
CA ALA A 28 -28.51 2.11 6.35
C ALA A 28 -28.44 1.25 5.10
N TYR A 29 -27.78 0.10 5.18
CA TYR A 29 -27.59 -0.69 3.98
C TYR A 29 -28.90 -1.11 3.33
N ASP A 30 -30.04 -0.83 3.97
CA ASP A 30 -31.34 -1.07 3.35
C ASP A 30 -31.91 0.19 2.72
N THR A 31 -31.14 1.27 2.75
CA THR A 31 -31.56 2.54 2.15
C THR A 31 -31.58 2.40 0.64
N GLU A 32 -30.80 1.44 0.14
CA GLU A 32 -30.71 1.12 -1.28
C GLU A 32 -30.30 2.26 -2.23
N VAL A 33 -29.74 3.34 -1.70
CA VAL A 33 -29.32 4.42 -2.55
C VAL A 33 -27.88 4.13 -2.81
N HIS A 34 -27.45 4.22 -4.05
CA HIS A 34 -26.07 3.87 -4.26
C HIS A 34 -25.20 4.65 -3.30
N ASN A 35 -25.48 5.92 -3.13
CA ASN A 35 -24.95 6.63 -1.97
C ASN A 35 -25.81 7.87 -1.80
N VAL A 36 -26.54 7.97 -0.69
CA VAL A 36 -27.29 9.19 -0.43
C VAL A 36 -26.38 10.10 0.38
N TRP A 37 -25.40 10.69 -0.30
CA TRP A 37 -24.47 11.66 0.23
C TRP A 37 -23.58 11.09 1.35
N ALA A 38 -23.87 9.91 1.90
CA ALA A 38 -23.23 9.54 3.16
C ALA A 38 -22.73 8.11 3.28
N THR A 39 -23.35 7.13 2.61
CA THR A 39 -23.08 5.72 2.88
C THR A 39 -21.93 5.25 1.98
N HIS A 40 -21.24 4.17 2.41
CA HIS A 40 -20.08 3.49 1.81
C HIS A 40 -20.26 1.97 1.72
N ALA A 41 -19.15 1.24 1.40
CA ALA A 41 -18.93 -0.18 1.68
C ALA A 41 -18.36 -0.43 3.10
N CYS A 42 -18.52 0.52 4.02
CA CYS A 42 -17.90 0.46 5.34
C CYS A 42 -18.62 -0.53 6.23
N VAL A 43 -18.05 -0.80 7.38
CA VAL A 43 -18.66 -1.78 8.28
C VAL A 43 -19.98 -1.24 8.80
N PRO A 44 -21.05 -2.03 8.74
CA PRO A 44 -22.27 -1.72 9.48
C PRO A 44 -22.08 -1.85 10.98
N THR A 45 -22.91 -1.10 11.70
CA THR A 45 -23.09 -1.27 13.14
C THR A 45 -23.44 -2.71 13.49
N ASP A 46 -22.84 -3.20 14.59
CA ASP A 46 -23.14 -4.56 15.02
C ASP A 46 -24.55 -4.62 15.63
N PRO A 47 -25.19 -5.80 15.60
CA PRO A 47 -26.56 -5.88 16.11
C PRO A 47 -26.74 -5.36 17.52
N ASN A 48 -25.77 -5.58 18.42
CA ASN A 48 -25.92 -5.24 19.83
C ASN A 48 -24.57 -4.86 20.44
N PRO A 49 -24.04 -3.68 20.11
CA PRO A 49 -22.79 -3.21 20.75
C PRO A 49 -22.96 -2.98 22.25
N GLN A 50 -21.89 -3.27 23.00
CA GLN A 50 -21.93 -3.15 24.46
C GLN A 50 -21.56 -1.74 24.91
N GLU A 51 -22.44 -1.10 25.67
CA GLU A 51 -22.17 0.19 26.29
C GLU A 51 -22.19 -0.02 27.80
N VAL A 52 -21.09 -0.50 28.34
CA VAL A 52 -21.01 -0.77 29.77
C VAL A 52 -21.00 0.58 30.47
N VAL A 53 -22.06 0.85 31.22
CA VAL A 53 -22.07 2.03 32.07
C VAL A 53 -21.11 1.78 33.22
N LEU A 54 -20.18 2.69 33.42
CA LEU A 54 -19.22 2.59 34.50
C LEU A 54 -19.62 3.60 35.57
N GLU A 55 -19.95 3.10 36.75
CA GLU A 55 -20.39 3.93 37.86
C GLU A 55 -19.33 3.86 38.95
N ASN A 56 -19.44 4.76 39.92
CA ASN A 56 -18.39 4.93 40.91
C ASN A 56 -17.03 5.06 40.23
N VAL A 57 -17.05 5.65 39.03
CA VAL A 57 -15.86 5.93 38.25
C VAL A 57 -15.87 7.42 37.93
N THR A 58 -14.72 7.89 37.46
CA THR A 58 -14.58 9.31 37.13
C THR A 58 -13.79 9.41 35.84
N GLU A 59 -14.15 10.39 35.02
CA GLU A 59 -13.49 10.59 33.75
C GLU A 59 -13.62 12.06 33.37
N ASN A 60 -12.47 12.68 33.08
CA ASN A 60 -12.43 14.08 32.67
C ASN A 60 -12.44 14.11 31.15
N PHE A 61 -13.29 14.97 30.59
CA PHE A 61 -13.45 15.09 29.15
C PHE A 61 -13.15 16.51 28.72
N ASN A 62 -12.86 16.65 27.43
CA ASN A 62 -12.70 17.96 26.82
C ASN A 62 -13.09 17.81 25.37
N MET A 63 -14.33 18.17 25.04
CA MET A 63 -14.81 18.00 23.68
C MET A 63 -14.07 18.89 22.70
N TRP A 64 -13.71 20.10 23.10
CA TRP A 64 -12.99 20.99 22.19
C TRP A 64 -11.59 20.48 21.91
N LYS A 65 -10.97 19.80 22.88
CA LYS A 65 -9.68 19.16 22.67
C LYS A 65 -9.81 17.74 22.16
N ASN A 66 -11.03 17.22 22.08
CA ASN A 66 -11.20 15.88 21.56
C ASN A 66 -10.88 15.88 20.06
N ASN A 67 -10.06 14.91 19.66
CA ASN A 67 -9.59 14.84 18.28
C ASN A 67 -10.62 14.21 17.36
N MET A 68 -11.73 13.74 17.90
CA MET A 68 -12.74 13.09 17.08
C MET A 68 -13.19 14.00 15.95
N VAL A 69 -13.37 15.30 16.25
CA VAL A 69 -13.87 16.24 15.24
C VAL A 69 -12.95 16.24 14.02
N GLU A 70 -11.64 16.16 14.25
CA GLU A 70 -10.68 16.27 13.16
C GLU A 70 -10.81 15.12 12.18
N GLN A 71 -10.69 13.89 12.67
CA GLN A 71 -10.84 12.74 11.80
C GLN A 71 -12.22 12.72 11.16
N MET A 72 -13.24 13.14 11.92
CA MET A 72 -14.58 13.19 11.36
C MET A 72 -14.64 14.06 10.12
N HIS A 73 -14.16 15.31 10.24
CA HIS A 73 -14.24 16.21 9.10
C HIS A 73 -13.32 15.77 7.97
N GLU A 74 -12.15 15.21 8.31
CA GLU A 74 -11.23 14.75 7.27
C GLU A 74 -11.84 13.62 6.46
N ASP A 75 -12.40 12.63 7.14
CA ASP A 75 -13.02 11.51 6.44
C ASP A 75 -14.26 11.96 5.69
N ILE A 76 -14.96 12.96 6.22
CA ILE A 76 -16.06 13.57 5.47
C ILE A 76 -15.55 14.14 4.15
N ILE A 77 -14.44 14.87 4.22
CA ILE A 77 -13.87 15.48 3.01
C ILE A 77 -13.36 14.40 2.06
N SER A 78 -12.71 13.37 2.59
CA SER A 78 -12.22 12.28 1.74
C SER A 78 -13.38 11.60 1.04
N LEU A 79 -14.46 11.32 1.77
CA LEU A 79 -15.63 10.69 1.19
C LEU A 79 -16.28 11.58 0.13
N TRP A 80 -16.43 12.88 0.41
CA TRP A 80 -17.01 13.79 -0.57
C TRP A 80 -16.15 13.89 -1.82
N ASP A 81 -14.84 13.97 -1.66
CA ASP A 81 -13.94 14.00 -2.81
C ASP A 81 -14.08 12.74 -3.64
N GLN A 82 -14.06 11.58 -2.97
CA GLN A 82 -14.12 10.31 -3.67
C GLN A 82 -15.49 10.12 -4.32
N SER A 83 -16.53 10.74 -3.76
CA SER A 83 -17.85 10.70 -4.38
C SER A 83 -17.94 11.62 -5.59
N LEU A 84 -17.28 12.78 -5.51
CA LEU A 84 -17.24 13.71 -6.64
C LEU A 84 -16.47 13.11 -7.81
N LYS A 85 -15.51 12.24 -7.53
CA LYS A 85 -14.69 11.67 -8.60
C LYS A 85 -15.54 11.05 -9.70
N PRO A 86 -16.55 10.22 -9.41
CA PRO A 86 -17.33 9.61 -10.49
C PRO A 86 -18.30 10.56 -11.19
N CYS A 87 -18.59 11.71 -10.61
CA CYS A 87 -19.56 12.62 -11.22
C CYS A 87 -18.99 13.22 -12.49
N VAL A 88 -19.87 13.55 -13.44
CA VAL A 88 -19.46 14.11 -14.71
C VAL A 88 -19.03 15.56 -14.49
N LYS A 89 -18.17 16.05 -15.37
CA LYS A 89 -17.67 17.40 -15.26
C LYS A 89 -18.58 18.38 -16.00
N LEU A 90 -18.42 19.66 -15.68
CA LEU A 90 -19.22 20.72 -16.30
C LEU A 90 -18.33 21.81 -16.87
N THR A 91 -17.07 21.51 -17.16
CA THR A 91 -16.17 22.53 -17.69
C THR A 91 -16.74 23.25 -18.90
N PRO A 92 -17.30 22.57 -19.91
CA PRO A 92 -17.94 23.31 -21.01
C PRO A 92 -19.26 23.96 -20.61
N LEU A 93 -19.94 23.45 -19.59
CA LEU A 93 -21.10 24.15 -19.05
C LEU A 93 -20.71 25.48 -18.44
N CYS A 94 -19.41 25.69 -18.25
CA CYS A 94 -18.84 26.94 -17.79
C CYS A 94 -19.09 28.09 -18.76
N VAL A 95 -19.39 27.79 -20.03
CA VAL A 95 -19.40 28.84 -21.05
C VAL A 95 -20.28 29.99 -20.58
N THR A 96 -20.05 31.16 -21.15
CA THR A 96 -20.92 32.29 -20.85
C THR A 96 -22.37 31.88 -21.05
N LEU A 97 -23.27 32.63 -20.40
CA LEU A 97 -24.69 32.40 -20.52
C LEU A 97 -25.35 33.74 -20.80
N ASN A 98 -26.61 33.71 -21.18
CA ASN A 98 -27.40 34.92 -21.26
C ASN A 98 -28.74 34.64 -20.61
N CYS A 99 -28.97 35.28 -19.47
CA CYS A 99 -30.13 35.00 -18.65
C CYS A 99 -31.13 36.14 -18.83
N THR A 100 -32.40 35.78 -19.01
CA THR A 100 -33.48 36.75 -19.07
C THR A 100 -34.24 36.69 -17.75
N ASP A 101 -34.44 37.85 -17.12
CA ASP A 101 -35.10 37.94 -15.81
C ASP A 101 -36.61 37.92 -16.01
N LEU A 102 -37.12 36.73 -16.32
CA LEU A 102 -38.55 36.58 -16.63
C LEU A 102 -39.40 36.88 -15.39
N ARG A 103 -39.21 36.10 -14.34
CA ARG A 103 -39.89 36.34 -13.07
C ARG A 103 -39.29 37.59 -12.43
N ASN A 104 -40.04 38.70 -12.50
CA ASN A 104 -39.59 39.96 -11.92
C ASN A 104 -40.55 40.46 -10.84
N ARG A 116 -36.99 41.55 -6.11
CA ARG A 116 -35.91 40.62 -6.37
C ARG A 116 -36.37 39.16 -6.28
N GLY A 117 -36.56 38.52 -7.43
CA GLY A 117 -37.06 37.16 -7.47
C GLY A 117 -36.04 36.09 -7.82
N GLU A 118 -34.93 36.50 -8.43
CA GLU A 118 -33.81 35.62 -8.77
C GLU A 118 -34.27 34.34 -9.47
N ILE A 119 -35.26 34.49 -10.35
CA ILE A 119 -35.67 33.39 -11.21
C ILE A 119 -35.71 33.91 -12.64
N LYS A 120 -34.62 33.69 -13.35
CA LYS A 120 -34.47 34.17 -14.72
C LYS A 120 -33.96 33.01 -15.56
N ASN A 121 -34.76 32.58 -16.52
CA ASN A 121 -34.32 31.54 -17.43
C ASN A 121 -33.02 31.97 -18.08
N CYS A 122 -32.04 31.09 -18.05
CA CYS A 122 -30.76 31.37 -18.67
C CYS A 122 -30.56 30.36 -19.78
N SER A 123 -30.15 30.84 -20.94
CA SER A 123 -29.91 29.96 -22.09
C SER A 123 -28.50 30.16 -22.66
N PHE A 124 -27.60 29.23 -22.34
CA PHE A 124 -26.22 29.31 -22.82
C PHE A 124 -25.89 28.10 -23.68
N ASN A 125 -24.69 28.10 -24.26
CA ASN A 125 -24.26 27.01 -25.10
C ASN A 125 -23.83 25.83 -24.22
N ILE A 126 -24.32 24.62 -24.54
CA ILE A 126 -23.96 23.34 -23.94
C ILE A 126 -23.45 22.46 -25.08
N THR A 127 -22.22 21.97 -24.95
CA THR A 127 -21.57 21.30 -26.05
C THR A 127 -22.07 19.87 -26.11
N THR A 128 -21.66 19.12 -27.15
CA THR A 128 -22.13 17.76 -27.37
C THR A 128 -20.96 16.77 -27.58
N SER A 129 -21.30 15.54 -27.98
CA SER A 129 -20.30 14.48 -28.04
C SER A 129 -19.20 14.77 -29.05
N ILE A 130 -19.56 15.23 -30.26
CA ILE A 130 -18.54 15.53 -31.26
C ILE A 130 -17.90 16.89 -30.97
N ARG A 131 -16.67 17.05 -31.48
CA ARG A 131 -15.94 18.29 -31.22
C ARG A 131 -16.66 19.50 -31.80
N ASP A 132 -17.23 19.38 -33.00
CA ASP A 132 -17.78 20.54 -33.71
C ASP A 132 -19.30 20.63 -33.67
N LYS A 133 -20.00 19.57 -33.28
CA LYS A 133 -21.47 19.57 -33.21
C LYS A 133 -21.90 20.08 -31.84
N VAL A 134 -22.33 21.35 -31.80
CA VAL A 134 -22.79 22.00 -30.59
C VAL A 134 -24.17 22.61 -30.83
N LYS A 135 -25.08 22.34 -29.92
CA LYS A 135 -26.41 22.95 -29.97
C LYS A 135 -26.52 23.99 -28.86
N LYS A 136 -27.72 24.54 -28.68
CA LYS A 136 -27.99 25.55 -27.68
C LYS A 136 -29.08 25.06 -26.74
N ASP A 137 -28.92 25.35 -25.46
CA ASP A 137 -29.91 25.00 -24.47
C ASP A 137 -30.12 26.18 -23.53
N TYR A 138 -31.18 26.06 -22.73
CA TYR A 138 -31.51 27.05 -21.72
C TYR A 138 -31.97 26.28 -20.50
N ALA A 139 -31.59 26.78 -19.33
CA ALA A 139 -32.06 26.20 -18.09
C ALA A 139 -32.52 27.36 -17.22
N LEU A 140 -32.85 27.08 -15.97
CA LEU A 140 -33.15 28.12 -15.02
C LEU A 140 -31.94 28.29 -14.12
N PHE A 141 -31.53 29.53 -13.94
CA PHE A 141 -30.43 29.85 -13.06
C PHE A 141 -30.88 30.97 -12.14
N TYR A 142 -30.32 30.95 -10.95
CA TYR A 142 -30.63 31.96 -9.97
C TYR A 142 -29.68 33.13 -10.17
N ARG A 143 -29.81 34.15 -9.35
CA ARG A 143 -28.89 35.28 -9.41
C ARG A 143 -27.62 35.00 -8.61
N LEU A 144 -27.51 33.80 -8.03
CA LEU A 144 -26.36 33.42 -7.22
C LEU A 144 -25.39 32.51 -7.95
N ASP A 145 -25.78 31.92 -9.08
CA ASP A 145 -24.87 31.12 -9.89
C ASP A 145 -24.10 31.97 -10.90
N VAL A 146 -24.66 33.11 -11.31
CA VAL A 146 -24.02 34.00 -12.25
C VAL A 146 -24.09 35.42 -11.73
N VAL A 147 -23.22 36.29 -12.25
CA VAL A 147 -23.19 37.69 -11.83
C VAL A 147 -23.26 38.58 -13.06
N PRO A 148 -23.87 39.76 -12.95
CA PRO A 148 -23.80 40.72 -14.06
C PRO A 148 -22.42 41.33 -14.12
N ILE A 149 -21.83 41.35 -15.31
CA ILE A 149 -20.53 41.98 -15.51
C ILE A 149 -20.79 43.48 -15.62
N ASP A 150 -20.02 44.27 -14.87
CA ASP A 150 -20.07 45.72 -15.01
C ASP A 150 -18.83 46.30 -15.66
N ASN A 151 -17.84 45.46 -15.98
CA ASN A 151 -16.67 45.96 -16.72
C ASN A 151 -17.03 46.10 -18.20
N ASP A 152 -17.49 45.02 -18.83
CA ASP A 152 -17.97 45.10 -20.21
C ASP A 152 -19.47 44.90 -20.34
N ASN A 153 -20.15 44.54 -19.25
CA ASN A 153 -21.59 44.33 -19.16
C ASN A 153 -22.20 43.77 -20.44
N THR A 154 -21.67 42.64 -20.94
CA THR A 154 -22.19 41.94 -22.12
C THR A 154 -23.15 40.82 -21.75
N SER A 155 -22.84 40.03 -20.73
CA SER A 155 -23.75 39.01 -20.24
C SER A 155 -23.40 38.71 -18.79
N TYR A 156 -23.94 37.62 -18.27
CA TYR A 156 -23.64 37.16 -16.92
C TYR A 156 -22.65 36.01 -16.95
N ARG A 157 -21.89 35.91 -15.87
CA ARG A 157 -20.87 34.90 -15.73
C ARG A 157 -21.13 34.16 -14.43
N LEU A 158 -20.90 32.85 -14.44
CA LEU A 158 -20.94 32.12 -13.20
C LEU A 158 -19.75 32.55 -12.34
N ILE A 159 -20.04 32.96 -11.10
CA ILE A 159 -18.95 33.35 -10.22
C ILE A 159 -18.03 32.18 -9.99
N ASN A 160 -18.60 31.00 -9.75
CA ASN A 160 -17.84 29.78 -9.55
C ASN A 160 -17.07 29.36 -10.78
N CYS A 161 -17.38 29.96 -11.93
CA CYS A 161 -16.76 29.57 -13.18
C CYS A 161 -15.63 30.49 -13.62
N ASN A 162 -15.53 31.69 -13.06
CA ASN A 162 -14.40 32.57 -13.33
C ASN A 162 -13.36 32.50 -12.23
N THR A 163 -13.49 31.57 -11.28
CA THR A 163 -12.59 31.49 -10.14
C THR A 163 -11.92 30.13 -10.06
N SER A 164 -12.59 29.10 -10.54
CA SER A 164 -12.07 27.74 -10.50
C SER A 164 -12.83 26.91 -11.53
N THR A 165 -12.65 25.60 -11.48
CA THR A 165 -13.33 24.69 -12.40
C THR A 165 -14.78 24.47 -11.94
N ILE A 166 -15.55 23.84 -12.83
CA ILE A 166 -16.94 23.50 -12.55
C ILE A 166 -17.16 22.03 -12.88
N THR A 167 -17.91 21.35 -12.01
CA THR A 167 -18.24 19.95 -12.22
C THR A 167 -19.57 19.66 -11.57
N GLN A 168 -20.22 18.58 -12.00
CA GLN A 168 -21.51 18.19 -11.46
C GLN A 168 -21.38 17.65 -10.04
N ALA A 169 -22.49 17.69 -9.30
CA ALA A 169 -22.54 17.26 -7.91
C ALA A 169 -23.14 15.86 -7.75
N CYS A 170 -22.96 14.99 -8.74
CA CYS A 170 -23.55 13.66 -8.66
C CYS A 170 -25.01 13.76 -8.30
N PRO A 171 -25.86 14.24 -9.21
CA PRO A 171 -27.28 14.42 -8.88
C PRO A 171 -27.92 13.14 -8.37
N LYS A 172 -27.47 11.99 -8.87
CA LYS A 172 -27.96 10.72 -8.36
C LYS A 172 -27.73 10.60 -6.86
N VAL A 173 -26.56 11.06 -6.39
CA VAL A 173 -26.22 11.02 -4.97
C VAL A 173 -26.95 12.18 -4.29
N SER A 174 -28.10 11.89 -3.71
CA SER A 174 -28.86 12.91 -3.00
C SER A 174 -28.24 13.18 -1.64
N PHE A 175 -28.25 14.46 -1.24
CA PHE A 175 -27.55 14.91 -0.05
C PHE A 175 -28.45 14.77 1.18
N GLU A 176 -28.97 13.57 1.35
CA GLU A 176 -29.82 13.47 2.52
C GLU A 176 -29.01 12.98 3.72
N PRO A 177 -29.43 13.36 4.92
CA PRO A 177 -28.78 12.84 6.13
C PRO A 177 -29.11 11.37 6.35
N ILE A 178 -28.08 10.60 6.70
CA ILE A 178 -28.25 9.19 7.08
C ILE A 178 -27.64 8.96 8.46
N PRO A 179 -28.11 7.98 9.21
CA PRO A 179 -27.42 7.59 10.46
C PRO A 179 -26.02 7.05 10.18
N ILE A 180 -25.06 7.45 11.01
CA ILE A 180 -23.66 7.01 10.90
C ILE A 180 -23.15 6.64 12.29
N HIS A 181 -22.38 5.56 12.37
CA HIS A 181 -21.86 5.05 13.64
C HIS A 181 -20.33 4.99 13.59
N TYR A 182 -19.69 5.55 14.61
CA TYR A 182 -18.22 5.53 14.72
C TYR A 182 -17.80 4.47 15.73
N CYS A 183 -17.01 3.50 15.27
CA CYS A 183 -16.51 2.44 16.13
C CYS A 183 -15.03 2.67 16.41
N THR A 184 -14.59 2.18 17.57
CA THR A 184 -13.19 2.26 17.98
C THR A 184 -12.44 1.02 17.56
N PRO A 185 -11.12 1.10 17.45
CA PRO A 185 -10.34 -0.11 17.14
C PRO A 185 -10.28 -1.04 18.34
N ALA A 186 -9.58 -2.17 18.20
CA ALA A 186 -9.59 -3.21 19.22
C ALA A 186 -8.56 -2.94 20.29
N GLY A 187 -9.03 -2.53 21.46
CA GLY A 187 -8.19 -2.02 22.52
C GLY A 187 -8.34 -0.54 22.80
N PHE A 188 -9.10 0.18 21.99
CA PHE A 188 -9.47 1.56 22.27
C PHE A 188 -10.97 1.61 22.52
N ALA A 189 -11.35 2.32 23.58
CA ALA A 189 -12.75 2.48 23.89
C ALA A 189 -13.10 3.96 23.74
N ILE A 190 -14.38 4.26 23.78
CA ILE A 190 -14.84 5.63 23.80
C ILE A 190 -15.60 5.79 25.10
N LEU A 191 -14.99 6.44 26.07
CA LEU A 191 -15.68 6.65 27.32
C LEU A 191 -16.60 7.84 27.14
N LYS A 192 -17.88 7.60 27.41
CA LYS A 192 -18.89 8.61 27.18
C LYS A 192 -19.49 8.99 28.52
N CYS A 193 -19.56 10.30 28.76
CA CYS A 193 -20.27 10.77 29.92
C CYS A 193 -21.76 10.58 29.72
N LYS A 194 -22.43 10.23 30.81
CA LYS A 194 -23.88 10.07 30.81
C LYS A 194 -24.57 11.25 31.49
N ASP A 195 -23.90 12.39 31.53
CA ASP A 195 -24.40 13.57 32.22
C ASP A 195 -25.00 14.57 31.24
N LYS A 196 -25.96 15.34 31.74
CA LYS A 196 -26.70 16.26 30.89
C LYS A 196 -26.24 17.69 31.04
N LYS A 197 -25.86 18.07 32.24
CA LYS A 197 -25.13 19.31 32.48
C LYS A 197 -23.63 19.11 32.38
N PHE A 198 -23.19 18.05 31.71
CA PHE A 198 -21.76 17.81 31.54
C PHE A 198 -21.21 18.67 30.41
N ASN A 199 -20.36 19.63 30.76
CA ASN A 199 -19.75 20.53 29.77
C ASN A 199 -18.57 19.90 29.04
N GLY A 200 -17.99 20.61 28.07
CA GLY A 200 -16.86 20.04 27.34
C GLY A 200 -15.58 19.62 28.06
N THR A 201 -14.93 20.52 28.79
CA THR A 201 -13.71 20.19 29.53
C THR A 201 -14.02 19.92 31.01
N GLY A 202 -14.74 18.84 31.30
CA GLY A 202 -15.10 18.50 32.65
C GLY A 202 -14.89 17.03 33.00
N PRO A 203 -14.87 16.71 34.29
CA PRO A 203 -14.85 15.29 34.69
C PRO A 203 -16.25 14.69 34.58
N CYS A 204 -16.30 13.37 34.69
CA CYS A 204 -17.61 12.71 34.63
C CYS A 204 -17.57 11.44 35.47
N LYS A 205 -18.68 11.17 36.17
CA LYS A 205 -18.85 9.94 36.93
C LYS A 205 -19.71 8.93 36.22
N ASN A 206 -20.67 9.39 35.41
CA ASN A 206 -21.45 8.51 34.55
C ASN A 206 -20.63 8.18 33.31
N VAL A 207 -19.52 7.51 33.56
CA VAL A 207 -18.72 6.93 32.49
C VAL A 207 -19.41 5.68 32.03
N SER A 208 -19.61 5.57 30.72
CA SER A 208 -20.23 4.37 30.16
C SER A 208 -19.39 4.02 28.93
N THR A 209 -18.42 3.15 29.13
CA THR A 209 -17.50 2.77 28.08
C THR A 209 -18.30 2.30 26.87
N VAL A 210 -17.94 2.81 25.70
CA VAL A 210 -18.71 2.56 24.50
C VAL A 210 -17.75 2.12 23.40
N GLN A 211 -17.90 0.89 22.93
CA GLN A 211 -17.08 0.38 21.85
C GLN A 211 -17.35 1.15 20.57
N CYS A 212 -18.62 1.29 20.20
CA CYS A 212 -19.06 2.06 19.05
C CYS A 212 -19.95 3.20 19.54
N THR A 213 -19.56 4.42 19.22
CA THR A 213 -20.33 5.60 19.63
C THR A 213 -21.74 5.57 19.05
N HIS A 214 -22.68 6.16 19.79
CA HIS A 214 -24.09 6.18 19.41
C HIS A 214 -24.29 6.87 18.06
N GLY A 215 -25.22 6.31 17.27
CA GLY A 215 -25.58 6.82 15.96
C GLY A 215 -26.00 8.28 15.93
N ILE A 216 -25.42 9.04 15.00
CA ILE A 216 -25.62 10.49 14.90
C ILE A 216 -26.16 10.86 13.51
N ARG A 217 -26.55 12.13 13.34
CA ARG A 217 -27.16 12.62 12.10
C ARG A 217 -26.41 13.86 11.63
N PRO A 218 -25.24 13.67 10.98
CA PRO A 218 -24.44 14.81 10.53
C PRO A 218 -25.08 15.54 9.36
N VAL A 219 -25.99 16.47 9.64
CA VAL A 219 -26.57 17.35 8.65
C VAL A 219 -25.78 18.65 8.70
N VAL A 220 -25.19 19.02 7.57
CA VAL A 220 -24.42 20.27 7.48
C VAL A 220 -25.35 21.44 7.73
N SER A 221 -25.00 22.26 8.72
CA SER A 221 -25.78 23.42 9.08
C SER A 221 -24.86 24.51 9.63
N THR A 222 -25.34 25.75 9.58
CA THR A 222 -24.59 26.91 10.04
C THR A 222 -25.39 27.63 11.13
N GLN A 223 -24.76 27.87 12.27
CA GLN A 223 -25.34 28.63 13.38
C GLN A 223 -26.50 27.90 14.07
N LEU A 224 -26.74 26.63 13.71
CA LEU A 224 -27.86 25.89 14.27
C LEU A 224 -27.58 24.39 14.16
N LEU A 225 -28.57 23.58 14.54
CA LEU A 225 -28.51 22.12 14.46
C LEU A 225 -29.79 21.60 13.83
N LEU A 226 -29.68 20.51 13.07
CA LEU A 226 -30.83 19.87 12.43
C LEU A 226 -30.80 18.38 12.71
N ASN A 227 -31.83 17.88 13.38
CA ASN A 227 -31.98 16.45 13.63
C ASN A 227 -30.78 15.89 14.39
N GLY A 228 -30.45 16.52 15.53
CA GLY A 228 -29.29 16.16 16.31
C GLY A 228 -29.62 15.67 17.73
N SER A 229 -28.54 15.35 18.45
CA SER A 229 -28.66 14.89 19.83
C SER A 229 -29.29 15.95 20.70
N LEU A 230 -30.39 15.58 21.37
CA LEU A 230 -31.10 16.50 22.24
C LEU A 230 -30.57 16.42 23.67
N ALA A 231 -30.29 17.59 24.24
CA ALA A 231 -29.83 17.71 25.62
C ALA A 231 -31.05 17.92 26.51
N GLU A 232 -31.25 17.01 27.47
CA GLU A 232 -32.49 16.97 28.22
C GLU A 232 -32.34 17.49 29.65
N GLU A 233 -33.47 17.79 30.31
CA GLU A 233 -33.54 18.08 31.73
C GLU A 233 -32.96 19.47 32.05
N GLU A 234 -32.57 20.23 31.02
CA GLU A 234 -32.08 21.61 31.16
C GLU A 234 -31.72 22.23 29.81
N VAL A 235 -31.54 23.55 29.83
CA VAL A 235 -30.91 24.31 28.75
C VAL A 235 -29.43 24.53 29.08
N VAL A 236 -28.54 24.11 28.18
CA VAL A 236 -27.09 24.20 28.38
C VAL A 236 -26.52 25.24 27.43
N ILE A 237 -25.75 26.18 27.97
CA ILE A 237 -25.12 27.24 27.17
C ILE A 237 -23.63 27.25 27.44
N ARG A 238 -22.87 26.49 26.64
CA ARG A 238 -21.43 26.40 26.81
C ARG A 238 -20.73 27.28 25.79
N SER A 239 -19.46 27.55 26.05
CA SER A 239 -18.61 28.19 25.06
C SER A 239 -17.17 27.92 25.44
N SER A 240 -16.33 27.79 24.41
CA SER A 240 -14.92 27.52 24.64
C SER A 240 -14.28 28.62 25.48
N ASN A 241 -14.75 29.87 25.32
CA ASN A 241 -14.36 30.94 26.26
C ASN A 241 -15.52 31.93 26.36
N PHE A 242 -16.17 31.95 27.53
CA PHE A 242 -17.27 32.88 27.74
C PHE A 242 -16.81 34.33 27.77
N THR A 243 -15.71 34.61 28.48
CA THR A 243 -15.14 35.96 28.47
C THR A 243 -14.80 36.37 27.05
N ASP A 244 -14.17 35.46 26.31
CA ASP A 244 -13.84 35.71 24.92
C ASP A 244 -15.11 35.91 24.12
N ASN A 245 -15.39 37.16 23.74
CA ASN A 245 -16.60 37.47 23.00
C ASN A 245 -16.57 36.83 21.61
N ALA A 246 -15.39 36.71 21.01
CA ALA A 246 -15.28 36.03 19.73
C ALA A 246 -15.61 34.56 19.85
N LYS A 247 -15.33 33.98 21.01
CA LYS A 247 -15.67 32.58 21.21
C LYS A 247 -17.15 32.38 20.94
N ASN A 248 -17.45 31.39 20.10
CA ASN A 248 -18.84 31.09 19.86
C ASN A 248 -19.46 30.60 21.16
N ILE A 249 -20.76 30.85 21.30
CA ILE A 249 -21.48 30.45 22.50
C ILE A 249 -22.38 29.31 22.07
N ILE A 250 -21.98 28.10 22.42
CA ILE A 250 -22.76 26.91 22.08
C ILE A 250 -23.88 26.75 23.09
N VAL A 251 -25.09 26.53 22.60
CA VAL A 251 -26.26 26.39 23.46
C VAL A 251 -26.93 25.06 23.17
N GLN A 252 -27.43 24.43 24.22
CA GLN A 252 -28.16 23.16 24.12
C GLN A 252 -29.58 23.42 24.60
N LEU A 253 -30.49 23.59 23.65
CA LEU A 253 -31.90 23.76 23.99
C LEU A 253 -32.43 22.48 24.62
N LYS A 254 -33.41 22.66 25.50
CA LYS A 254 -34.04 21.50 26.12
C LYS A 254 -34.96 20.78 25.13
N GLU A 255 -35.87 21.50 24.50
CA GLU A 255 -36.83 20.93 23.59
C GLU A 255 -36.47 21.26 22.12
N SER A 256 -37.36 20.90 21.19
CA SER A 256 -37.13 21.04 19.76
C SER A 256 -38.35 21.68 19.12
N VAL A 257 -38.13 22.42 18.03
CA VAL A 257 -39.17 23.14 17.33
C VAL A 257 -39.39 22.53 15.94
N GLU A 258 -40.57 22.80 15.36
CA GLU A 258 -40.96 22.20 14.09
C GLU A 258 -40.72 23.19 12.95
N ILE A 259 -39.66 22.95 12.18
CA ILE A 259 -39.34 23.83 11.07
C ILE A 259 -40.09 23.37 9.82
N ASN A 260 -40.34 24.33 8.93
CA ASN A 260 -41.07 24.09 7.70
C ASN A 260 -40.30 24.77 6.57
N CYS A 261 -39.04 24.39 6.38
CA CYS A 261 -38.28 24.87 5.23
C CYS A 261 -38.74 24.09 4.02
N THR A 262 -39.89 24.52 3.48
CA THR A 262 -40.60 23.83 2.42
C THR A 262 -40.91 24.81 1.32
N ARG A 263 -40.42 24.53 0.13
CA ARG A 263 -40.70 25.37 -1.02
C ARG A 263 -41.92 24.86 -1.75
N PRO A 264 -43.01 25.63 -1.83
CA PRO A 264 -44.20 25.18 -2.56
C PRO A 264 -43.99 24.96 -4.06
N ASN A 265 -43.16 25.77 -4.70
CA ASN A 265 -42.96 25.68 -6.15
C ASN A 265 -42.24 24.40 -6.53
N ASN A 266 -42.62 23.81 -7.67
CA ASN A 266 -41.97 22.59 -8.14
C ASN A 266 -40.64 22.90 -8.82
N ASN A 267 -39.94 21.83 -9.19
CA ASN A 267 -38.66 21.92 -9.87
C ASN A 267 -38.73 21.17 -11.19
N THR A 268 -37.97 21.64 -12.15
CA THR A 268 -37.91 20.93 -13.41
C THR A 268 -36.52 20.29 -13.49
N ARG A 269 -36.45 19.15 -14.15
CA ARG A 269 -35.15 18.60 -14.48
C ARG A 269 -35.10 18.30 -15.97
N LYS A 270 -33.99 18.69 -16.57
CA LYS A 270 -33.78 18.56 -18.00
C LYS A 270 -32.51 17.74 -18.18
N SER A 271 -32.65 16.42 -18.05
CA SER A 271 -31.53 15.51 -18.21
C SER A 271 -31.01 15.58 -19.64
N ILE A 272 -29.95 16.33 -19.86
CA ILE A 272 -29.42 16.56 -21.20
C ILE A 272 -28.02 15.97 -21.26
N HIS A 273 -27.83 15.02 -22.18
CA HIS A 273 -26.52 14.43 -22.39
C HIS A 273 -25.57 15.49 -22.94
N ILE A 274 -24.43 15.67 -22.28
CA ILE A 274 -23.43 16.67 -22.70
C ILE A 274 -22.21 15.98 -23.29
N GLY A 275 -21.60 15.06 -22.53
CA GLY A 275 -20.40 14.37 -22.97
C GLY A 275 -20.66 12.95 -23.40
N PRO A 276 -19.59 12.16 -23.63
CA PRO A 276 -19.78 10.74 -23.96
C PRO A 276 -20.21 9.96 -22.73
N GLY A 277 -21.50 10.05 -22.39
CA GLY A 277 -22.03 9.45 -21.19
C GLY A 277 -22.27 10.41 -20.04
N ARG A 278 -22.02 11.71 -20.23
CA ARG A 278 -22.22 12.71 -19.18
C ARG A 278 -23.45 13.54 -19.48
N ALA A 279 -24.32 13.70 -18.49
CA ALA A 279 -25.55 14.48 -18.61
C ALA A 279 -25.63 15.54 -17.52
N PHE A 280 -26.18 16.71 -17.89
CA PHE A 280 -26.35 17.82 -16.96
C PHE A 280 -27.84 18.05 -16.72
N TYR A 281 -28.24 18.05 -15.46
CA TYR A 281 -29.64 18.25 -15.09
C TYR A 281 -29.85 19.75 -14.94
N THR A 282 -30.18 20.40 -16.06
CA THR A 282 -30.52 21.81 -16.02
C THR A 282 -31.89 21.99 -15.41
N THR A 283 -32.06 23.07 -14.66
CA THR A 283 -33.35 23.38 -14.08
C THR A 283 -34.27 23.89 -15.17
N GLY A 284 -35.31 23.12 -15.49
CA GLY A 284 -36.26 23.49 -16.50
C GLY A 284 -37.27 24.49 -15.99
N GLU A 285 -38.21 24.83 -16.86
CA GLU A 285 -39.25 25.77 -16.48
C GLU A 285 -40.17 25.16 -15.44
N ILE A 286 -40.79 26.02 -14.63
CA ILE A 286 -41.63 25.61 -13.53
C ILE A 286 -43.09 25.78 -13.93
N ILE A 287 -43.89 24.73 -13.72
CA ILE A 287 -45.29 24.74 -14.14
C ILE A 287 -46.09 25.65 -13.20
N GLY A 288 -46.95 26.48 -13.79
CA GLY A 288 -47.82 27.34 -13.01
C GLY A 288 -47.11 28.60 -12.53
N ASP A 289 -47.87 29.43 -11.83
CA ASP A 289 -47.31 30.65 -11.27
C ASP A 289 -46.17 30.28 -10.33
N ILE A 290 -44.99 30.84 -10.59
CA ILE A 290 -43.80 30.54 -9.81
C ILE A 290 -43.73 31.56 -8.68
N ARG A 291 -43.99 31.09 -7.46
CA ARG A 291 -43.89 31.92 -6.27
C ARG A 291 -42.55 31.68 -5.59
N GLN A 292 -42.40 32.18 -4.38
CA GLN A 292 -41.17 32.03 -3.62
C GLN A 292 -41.35 31.06 -2.45
N ALA A 293 -40.26 30.43 -2.05
CA ALA A 293 -40.31 29.52 -0.90
C ALA A 293 -40.72 30.29 0.35
N HIS A 294 -41.50 29.65 1.23
CA HIS A 294 -41.89 30.25 2.50
C HIS A 294 -41.46 29.35 3.66
N CYS A 295 -41.73 29.81 4.89
CA CYS A 295 -41.50 29.02 6.09
C CYS A 295 -42.39 29.46 7.24
N ASN A 296 -43.07 28.50 7.87
CA ASN A 296 -43.93 28.79 9.02
C ASN A 296 -43.42 27.96 10.19
N ILE A 297 -43.12 28.61 11.33
CA ILE A 297 -42.56 28.01 12.55
C ILE A 297 -43.41 28.39 13.74
N SER A 298 -43.41 27.53 14.76
CA SER A 298 -44.25 27.72 15.93
C SER A 298 -43.75 28.87 16.79
N ARG A 299 -44.65 29.39 17.64
CA ARG A 299 -44.40 30.58 18.46
C ARG A 299 -44.25 30.28 19.94
N THR A 300 -45.16 29.50 20.53
CA THR A 300 -45.22 29.34 21.98
C THR A 300 -44.02 28.55 22.51
N LYS A 301 -43.78 27.36 21.94
CA LYS A 301 -42.65 26.56 22.40
C LYS A 301 -41.35 27.33 22.26
N TRP A 302 -41.23 28.10 21.19
CA TRP A 302 -40.05 28.95 20.99
C TRP A 302 -39.94 29.99 22.09
N ASN A 303 -41.05 30.61 22.49
CA ASN A 303 -41.02 31.56 23.59
C ASN A 303 -40.60 30.88 24.89
N ASN A 304 -41.10 29.67 25.14
CA ASN A 304 -40.71 28.94 26.34
C ASN A 304 -39.21 28.65 26.33
N THR A 305 -38.70 28.17 25.19
CA THR A 305 -37.27 27.89 25.08
C THR A 305 -36.44 29.17 25.21
N LEU A 306 -36.96 30.29 24.71
CA LEU A 306 -36.26 31.56 24.81
C LEU A 306 -36.20 32.06 26.24
N ASN A 307 -37.31 31.99 26.96
CA ASN A 307 -37.28 32.25 28.38
C ASN A 307 -36.29 31.33 29.06
N GLN A 308 -36.25 30.08 28.62
CA GLN A 308 -35.34 29.12 29.21
C GLN A 308 -33.90 29.52 29.00
N ILE A 309 -33.56 29.98 27.79
CA ILE A 309 -32.19 30.40 27.52
C ILE A 309 -31.87 31.69 28.27
N ALA A 310 -32.75 32.68 28.16
CA ALA A 310 -32.52 33.96 28.82
C ALA A 310 -32.37 33.76 30.32
N THR A 311 -33.13 32.84 30.90
CA THR A 311 -32.89 32.40 32.25
C THR A 311 -31.59 31.64 32.37
N LYS A 312 -31.23 30.89 31.33
CA LYS A 312 -29.98 30.16 31.22
C LYS A 312 -28.84 31.07 30.80
N LEU A 313 -29.15 32.20 30.21
CA LEU A 313 -28.12 33.14 29.84
C LEU A 313 -27.58 33.89 31.05
N LYS A 314 -28.39 34.02 32.10
CA LYS A 314 -27.96 34.88 33.18
C LYS A 314 -26.74 34.28 33.83
N GLU A 315 -25.58 34.64 33.29
CA GLU A 315 -24.30 34.11 33.73
C GLU A 315 -23.58 35.09 34.65
N GLN A 316 -23.31 36.29 34.17
CA GLN A 316 -22.90 37.39 35.03
C GLN A 316 -23.86 38.55 34.86
N PHE A 317 -25.13 38.22 34.63
CA PHE A 317 -26.12 39.24 34.38
C PHE A 317 -26.19 40.23 35.52
N GLY A 318 -26.18 41.51 35.18
CA GLY A 318 -26.27 42.53 36.20
C GLY A 318 -27.67 42.56 36.78
N ASN A 319 -27.82 42.05 38.00
CA ASN A 319 -29.11 42.03 38.67
C ASN A 319 -30.14 41.24 37.89
N ASN A 320 -29.67 40.14 37.29
CA ASN A 320 -30.55 39.13 36.68
C ASN A 320 -31.33 39.69 35.51
N LYS A 321 -30.82 40.75 34.92
CA LYS A 321 -31.34 41.21 33.66
C LYS A 321 -30.18 41.76 32.86
N THR A 322 -29.49 40.87 32.14
CA THR A 322 -28.61 41.24 31.04
C THR A 322 -28.69 40.06 30.06
N ILE A 323 -29.60 40.19 29.09
CA ILE A 323 -29.72 39.28 27.96
C ILE A 323 -30.15 40.16 26.80
N VAL A 324 -29.37 40.16 25.73
CA VAL A 324 -29.68 40.95 24.54
C VAL A 324 -29.17 40.20 23.33
N PHE A 325 -29.95 40.24 22.26
CA PHE A 325 -29.60 39.57 21.01
C PHE A 325 -29.68 40.55 19.84
N ASN A 326 -28.79 40.36 18.87
CA ASN A 326 -28.71 41.24 17.71
C ASN A 326 -28.35 40.40 16.48
N GLN A 327 -28.76 40.89 15.32
CA GLN A 327 -28.41 40.19 14.10
C GLN A 327 -26.93 40.35 13.82
N SER A 328 -26.37 39.37 13.12
CA SER A 328 -24.98 39.48 12.73
C SER A 328 -24.79 40.75 11.92
N SER A 329 -23.72 41.48 12.23
CA SER A 329 -23.45 42.71 11.48
C SER A 329 -23.42 42.42 10.00
N GLY A 330 -22.83 41.29 9.63
CA GLY A 330 -22.74 40.90 8.24
C GLY A 330 -21.57 39.96 8.07
N GLY A 331 -21.36 39.56 6.83
CA GLY A 331 -20.23 38.72 6.50
C GLY A 331 -20.57 37.70 5.45
N ASP A 332 -19.99 36.51 5.58
CA ASP A 332 -20.21 35.47 4.58
C ASP A 332 -21.65 34.97 4.65
N PRO A 333 -22.22 34.57 3.52
CA PRO A 333 -23.57 34.01 3.54
C PRO A 333 -23.68 32.76 4.41
N GLU A 334 -22.63 31.95 4.48
CA GLU A 334 -22.67 30.73 5.27
C GLU A 334 -22.49 30.96 6.76
N ILE A 335 -22.10 32.17 7.16
CA ILE A 335 -21.89 32.49 8.57
C ILE A 335 -22.83 33.58 9.06
N VAL A 336 -23.55 34.26 8.17
CA VAL A 336 -24.54 35.24 8.59
C VAL A 336 -25.96 34.69 8.58
N MET A 337 -26.15 33.44 8.15
CA MET A 337 -27.47 32.83 8.06
C MET A 337 -27.35 31.33 8.26
N HIS A 338 -28.51 30.68 8.44
CA HIS A 338 -28.60 29.24 8.68
C HIS A 338 -28.74 28.51 7.35
N SER A 339 -27.72 27.72 7.00
CA SER A 339 -27.74 26.91 5.81
C SER A 339 -27.69 25.43 6.15
N PHE A 340 -28.38 24.62 5.36
CA PHE A 340 -28.33 23.17 5.51
C PHE A 340 -28.70 22.52 4.18
N ASN A 341 -28.65 21.20 4.17
CA ASN A 341 -28.98 20.39 3.00
C ASN A 341 -30.23 19.58 3.32
N CYS A 342 -31.15 19.49 2.36
CA CYS A 342 -32.41 18.80 2.59
C CYS A 342 -32.96 18.39 1.23
N GLY A 343 -32.81 17.10 0.92
CA GLY A 343 -33.22 16.63 -0.39
C GLY A 343 -32.28 17.01 -1.52
N GLY A 344 -31.03 17.33 -1.19
CA GLY A 344 -30.05 17.73 -2.18
C GLY A 344 -30.03 19.22 -2.44
N GLU A 345 -31.16 19.89 -2.24
CA GLU A 345 -31.23 21.33 -2.37
C GLU A 345 -30.71 21.96 -1.08
N PHE A 346 -29.72 22.84 -1.20
CA PHE A 346 -29.09 23.42 -0.03
C PHE A 346 -29.97 24.51 0.57
N PHE A 347 -30.85 24.13 1.48
CA PHE A 347 -31.78 25.09 2.07
C PHE A 347 -31.07 26.07 2.99
N TYR A 348 -31.55 27.31 2.99
CA TYR A 348 -30.98 28.43 3.73
C TYR A 348 -32.07 29.25 4.40
N CYS A 349 -32.96 28.59 5.14
CA CYS A 349 -33.99 29.31 5.88
C CYS A 349 -33.35 30.40 6.74
N ASN A 350 -33.83 31.63 6.61
CA ASN A 350 -33.19 32.75 7.29
C ASN A 350 -33.51 32.72 8.78
N SER A 351 -32.78 33.57 9.53
CA SER A 351 -32.91 33.65 10.98
C SER A 351 -32.88 35.11 11.44
N THR A 352 -33.75 35.94 10.85
CA THR A 352 -33.93 37.32 11.26
C THR A 352 -35.09 37.49 12.24
N GLN A 353 -35.76 36.41 12.61
CA GLN A 353 -36.86 36.46 13.58
C GLN A 353 -36.39 36.19 15.01
N LEU A 354 -35.16 35.74 15.21
CA LEU A 354 -34.64 35.46 16.53
C LEU A 354 -33.82 36.61 17.13
N PHE A 355 -33.23 37.46 16.30
CA PHE A 355 -32.40 38.55 16.83
C PHE A 355 -33.23 39.69 17.39
N ASN A 356 -34.53 39.76 17.09
CA ASN A 356 -35.37 40.87 17.52
C ASN A 356 -36.24 40.49 18.71
N SER A 357 -35.63 40.08 19.82
CA SER A 357 -36.37 39.75 21.02
C SER A 357 -35.46 39.83 22.25
N THR A 358 -36.04 40.13 23.41
CA THR A 358 -35.25 40.48 24.59
C THR A 358 -35.96 40.10 25.89
N TRP A 359 -35.55 39.01 26.50
CA TRP A 359 -36.13 38.56 27.78
C TRP A 359 -35.30 39.01 28.97
N ASN A 360 -34.90 40.27 29.01
CA ASN A 360 -33.99 40.74 30.03
C ASN A 360 -34.68 40.90 31.38
N PHE A 361 -35.64 41.81 31.46
CA PHE A 361 -36.36 42.07 32.70
C PHE A 361 -37.32 40.93 33.02
N ASN A 362 -38.30 40.72 32.16
CA ASN A 362 -39.28 39.67 32.37
C ASN A 362 -39.16 38.64 31.27
N GLY A 363 -38.92 37.40 31.67
CA GLY A 363 -39.07 36.36 30.69
C GLY A 363 -40.54 36.22 30.41
N THR A 364 -41.37 36.53 31.40
CA THR A 364 -42.81 36.42 31.22
C THR A 364 -43.39 37.50 30.33
N TRP A 365 -42.83 38.72 30.36
CA TRP A 365 -43.41 39.78 29.55
C TRP A 365 -43.37 39.41 28.08
N ASN A 366 -42.32 38.72 27.65
CA ASN A 366 -42.16 38.31 26.27
C ASN A 366 -42.82 36.97 25.97
N LEU A 367 -43.40 36.31 26.97
CA LEU A 367 -44.01 35.02 26.75
C LEU A 367 -45.40 35.15 26.14
N THR A 368 -45.81 34.11 25.42
CA THR A 368 -47.05 34.11 24.66
C THR A 368 -47.92 32.95 25.10
N GLN A 369 -49.21 33.21 25.26
CA GLN A 369 -50.18 32.18 25.63
C GLN A 369 -50.65 31.44 24.38
N SER A 370 -50.63 30.11 24.43
CA SER A 370 -51.09 29.32 23.28
C SER A 370 -52.58 29.53 23.02
N ASN A 371 -53.38 29.53 24.08
CA ASN A 371 -54.82 29.69 23.92
C ASN A 371 -55.16 31.05 23.32
N GLY A 372 -54.50 32.10 23.80
CA GLY A 372 -54.67 33.43 23.26
C GLY A 372 -53.52 33.81 22.36
N THR A 373 -53.16 32.92 21.44
CA THR A 373 -52.11 33.22 20.49
C THR A 373 -52.49 34.41 19.64
N GLU A 374 -51.51 35.23 19.30
CA GLU A 374 -51.80 36.42 18.53
C GLU A 374 -52.14 36.04 17.09
N GLY A 375 -52.44 37.06 16.29
CA GLY A 375 -52.73 36.82 14.88
C GLY A 375 -51.48 36.44 14.10
N ASN A 376 -50.43 37.23 14.24
CA ASN A 376 -49.19 36.98 13.52
C ASN A 376 -48.20 36.15 14.33
N ASP A 377 -48.68 35.36 15.29
CA ASP A 377 -47.76 34.64 16.17
C ASP A 377 -46.93 33.61 15.42
N THR A 378 -47.58 32.78 14.58
CA THR A 378 -46.87 31.76 13.81
C THR A 378 -45.74 32.38 12.99
N ILE A 379 -44.50 32.12 13.40
CA ILE A 379 -43.32 32.66 12.73
C ILE A 379 -43.33 32.26 11.26
N THR A 380 -43.46 33.24 10.38
CA THR A 380 -43.40 33.05 8.94
C THR A 380 -42.35 34.00 8.39
N LEU A 381 -41.29 33.44 7.81
CA LEU A 381 -40.18 34.20 7.27
C LEU A 381 -39.78 33.60 5.93
N PRO A 382 -39.12 34.38 5.08
CA PRO A 382 -38.71 33.87 3.76
C PRO A 382 -37.59 32.83 3.88
N CYS A 383 -37.63 31.82 3.00
CA CYS A 383 -36.66 30.72 3.02
C CYS A 383 -35.99 30.54 1.65
N ARG A 384 -34.66 30.52 1.67
CA ARG A 384 -33.83 30.49 0.47
C ARG A 384 -33.27 29.10 0.21
N ILE A 385 -32.75 28.90 -1.01
CA ILE A 385 -32.11 27.66 -1.42
C ILE A 385 -30.84 27.98 -2.21
N LYS A 386 -30.13 26.96 -2.68
CA LYS A 386 -28.90 27.17 -3.44
C LYS A 386 -28.57 25.93 -4.24
N GLN A 387 -27.71 26.10 -5.25
CA GLN A 387 -27.29 25.02 -6.12
C GLN A 387 -25.83 24.61 -5.93
N ILE A 388 -24.92 25.56 -5.74
CA ILE A 388 -23.50 25.27 -5.57
C ILE A 388 -23.13 25.46 -4.10
N ILE A 389 -22.00 24.87 -3.69
CA ILE A 389 -21.56 24.95 -2.31
C ILE A 389 -20.08 24.60 -2.24
N ASN A 390 -19.39 25.15 -1.24
CA ASN A 390 -17.98 24.84 -0.94
C ASN A 390 -17.90 24.35 0.50
N MET A 391 -17.67 23.04 0.67
CA MET A 391 -17.61 22.42 1.99
C MET A 391 -16.37 22.85 2.77
N TRP A 392 -16.57 23.12 4.07
CA TRP A 392 -15.48 23.46 4.98
C TRP A 392 -14.70 24.67 4.50
N GLN A 393 -15.40 25.58 3.81
CA GLN A 393 -14.84 26.84 3.36
C GLN A 393 -13.56 26.63 2.54
N GLU A 394 -13.66 25.78 1.51
CA GLU A 394 -12.52 25.40 0.66
C GLU A 394 -12.72 25.94 -0.77
N VAL A 395 -11.85 26.87 -1.18
CA VAL A 395 -11.95 27.54 -2.47
C VAL A 395 -11.29 26.73 -3.58
N GLY A 396 -12.11 26.07 -4.41
CA GLY A 396 -11.60 25.29 -5.52
C GLY A 396 -12.69 24.91 -6.53
N LYS A 397 -12.55 23.72 -7.12
CA LYS A 397 -13.55 23.17 -8.02
C LYS A 397 -14.90 23.05 -7.32
N ALA A 398 -15.93 23.69 -7.88
CA ALA A 398 -17.26 23.69 -7.29
C ALA A 398 -18.12 22.56 -7.87
N MET A 399 -19.37 22.50 -7.43
CA MET A 399 -20.33 21.49 -7.88
C MET A 399 -21.65 22.18 -8.27
N TYR A 400 -22.60 21.38 -8.73
CA TYR A 400 -23.89 21.87 -9.19
C TYR A 400 -24.99 20.96 -8.65
N ALA A 401 -25.87 21.52 -7.83
CA ALA A 401 -26.99 20.75 -7.32
C ALA A 401 -28.04 20.59 -8.42
N PRO A 402 -28.46 19.37 -8.72
CA PRO A 402 -29.51 19.17 -9.71
C PRO A 402 -30.85 19.56 -9.12
N PRO A 403 -31.89 19.61 -9.93
CA PRO A 403 -33.23 19.83 -9.38
C PRO A 403 -33.69 18.62 -8.61
N ILE A 404 -34.70 18.82 -7.77
CA ILE A 404 -35.36 17.74 -7.08
C ILE A 404 -36.68 17.38 -7.76
N ARG A 405 -37.05 18.12 -8.81
CA ARG A 405 -38.26 17.89 -9.59
C ARG A 405 -39.45 17.62 -8.68
N GLY A 406 -39.80 18.59 -7.86
CA GLY A 406 -40.93 18.48 -6.96
C GLY A 406 -40.88 19.58 -5.91
N GLN A 407 -42.03 19.78 -5.26
CA GLN A 407 -42.11 20.74 -4.17
C GLN A 407 -41.14 20.34 -3.08
N ILE A 408 -40.15 21.18 -2.82
CA ILE A 408 -39.12 20.82 -1.86
C ILE A 408 -39.72 20.97 -0.45
N ARG A 409 -39.97 19.84 0.21
CA ARG A 409 -40.46 19.84 1.57
C ARG A 409 -39.32 19.45 2.49
N CYS A 410 -38.93 20.35 3.37
CA CYS A 410 -37.92 20.06 4.36
C CYS A 410 -38.55 20.18 5.73
N SER A 411 -38.40 19.12 6.53
CA SER A 411 -38.82 19.12 7.93
C SER A 411 -37.56 18.91 8.74
N SER A 412 -37.11 19.95 9.42
CA SER A 412 -35.95 19.88 10.29
C SER A 412 -36.36 20.26 11.69
N ASN A 413 -35.57 19.82 12.67
CA ASN A 413 -35.84 20.07 14.07
C ASN A 413 -34.68 20.86 14.67
N ILE A 414 -34.86 21.28 15.93
CA ILE A 414 -33.93 22.18 16.61
C ILE A 414 -33.51 21.57 17.93
N THR A 415 -32.20 21.56 18.18
CA THR A 415 -31.67 21.03 19.44
C THR A 415 -30.40 21.76 19.91
N GLY A 416 -30.01 22.82 19.22
CA GLY A 416 -28.79 23.53 19.57
C GLY A 416 -28.75 24.92 18.95
N LEU A 417 -27.75 25.70 19.36
CA LEU A 417 -27.60 27.05 18.88
C LEU A 417 -26.18 27.53 19.10
N ILE A 418 -25.72 28.42 18.23
CA ILE A 418 -24.40 29.04 18.34
C ILE A 418 -24.58 30.54 18.37
N LEU A 419 -23.92 31.18 19.33
CA LEU A 419 -23.92 32.64 19.42
C LEU A 419 -22.48 33.11 19.48
N THR A 420 -22.30 34.41 19.29
CA THR A 420 -21.02 35.04 19.49
C THR A 420 -21.28 36.29 20.30
N ARG A 421 -20.60 36.40 21.44
CA ARG A 421 -20.78 37.59 22.24
C ARG A 421 -20.23 38.79 21.48
N ASP A 422 -20.83 39.95 21.72
CA ASP A 422 -20.49 41.15 20.98
C ASP A 422 -19.32 41.83 21.67
N GLY A 423 -18.20 41.96 20.95
CA GLY A 423 -17.04 42.63 21.48
C GLY A 423 -17.03 44.12 21.22
N GLY A 424 -17.73 44.54 20.17
CA GLY A 424 -17.77 45.95 19.81
C GLY A 424 -18.85 46.68 20.57
N THR A 425 -18.86 46.53 21.88
CA THR A 425 -19.86 47.13 22.74
C THR A 425 -19.28 47.22 24.15
N ASN A 426 -20.12 47.62 25.10
CA ASN A 426 -19.66 47.76 26.47
C ASN A 426 -19.38 46.40 27.10
N SER A 427 -18.43 46.37 28.03
CA SER A 427 -18.03 45.12 28.67
C SER A 427 -18.98 44.71 29.79
N SER A 428 -19.41 45.68 30.59
CA SER A 428 -20.28 45.40 31.73
C SER A 428 -21.63 46.08 31.64
N GLY A 429 -21.92 46.77 30.54
CA GLY A 429 -23.18 47.47 30.40
C GLY A 429 -24.33 46.55 30.06
N SER A 430 -24.19 45.79 28.97
CA SER A 430 -25.24 44.89 28.52
C SER A 430 -24.59 43.78 27.71
N GLU A 431 -24.96 42.53 28.00
CA GLU A 431 -24.39 41.40 27.26
C GLU A 431 -25.13 41.24 25.94
N ILE A 432 -24.39 41.36 24.84
CA ILE A 432 -24.94 41.24 23.50
C ILE A 432 -24.44 39.94 22.90
N PHE A 433 -25.38 39.11 22.47
CA PHE A 433 -25.04 37.94 21.69
C PHE A 433 -25.54 38.12 20.27
N ARG A 434 -24.73 37.70 19.32
CA ARG A 434 -25.03 37.81 17.90
C ARG A 434 -24.83 36.43 17.30
N PRO A 435 -25.54 36.11 16.23
CA PRO A 435 -25.35 34.81 15.60
C PRO A 435 -23.93 34.71 15.07
N GLY A 436 -23.27 33.63 15.41
CA GLY A 436 -21.96 33.34 14.87
C GLY A 436 -21.98 31.99 14.20
N GLY A 437 -21.53 31.96 12.95
CA GLY A 437 -21.52 30.73 12.19
C GLY A 437 -20.12 30.48 11.67
N GLY A 438 -19.17 31.25 12.20
CA GLY A 438 -17.79 31.16 11.80
C GLY A 438 -17.25 29.76 11.90
N ASP A 439 -17.21 29.21 13.10
CA ASP A 439 -16.66 27.87 13.31
C ASP A 439 -17.71 26.82 12.95
N MET A 440 -17.39 26.00 11.95
CA MET A 440 -18.25 24.90 11.56
C MET A 440 -18.00 23.63 12.36
N ARG A 441 -16.94 23.60 13.16
CA ARG A 441 -16.70 22.45 14.03
C ARG A 441 -17.40 22.56 15.37
N ASP A 442 -17.83 23.76 15.77
CA ASP A 442 -18.69 23.84 16.94
C ASP A 442 -19.96 23.03 16.74
N ASN A 443 -20.47 22.99 15.51
CA ASN A 443 -21.61 22.14 15.20
C ASN A 443 -21.28 20.67 15.44
N TRP A 444 -20.09 20.24 15.03
CA TRP A 444 -19.72 18.84 15.11
C TRP A 444 -19.29 18.42 16.52
N ARG A 445 -18.86 19.36 17.36
CA ARG A 445 -18.43 19.07 18.72
C ARG A 445 -19.54 19.21 19.75
N SER A 446 -20.69 19.78 19.37
CA SER A 446 -21.76 19.95 20.34
C SER A 446 -22.19 18.62 20.94
N GLU A 447 -22.15 17.56 20.14
CA GLU A 447 -22.56 16.23 20.57
C GLU A 447 -21.39 15.37 21.04
N LEU A 448 -20.17 15.92 21.05
CA LEU A 448 -18.96 15.18 21.38
C LEU A 448 -18.37 15.62 22.71
N TYR A 449 -19.21 16.07 23.64
CA TYR A 449 -18.77 16.53 24.94
C TYR A 449 -18.76 15.41 25.97
N LYS A 450 -19.20 14.21 25.60
CA LYS A 450 -19.22 13.09 26.51
C LYS A 450 -18.26 12.03 26.01
N TYR A 451 -18.27 11.82 24.70
CA TYR A 451 -17.38 10.81 24.13
C TYR A 451 -15.94 11.23 24.30
N LYS A 452 -15.12 10.26 24.65
CA LYS A 452 -13.69 10.49 24.74
C LYS A 452 -13.02 9.17 24.43
N VAL A 453 -12.33 9.12 23.29
CA VAL A 453 -11.61 7.90 22.98
C VAL A 453 -10.68 7.62 24.15
N VAL A 454 -10.76 6.40 24.67
CA VAL A 454 -10.05 6.00 25.87
C VAL A 454 -9.24 4.76 25.54
N LYS A 455 -7.96 4.80 25.87
CA LYS A 455 -7.10 3.67 25.64
C LYS A 455 -7.26 2.64 26.76
N ILE A 456 -7.01 1.38 26.42
CA ILE A 456 -7.12 0.27 27.37
C ILE A 456 -5.80 -0.48 27.38
N GLU A 457 -5.18 -0.55 28.56
CA GLU A 457 -3.88 -1.21 28.75
C GLU A 457 -3.99 -2.34 29.77
N PRO A 458 -3.77 -3.60 29.39
CA PRO A 458 -3.86 -4.68 30.39
C PRO A 458 -2.67 -4.75 31.35
N LEU A 459 -1.50 -4.25 30.97
CA LEU A 459 -0.30 -4.34 31.82
C LEU A 459 -0.52 -3.64 33.16
N GLY A 460 -0.07 -4.28 34.23
CA GLY A 460 -0.15 -3.65 35.54
C GLY A 460 0.84 -4.18 36.57
N VAL A 461 1.62 -3.30 37.21
CA VAL A 461 2.59 -3.72 38.21
C VAL A 461 1.97 -3.46 39.57
N ALA A 462 2.44 -4.20 40.53
CA ALA A 462 1.86 -3.99 41.83
C ALA A 462 2.62 -4.84 42.84
N PRO A 463 3.15 -4.25 43.82
CA PRO A 463 3.81 -4.98 44.90
C PRO A 463 2.78 -5.91 45.49
N THR A 464 3.08 -7.19 45.47
CA THR A 464 2.23 -8.18 46.08
C THR A 464 3.08 -9.14 46.90
N LYS A 465 2.51 -9.59 48.02
CA LYS A 465 3.23 -10.45 48.95
C LYS A 465 3.51 -11.81 48.33
N GLY B 1 -18.69 -6.33 32.54
CA GLY B 1 -17.78 -5.30 32.96
C GLY B 1 -16.62 -5.11 32.00
N PHE B 2 -16.90 -4.44 30.89
CA PHE B 2 -15.84 -4.15 29.92
C PHE B 2 -14.68 -3.45 30.59
N LEU B 3 -14.96 -2.34 31.29
CA LEU B 3 -13.92 -1.55 31.93
C LEU B 3 -14.30 -1.08 33.32
N GLY B 4 -15.58 -1.14 33.70
CA GLY B 4 -15.98 -0.88 35.06
C GLY B 4 -15.61 -2.05 35.95
N ALA B 5 -16.34 -2.19 37.04
CA ALA B 5 -16.13 -3.23 38.05
C ALA B 5 -14.90 -2.92 38.90
N ALA B 6 -14.30 -1.75 38.70
CA ALA B 6 -13.12 -1.35 39.47
C ALA B 6 -13.11 0.17 39.53
N GLY B 7 -13.64 0.73 40.62
CA GLY B 7 -13.52 2.15 40.84
C GLY B 7 -12.22 2.44 41.56
N SER B 8 -12.03 1.80 42.71
CA SER B 8 -10.77 1.92 43.44
C SER B 8 -10.50 0.57 44.09
N THR B 9 -9.86 -0.31 43.33
CA THR B 9 -9.68 -1.67 43.77
C THR B 9 -8.50 -2.27 43.07
N MET B 10 -7.95 -3.26 43.71
CA MET B 10 -6.84 -4.00 43.15
C MET B 10 -7.22 -5.46 43.10
N GLY B 11 -7.97 -5.90 44.11
CA GLY B 11 -8.47 -7.26 44.14
C GLY B 11 -9.67 -7.46 43.22
N ALA B 12 -10.70 -6.63 43.40
CA ALA B 12 -11.87 -6.73 42.51
C ALA B 12 -11.47 -6.42 41.07
N ALA B 13 -10.62 -5.41 40.88
CA ALA B 13 -10.12 -5.13 39.54
C ALA B 13 -9.40 -6.34 38.97
N SER B 14 -8.60 -7.02 39.79
CA SER B 14 -7.90 -8.22 39.33
C SER B 14 -8.86 -9.36 39.01
N MET B 15 -10.00 -9.44 39.68
CA MET B 15 -10.92 -10.55 39.47
C MET B 15 -11.86 -10.34 38.27
N THR B 16 -11.99 -9.10 37.80
CA THR B 16 -12.84 -8.78 36.66
C THR B 16 -12.01 -8.58 35.39
N LEU B 17 -10.79 -9.09 35.39
CA LEU B 17 -9.89 -8.90 34.25
C LEU B 17 -10.36 -9.69 33.04
N THR B 18 -10.78 -10.94 33.23
CA THR B 18 -11.21 -11.75 32.09
C THR B 18 -12.46 -11.17 31.45
N VAL B 19 -13.39 -10.67 32.26
CA VAL B 19 -14.58 -10.04 31.72
C VAL B 19 -14.20 -8.79 30.93
N GLN B 20 -13.30 -7.98 31.47
CA GLN B 20 -12.85 -6.80 30.74
C GLN B 20 -12.15 -7.19 29.45
N ALA B 21 -11.32 -8.23 29.49
CA ALA B 21 -10.56 -8.66 28.32
C ALA B 21 -11.48 -9.20 27.22
N ARG B 22 -12.48 -9.98 27.60
CA ARG B 22 -13.42 -10.49 26.62
C ARG B 22 -14.32 -9.41 26.07
N GLN B 23 -14.71 -8.44 26.89
CA GLN B 23 -15.57 -7.36 26.41
C GLN B 23 -14.81 -6.44 25.47
N LEU B 24 -13.52 -6.23 25.74
CA LEU B 24 -12.72 -5.29 24.95
C LEU B 24 -12.37 -5.86 23.58
N LEU B 25 -12.03 -7.14 23.52
CA LEU B 25 -11.60 -7.78 22.27
C LEU B 25 -12.76 -8.35 21.48
N SER B 26 -13.94 -7.73 21.55
CA SER B 26 -15.13 -8.23 20.88
C SER B 26 -15.43 -7.53 19.55
N GLY B 27 -14.52 -6.67 19.07
CA GLY B 27 -14.77 -5.92 17.84
C GLY B 27 -14.72 -6.75 16.57
N ILE B 28 -14.19 -7.97 16.65
CA ILE B 28 -14.12 -8.84 15.48
C ILE B 28 -15.53 -9.21 15.02
N VAL B 29 -16.46 -9.37 15.96
CA VAL B 29 -17.85 -9.60 15.59
C VAL B 29 -18.38 -8.44 14.76
N GLN B 30 -18.09 -7.20 15.20
CA GLN B 30 -18.53 -6.02 14.48
C GLN B 30 -17.94 -6.00 13.07
N GLN B 31 -16.67 -6.36 12.95
CA GLN B 31 -16.03 -6.44 11.63
C GLN B 31 -16.66 -7.56 10.80
N GLN B 32 -17.34 -8.51 11.45
CA GLN B 32 -17.93 -9.63 10.71
C GLN B 32 -19.22 -9.25 10.01
N ASN B 33 -20.08 -8.51 10.69
CA ASN B 33 -21.23 -7.85 10.11
C ASN B 33 -20.82 -6.56 9.42
N ASN B 34 -19.94 -6.69 8.42
CA ASN B 34 -19.61 -5.62 7.52
C ASN B 34 -20.71 -5.42 6.49
N LEU B 35 -21.27 -6.51 6.00
CA LEU B 35 -22.32 -6.42 4.99
C LEU B 35 -21.91 -5.40 3.92
N LEU B 36 -20.61 -5.14 3.82
CA LEU B 36 -20.10 -3.88 3.30
C LEU B 36 -19.36 -4.06 1.98
N ARG B 37 -19.66 -5.15 1.27
CA ARG B 37 -18.83 -5.54 0.12
C ARG B 37 -18.77 -4.43 -0.92
N ALA B 38 -19.90 -4.13 -1.55
CA ALA B 38 -19.95 -3.10 -2.59
C ALA B 38 -21.17 -2.19 -2.52
N ILE B 39 -22.30 -2.66 -2.01
CA ILE B 39 -23.52 -1.87 -1.95
C ILE B 39 -24.26 -2.24 -0.68
N GLU B 40 -25.15 -1.35 -0.25
CA GLU B 40 -26.06 -1.61 0.85
C GLU B 40 -27.24 -2.46 0.39
N ALA B 41 -28.03 -2.08 -0.61
CA ALA B 41 -29.16 -2.92 -1.01
C ALA B 41 -29.44 -2.89 -2.52
N GLN B 42 -29.32 -1.72 -3.12
CA GLN B 42 -29.61 -1.61 -4.56
C GLN B 42 -28.43 -1.12 -5.41
N GLN B 43 -27.89 0.06 -5.11
CA GLN B 43 -26.79 0.56 -5.92
C GLN B 43 -25.72 1.12 -4.99
N HIS B 44 -24.60 1.52 -5.58
CA HIS B 44 -23.58 2.11 -4.73
C HIS B 44 -22.36 2.41 -5.58
N LEU B 45 -21.50 3.30 -5.07
CA LEU B 45 -20.18 3.46 -5.65
C LEU B 45 -19.09 2.99 -4.70
N LEU B 46 -17.87 3.11 -5.22
CA LEU B 46 -16.65 2.70 -4.53
C LEU B 46 -16.54 3.36 -3.16
N GLN B 47 -16.44 4.69 -3.14
CA GLN B 47 -16.48 5.49 -1.91
C GLN B 47 -15.35 5.15 -0.96
N LEU B 48 -14.50 4.20 -1.34
CA LEU B 48 -13.48 3.76 -0.40
C LEU B 48 -12.56 4.96 -0.27
N THR B 49 -12.59 5.59 0.90
CA THR B 49 -11.84 6.82 1.05
C THR B 49 -10.75 6.58 2.08
N VAL B 50 -9.93 7.62 2.27
CA VAL B 50 -8.90 7.54 3.29
C VAL B 50 -9.55 7.25 4.64
N TRP B 51 -10.82 7.63 4.78
CA TRP B 51 -11.52 7.35 6.03
C TRP B 51 -11.54 5.86 6.35
N GLY B 52 -11.93 5.02 5.39
CA GLY B 52 -12.13 3.60 5.67
C GLY B 52 -10.87 2.76 5.52
N ILE B 53 -10.05 3.12 4.54
CA ILE B 53 -8.71 2.55 4.49
C ILE B 53 -8.02 2.79 5.82
N ARG B 54 -8.26 3.95 6.43
CA ARG B 54 -7.70 4.22 7.75
C ARG B 54 -8.51 3.60 8.88
N GLN B 55 -9.77 3.27 8.66
CA GLN B 55 -10.47 2.41 9.61
C GLN B 55 -9.75 1.08 9.73
N LEU B 56 -9.49 0.44 8.59
CA LEU B 56 -8.70 -0.80 8.59
C LEU B 56 -7.29 -0.54 9.10
N GLN B 57 -6.74 0.64 8.84
CA GLN B 57 -5.37 0.95 9.25
C GLN B 57 -5.26 1.12 10.76
N ALA B 58 -6.22 1.80 11.39
CA ALA B 58 -6.27 1.87 12.84
C ALA B 58 -6.52 0.49 13.43
N ARG B 59 -7.38 -0.31 12.78
CA ARG B 59 -7.51 -1.72 13.16
C ARG B 59 -6.15 -2.40 13.18
N VAL B 60 -5.38 -2.23 12.11
CA VAL B 60 -4.08 -2.88 12.01
C VAL B 60 -3.14 -2.38 13.10
N LEU B 61 -3.12 -1.08 13.37
CA LEU B 61 -2.20 -0.56 14.38
C LEU B 61 -2.54 -1.12 15.77
N ALA B 62 -3.81 -1.11 16.16
CA ALA B 62 -4.17 -1.67 17.47
C ALA B 62 -3.86 -3.17 17.55
N VAL B 63 -4.21 -3.93 16.50
CA VAL B 63 -3.97 -5.37 16.56
C VAL B 63 -2.47 -5.67 16.57
N GLU B 64 -1.65 -4.80 15.95
CA GLU B 64 -0.21 -4.89 16.10
C GLU B 64 0.23 -4.62 17.53
N ARG B 65 -0.45 -3.69 18.21
CA ARG B 65 -0.16 -3.47 19.63
C ARG B 65 -0.44 -4.72 20.45
N TYR B 66 -1.58 -5.39 20.18
CA TYR B 66 -1.85 -6.65 20.85
C TYR B 66 -0.81 -7.71 20.49
N LEU B 67 -0.33 -7.71 19.24
CA LEU B 67 0.74 -8.62 18.85
C LEU B 67 2.02 -8.36 19.64
N ARG B 68 2.39 -7.10 19.81
CA ARG B 68 3.54 -6.77 20.67
C ARG B 68 3.30 -7.23 22.10
N ASP B 69 2.05 -7.17 22.56
CA ASP B 69 1.71 -7.73 23.86
C ASP B 69 2.03 -9.22 23.91
N GLN B 70 1.63 -9.96 22.88
CA GLN B 70 1.93 -11.38 22.84
C GLN B 70 3.43 -11.64 22.79
N GLN B 71 4.17 -10.81 22.04
CA GLN B 71 5.62 -10.96 22.00
C GLN B 71 6.26 -10.75 23.37
N LEU B 72 5.78 -9.74 24.11
CA LEU B 72 6.27 -9.53 25.47
C LEU B 72 5.95 -10.73 26.36
N LEU B 73 4.73 -11.26 26.25
CA LEU B 73 4.39 -12.48 26.97
C LEU B 73 5.39 -13.59 26.66
N GLY B 74 5.80 -13.69 25.38
CA GLY B 74 6.80 -14.68 25.02
C GLY B 74 8.18 -14.41 25.59
N ILE B 75 8.58 -13.14 25.65
CA ILE B 75 9.93 -12.81 26.11
C ILE B 75 10.11 -13.19 27.58
N TRP B 76 9.12 -12.88 28.41
CA TRP B 76 9.19 -13.18 29.84
C TRP B 76 8.78 -14.60 30.18
N GLY B 77 8.36 -15.39 29.19
CA GLY B 77 7.74 -16.66 29.53
C GLY B 77 6.45 -16.49 30.29
N CYS B 78 5.65 -15.48 29.95
CA CYS B 78 4.48 -15.08 30.71
C CYS B 78 3.17 -15.24 29.93
N SER B 79 3.14 -16.12 28.93
CA SER B 79 1.99 -16.23 28.03
C SER B 79 0.95 -17.27 28.48
N GLY B 80 1.13 -17.91 29.62
CA GLY B 80 0.21 -18.97 30.01
C GLY B 80 -1.20 -18.48 30.28
N LYS B 81 -1.32 -17.40 31.04
CA LYS B 81 -2.61 -16.81 31.38
C LYS B 81 -2.33 -15.48 32.08
N LEU B 82 -3.40 -14.79 32.48
CA LEU B 82 -3.24 -13.49 33.13
C LEU B 82 -2.50 -13.62 34.46
N ILE B 83 -2.48 -14.81 35.05
CA ILE B 83 -1.83 -15.05 36.33
C ILE B 83 -0.38 -15.48 36.06
N CYS B 84 0.58 -14.58 36.27
CA CYS B 84 2.00 -14.86 36.02
C CYS B 84 2.84 -13.85 36.80
N THR B 85 3.72 -14.35 37.67
CA THR B 85 4.47 -13.52 38.62
C THR B 85 5.80 -13.03 38.02
N THR B 86 6.54 -12.28 38.83
CA THR B 86 7.85 -11.76 38.47
C THR B 86 8.87 -12.17 39.53
N ALA B 87 10.09 -12.45 39.07
CA ALA B 87 11.21 -12.72 39.97
C ALA B 87 11.92 -11.44 40.40
N VAL B 88 11.22 -10.32 40.42
CA VAL B 88 11.80 -9.00 40.67
C VAL B 88 11.04 -8.35 41.82
N PRO B 89 11.71 -7.86 42.86
CA PRO B 89 11.01 -7.18 43.96
C PRO B 89 10.77 -5.70 43.66
N TRP B 90 9.71 -5.18 44.26
CA TRP B 90 9.39 -3.77 44.14
C TRP B 90 10.45 -2.93 44.85
N ASN B 91 11.20 -2.14 44.08
CA ASN B 91 12.26 -1.35 44.67
C ASN B 91 11.67 -0.40 45.70
N ALA B 92 12.47 -0.05 46.71
CA ALA B 92 12.02 0.94 47.67
C ALA B 92 11.90 2.27 46.94
N SER B 93 12.01 2.20 45.61
CA SER B 93 11.78 3.34 44.75
C SER B 93 10.45 4.00 45.03
N TRP B 94 9.35 3.30 44.76
CA TRP B 94 8.05 3.75 45.22
C TRP B 94 8.19 4.25 46.64
N SER B 95 7.30 5.14 47.01
CA SER B 95 7.39 5.68 48.35
C SER B 95 6.77 4.70 49.34
N ASN B 96 7.17 4.83 50.59
CA ASN B 96 6.58 4.00 51.63
C ASN B 96 5.07 4.00 51.48
N LYS B 97 4.51 2.82 51.29
CA LYS B 97 3.07 2.72 51.17
C LYS B 97 2.65 1.33 51.60
N SER B 98 1.50 1.26 52.23
CA SER B 98 0.97 -0.04 52.56
C SER B 98 0.54 -0.68 51.25
N LEU B 99 0.85 -1.97 51.16
CA LEU B 99 0.51 -2.71 49.96
C LEU B 99 -0.99 -2.87 49.84
N GLU B 100 -1.61 -3.50 50.84
CA GLU B 100 -3.06 -3.67 50.80
C GLU B 100 -3.77 -2.34 50.59
N GLN B 101 -3.26 -1.26 51.17
CA GLN B 101 -3.86 0.03 50.87
C GLN B 101 -3.50 0.53 49.49
N ILE B 102 -2.28 0.26 49.01
CA ILE B 102 -2.03 0.52 47.60
C ILE B 102 -3.06 -0.21 46.75
N TRP B 103 -3.48 -1.38 47.18
CA TRP B 103 -4.47 -2.10 46.42
C TRP B 103 -5.83 -1.43 46.48
N ASN B 104 -6.31 -1.16 47.68
CA ASN B 104 -7.70 -0.77 47.88
C ASN B 104 -7.95 0.69 47.63
N ASN B 105 -6.91 1.49 47.68
CA ASN B 105 -7.04 2.92 47.51
C ASN B 105 -6.01 3.43 46.53
N MET B 106 -5.58 2.58 45.58
CA MET B 106 -4.81 3.04 44.43
C MET B 106 -5.51 2.79 43.11
N THR B 107 -6.61 2.04 43.11
CA THR B 107 -7.38 1.73 41.91
C THR B 107 -6.46 1.15 40.84
N TRP B 108 -5.31 0.62 41.28
CA TRP B 108 -4.23 0.19 40.40
C TRP B 108 -3.55 1.39 39.78
N MET B 109 -4.23 2.53 39.83
CA MET B 109 -3.76 3.69 39.12
C MET B 109 -2.86 4.56 39.97
N GLU B 110 -3.18 4.71 41.26
CA GLU B 110 -2.36 5.53 42.12
C GLU B 110 -1.02 4.88 42.40
N TRP B 111 -1.03 3.58 42.69
CA TRP B 111 0.21 2.86 42.86
C TRP B 111 1.01 2.87 41.58
N ASP B 112 0.33 2.71 40.44
CA ASP B 112 1.03 2.73 39.16
C ASP B 112 1.65 4.10 38.92
N ARG B 113 0.92 5.16 39.27
CA ARG B 113 1.26 6.50 38.80
C ARG B 113 2.53 7.01 39.50
N GLU B 114 2.52 7.02 40.85
CA GLU B 114 3.72 7.15 41.69
C GLU B 114 4.40 5.82 41.99
N ILE B 115 4.42 4.92 41.03
CA ILE B 115 5.47 3.92 40.90
C ILE B 115 5.84 4.00 39.46
N ASN B 116 5.20 4.96 38.81
CA ASN B 116 5.06 4.88 37.37
C ASN B 116 6.39 4.73 36.68
N ASN B 117 7.32 5.66 36.91
CA ASN B 117 8.65 5.36 36.41
C ASN B 117 9.30 4.32 37.32
N TYR B 118 8.72 4.09 38.49
CA TYR B 118 9.12 2.96 39.30
C TYR B 118 8.57 1.64 38.75
N THR B 119 7.31 1.64 38.30
CA THR B 119 6.70 0.45 37.71
C THR B 119 7.46 0.03 36.46
N SER B 120 7.77 0.99 35.60
CA SER B 120 8.63 0.72 34.45
C SER B 120 10.06 0.42 34.90
N LEU B 121 10.54 1.08 35.96
CA LEU B 121 11.86 0.77 36.47
C LEU B 121 11.94 -0.68 36.89
N ILE B 122 10.87 -1.19 37.50
CA ILE B 122 10.81 -2.60 37.85
C ILE B 122 10.52 -3.47 36.63
N HIS B 123 10.18 -2.87 35.49
CA HIS B 123 9.76 -3.66 34.33
C HIS B 123 10.94 -4.35 33.64
N SER B 124 11.98 -3.60 33.29
CA SER B 124 13.03 -4.15 32.44
C SER B 124 13.83 -5.24 33.14
N LEU B 125 13.82 -5.26 34.47
CA LEU B 125 14.61 -6.26 35.20
C LEU B 125 14.09 -7.67 34.95
N ILE B 126 12.83 -7.79 34.55
CA ILE B 126 12.16 -9.10 34.52
C ILE B 126 12.79 -10.03 33.49
N GLU B 127 13.17 -9.49 32.32
CA GLU B 127 13.66 -10.34 31.24
C GLU B 127 14.93 -11.11 31.62
N GLU B 128 15.87 -10.43 32.28
CA GLU B 128 17.15 -11.02 32.63
C GLU B 128 17.21 -11.39 34.11
N ALA B 129 16.03 -11.44 34.74
CA ALA B 129 15.90 -11.68 36.15
C ALA B 129 14.94 -12.84 36.35
N GLN B 130 14.04 -13.00 35.38
CA GLN B 130 13.06 -14.08 35.39
C GLN B 130 13.40 -15.09 34.31
N ASN B 131 14.22 -14.67 33.35
CA ASN B 131 14.63 -15.52 32.24
C ASN B 131 16.15 -15.67 32.20
N GLN B 132 16.86 -14.58 32.54
CA GLN B 132 18.31 -14.58 32.55
C GLN B 132 18.80 -15.27 33.81
N GLN B 133 18.20 -14.91 34.94
CA GLN B 133 18.54 -15.48 36.23
C GLN B 133 17.47 -16.49 36.62
N GLU B 134 17.07 -17.31 35.65
CA GLU B 134 15.78 -18.00 35.70
C GLU B 134 15.83 -19.25 36.58
N LYS B 135 15.16 -19.17 37.73
CA LYS B 135 15.10 -20.29 38.65
C LYS B 135 13.78 -21.02 38.48
N ASN B 136 13.67 -22.20 39.08
CA ASN B 136 12.44 -22.99 38.98
C ASN B 136 11.41 -22.56 40.01
N GLU B 137 11.03 -23.48 40.89
CA GLU B 137 10.04 -23.18 41.93
C GLU B 137 10.70 -23.18 43.31
N GLN B 138 10.04 -23.80 44.27
CA GLN B 138 10.55 -23.86 45.63
C GLN B 138 11.56 -25.00 45.77
N GLU B 139 12.24 -25.00 46.92
CA GLU B 139 13.27 -26.00 47.24
C GLU B 139 12.81 -26.70 48.52
N LEU B 140 12.07 -27.79 48.34
CA LEU B 140 11.57 -28.57 49.46
C LEU B 140 11.80 -30.06 49.26
N LEU B 141 11.65 -30.82 50.34
CA LEU B 141 11.85 -32.27 50.29
C LEU B 141 10.50 -32.99 50.22
N GLU B 142 10.53 -34.31 50.41
CA GLU B 142 9.32 -35.11 50.37
C GLU B 142 9.39 -36.27 51.36
N LYS C 1 -19.49 -38.94 31.22
CA LYS C 1 -19.33 -37.49 31.16
C LYS C 1 -18.78 -37.06 29.79
N LEU C 2 -19.58 -36.30 29.04
CA LEU C 2 -19.17 -35.80 27.74
C LEU C 2 -18.47 -34.45 27.90
N TRP C 3 -17.41 -34.46 28.71
CA TRP C 3 -16.61 -33.25 28.88
C TRP C 3 -16.22 -32.75 27.50
N VAL C 4 -16.61 -31.52 27.19
CA VAL C 4 -16.19 -30.96 25.92
C VAL C 4 -14.67 -30.92 25.89
N THR C 5 -14.11 -31.22 24.73
CA THR C 5 -12.67 -31.15 24.56
C THR C 5 -12.38 -30.42 23.27
N VAL C 6 -11.24 -29.73 23.25
CA VAL C 6 -10.80 -28.95 22.10
C VAL C 6 -9.57 -29.62 21.51
N TYR C 7 -9.45 -29.53 20.19
CA TYR C 7 -8.35 -30.17 19.47
C TYR C 7 -7.86 -29.25 18.37
N TYR C 8 -6.58 -29.37 18.03
CA TYR C 8 -5.92 -28.53 17.05
C TYR C 8 -5.25 -29.41 16.01
N GLY C 9 -4.92 -28.82 14.86
CA GLY C 9 -4.35 -29.60 13.78
C GLY C 9 -5.27 -30.69 13.27
N VAL C 10 -6.57 -30.56 13.54
CA VAL C 10 -7.56 -31.57 13.17
C VAL C 10 -7.67 -31.62 11.66
N PRO C 11 -7.97 -32.79 11.07
CA PRO C 11 -8.28 -32.82 9.64
C PRO C 11 -9.65 -32.23 9.37
N VAL C 12 -9.66 -31.08 8.70
CA VAL C 12 -10.92 -30.42 8.40
C VAL C 12 -10.82 -29.84 7.00
N TRP C 13 -11.92 -29.95 6.25
CA TRP C 13 -12.00 -29.52 4.86
C TRP C 13 -13.30 -28.77 4.68
N LYS C 14 -13.22 -27.49 4.34
CA LYS C 14 -14.40 -26.66 4.20
C LYS C 14 -14.32 -25.89 2.89
N GLU C 15 -15.47 -25.36 2.46
CA GLU C 15 -15.59 -24.72 1.16
C GLU C 15 -14.76 -23.44 1.15
N ALA C 16 -13.66 -23.47 0.43
CA ALA C 16 -12.84 -22.28 0.29
C ALA C 16 -13.25 -21.47 -0.93
N THR C 17 -13.21 -20.14 -0.77
CA THR C 17 -13.36 -19.18 -1.88
C THR C 17 -12.31 -18.11 -1.62
N THR C 18 -11.10 -18.34 -2.14
CA THR C 18 -9.98 -17.47 -1.86
C THR C 18 -9.15 -17.31 -3.13
N THR C 19 -8.11 -16.50 -3.03
CA THR C 19 -7.22 -16.23 -4.14
C THR C 19 -6.27 -17.41 -4.31
N LEU C 20 -5.84 -17.62 -5.54
CA LEU C 20 -4.77 -18.54 -5.82
C LEU C 20 -3.60 -17.78 -6.43
N PHE C 21 -2.42 -18.38 -6.33
CA PHE C 21 -1.18 -17.71 -6.70
C PHE C 21 -0.65 -18.35 -7.98
N CYS C 22 0.30 -17.65 -8.62
CA CYS C 22 0.92 -18.14 -9.86
C CYS C 22 2.12 -19.01 -9.56
N ALA C 23 2.29 -20.08 -10.34
CA ALA C 23 3.48 -20.90 -10.26
C ALA C 23 3.91 -21.30 -11.67
N SER C 24 5.21 -21.17 -11.93
CA SER C 24 5.78 -21.47 -13.23
C SER C 24 7.10 -22.22 -13.05
N ASP C 25 7.19 -23.40 -13.66
CA ASP C 25 8.23 -24.36 -13.30
C ASP C 25 9.62 -23.81 -13.60
N ALA C 26 10.63 -24.59 -13.20
CA ALA C 26 12.00 -24.22 -13.51
C ALA C 26 12.20 -24.10 -15.01
N LYS C 27 11.61 -25.02 -15.78
CA LYS C 27 11.66 -24.88 -17.24
C LYS C 27 11.07 -23.55 -17.68
N ALA C 28 10.00 -23.09 -16.99
CA ALA C 28 9.53 -21.72 -17.20
C ALA C 28 10.68 -20.74 -17.10
N TYR C 29 11.21 -20.52 -15.89
CA TYR C 29 12.23 -19.49 -15.76
C TYR C 29 13.46 -19.78 -16.60
N ASP C 30 13.54 -20.95 -17.26
CA ASP C 30 14.62 -21.21 -18.19
C ASP C 30 14.20 -20.95 -19.63
N THR C 31 12.99 -20.44 -19.81
CA THR C 31 12.50 -20.10 -21.14
C THR C 31 13.28 -18.90 -21.69
N GLU C 32 13.83 -18.12 -20.77
CA GLU C 32 14.64 -16.94 -21.08
C GLU C 32 13.99 -15.84 -21.94
N VAL C 33 12.67 -15.86 -22.06
CA VAL C 33 12.01 -14.84 -22.83
C VAL C 33 11.63 -13.81 -21.82
N HIS C 34 11.89 -12.56 -22.11
CA HIS C 34 11.58 -11.60 -21.07
C HIS C 34 10.14 -11.80 -20.62
N ASN C 35 9.24 -12.01 -21.56
CA ASN C 35 7.95 -12.57 -21.20
C ASN C 35 7.35 -13.11 -22.48
N VAL C 36 7.15 -14.44 -22.56
CA VAL C 36 6.48 -14.98 -23.73
C VAL C 36 5.00 -15.03 -23.40
N TRP C 37 4.37 -13.86 -23.42
CA TRP C 37 2.94 -13.65 -23.23
C TRP C 37 2.46 -14.08 -21.83
N ALA C 38 3.27 -14.79 -21.04
CA ALA C 38 2.69 -15.45 -19.87
C ALA C 38 3.48 -15.37 -18.57
N THR C 39 4.82 -15.28 -18.62
CA THR C 39 5.64 -15.44 -17.42
C THR C 39 5.82 -14.09 -16.75
N HIS C 40 6.12 -14.12 -15.43
CA HIS C 40 6.32 -13.00 -14.49
C HIS C 40 7.61 -13.16 -13.65
N ALA C 41 7.77 -12.31 -12.60
CA ALA C 41 8.61 -12.53 -11.42
C ALA C 41 7.91 -13.34 -10.32
N CYS C 42 6.88 -14.10 -10.66
CA CYS C 42 6.06 -14.81 -9.68
C CYS C 42 6.76 -16.02 -9.15
N VAL C 43 6.19 -16.64 -8.14
CA VAL C 43 6.85 -17.80 -7.52
C VAL C 43 6.87 -18.96 -8.51
N PRO C 44 8.01 -19.60 -8.72
CA PRO C 44 8.05 -20.88 -9.41
C PRO C 44 7.42 -21.99 -8.60
N THR C 45 6.94 -23.00 -9.32
CA THR C 45 6.53 -24.28 -8.75
C THR C 45 7.64 -24.88 -7.90
N ASP C 46 7.25 -25.45 -6.74
CA ASP C 46 8.25 -26.10 -5.88
C ASP C 46 8.72 -27.42 -6.51
N PRO C 47 9.93 -27.85 -6.18
CA PRO C 47 10.45 -29.07 -6.80
C PRO C 47 9.53 -30.28 -6.68
N ASN C 48 8.84 -30.45 -5.55
CA ASN C 48 8.04 -31.65 -5.28
C ASN C 48 6.83 -31.31 -4.41
N PRO C 49 5.81 -30.65 -4.96
CA PRO C 49 4.59 -30.39 -4.20
C PRO C 49 3.84 -31.67 -3.84
N GLN C 50 3.22 -31.68 -2.66
CA GLN C 50 2.52 -32.86 -2.18
C GLN C 50 1.07 -32.89 -2.67
N GLU C 51 0.69 -33.98 -3.33
CA GLU C 51 -0.70 -34.21 -3.75
C GLU C 51 -1.17 -35.46 -3.00
N VAL C 52 -1.58 -35.28 -1.76
CA VAL C 52 -2.03 -36.41 -0.95
C VAL C 52 -3.35 -36.86 -1.53
N VAL C 53 -3.37 -38.07 -2.09
CA VAL C 53 -4.63 -38.65 -2.51
C VAL C 53 -5.40 -39.04 -1.26
N LEU C 54 -6.64 -38.57 -1.17
CA LEU C 54 -7.50 -38.90 -0.04
C LEU C 54 -8.53 -39.90 -0.52
N GLU C 55 -8.49 -41.10 0.08
CA GLU C 55 -9.39 -42.18 -0.28
C GLU C 55 -10.32 -42.44 0.88
N ASN C 56 -11.36 -43.21 0.62
CA ASN C 56 -12.44 -43.39 1.60
C ASN C 56 -12.89 -42.03 2.12
N VAL C 57 -12.83 -41.04 1.24
CA VAL C 57 -13.28 -39.68 1.51
C VAL C 57 -14.26 -39.30 0.42
N THR C 58 -14.98 -38.21 0.65
CA THR C 58 -15.98 -37.75 -0.29
C THR C 58 -15.89 -36.25 -0.38
N GLU C 59 -16.10 -35.72 -1.58
CA GLU C 59 -16.04 -34.28 -1.80
C GLU C 59 -16.93 -33.93 -2.99
N ASN C 60 -17.83 -32.99 -2.76
CA ASN C 60 -18.73 -32.51 -3.80
C ASN C 60 -18.11 -31.29 -4.46
N PHE C 61 -18.10 -31.28 -5.79
CA PHE C 61 -17.49 -30.20 -6.54
C PHE C 61 -18.53 -29.56 -7.45
N ASN C 62 -18.22 -28.34 -7.88
CA ASN C 62 -19.04 -27.66 -8.88
C ASN C 62 -18.10 -26.72 -9.62
N MET C 63 -17.63 -27.16 -10.78
CA MET C 63 -16.68 -26.36 -11.54
C MET C 63 -17.29 -25.06 -12.04
N TRP C 64 -18.56 -25.07 -12.42
CA TRP C 64 -19.19 -23.85 -12.90
C TRP C 64 -19.37 -22.84 -11.77
N LYS C 65 -19.58 -23.31 -10.54
CA LYS C 65 -19.63 -22.44 -9.38
C LYS C 65 -18.26 -22.22 -8.76
N ASN C 66 -17.24 -22.91 -9.24
CA ASN C 66 -15.90 -22.70 -8.70
C ASN C 66 -15.42 -21.31 -9.09
N ASN C 67 -14.91 -20.57 -8.12
CA ASN C 67 -14.50 -19.20 -8.32
C ASN C 67 -13.13 -19.11 -8.97
N MET C 68 -12.45 -20.25 -9.15
CA MET C 68 -11.11 -20.22 -9.72
C MET C 68 -11.10 -19.50 -11.06
N VAL C 69 -12.12 -19.75 -11.89
CA VAL C 69 -12.17 -19.16 -13.22
C VAL C 69 -12.08 -17.63 -13.14
N GLU C 70 -12.76 -17.05 -12.15
CA GLU C 70 -12.85 -15.60 -12.04
C GLU C 70 -11.49 -14.97 -11.79
N GLN C 71 -10.82 -15.40 -10.70
CA GLN C 71 -9.49 -14.87 -10.42
C GLN C 71 -8.54 -15.18 -11.57
N MET C 72 -8.69 -16.35 -12.18
CA MET C 72 -7.82 -16.69 -13.30
C MET C 72 -7.94 -15.65 -14.40
N HIS C 73 -9.16 -15.37 -14.85
CA HIS C 73 -9.33 -14.43 -15.96
C HIS C 73 -8.94 -13.02 -15.53
N GLU C 74 -9.24 -12.63 -14.28
CA GLU C 74 -8.88 -11.30 -13.81
C GLU C 74 -7.38 -11.09 -13.80
N ASP C 75 -6.65 -12.05 -13.24
CA ASP C 75 -5.19 -11.94 -13.21
C ASP C 75 -4.62 -12.03 -14.61
N ILE C 76 -5.25 -12.79 -15.50
CA ILE C 76 -4.86 -12.78 -16.90
C ILE C 76 -4.97 -11.37 -17.47
N ILE C 77 -6.10 -10.71 -17.20
CA ILE C 77 -6.32 -9.36 -17.71
C ILE C 77 -5.34 -8.38 -17.07
N SER C 78 -5.10 -8.51 -15.77
CA SER C 78 -4.16 -7.63 -15.11
C SER C 78 -2.76 -7.80 -15.70
N LEU C 79 -2.34 -9.04 -15.92
CA LEU C 79 -1.03 -9.32 -16.51
C LEU C 79 -0.93 -8.78 -17.94
N TRP C 80 -1.98 -8.98 -18.75
CA TRP C 80 -1.95 -8.46 -20.12
C TRP C 80 -1.91 -6.94 -20.14
N ASP C 81 -2.69 -6.29 -19.27
CA ASP C 81 -2.65 -4.83 -19.18
C ASP C 81 -1.26 -4.35 -18.79
N GLN C 82 -0.68 -4.97 -17.77
CA GLN C 82 0.61 -4.54 -17.27
C GLN C 82 1.71 -4.84 -18.29
N SER C 83 1.50 -5.85 -19.13
CA SER C 83 2.44 -6.13 -20.21
C SER C 83 2.30 -5.14 -21.36
N LEU C 84 1.07 -4.71 -21.65
CA LEU C 84 0.83 -3.71 -22.68
C LEU C 84 1.42 -2.37 -22.27
N LYS C 85 1.49 -2.10 -20.97
CA LYS C 85 1.98 -0.80 -20.52
C LYS C 85 3.35 -0.45 -21.11
N PRO C 86 4.33 -1.35 -21.11
CA PRO C 86 5.65 -1.00 -21.67
C PRO C 86 5.70 -0.93 -23.18
N CYS C 87 4.71 -1.47 -23.89
CA CYS C 87 4.76 -1.48 -25.34
C CYS C 87 4.57 -0.06 -25.88
N VAL C 88 5.16 0.20 -27.04
CA VAL C 88 5.07 1.52 -27.66
C VAL C 88 3.67 1.71 -28.23
N LYS C 89 3.27 2.96 -28.35
CA LYS C 89 1.95 3.27 -28.86
C LYS C 89 1.98 3.42 -30.37
N LEU C 90 0.78 3.34 -30.96
CA LEU C 90 0.63 3.45 -32.42
C LEU C 90 -0.39 4.53 -32.78
N THR C 91 -0.65 5.48 -31.89
CA THR C 91 -1.63 6.52 -32.18
C THR C 91 -1.37 7.22 -33.51
N PRO C 92 -0.16 7.65 -33.85
CA PRO C 92 0.07 8.21 -35.19
C PRO C 92 0.04 7.18 -36.30
N LEU C 93 0.32 5.91 -35.98
CA LEU C 93 0.12 4.85 -36.96
C LEU C 93 -1.34 4.71 -37.32
N CYS C 94 -2.21 5.33 -36.54
CA CYS C 94 -3.64 5.39 -36.80
C CYS C 94 -3.98 6.12 -38.09
N VAL C 95 -3.06 6.94 -38.61
CA VAL C 95 -3.41 7.84 -39.70
C VAL C 95 -4.05 7.03 -40.82
N THR C 96 -4.81 7.72 -41.68
CA THR C 96 -5.37 7.06 -42.84
C THR C 96 -4.27 6.33 -43.60
N LEU C 97 -4.67 5.35 -44.39
CA LEU C 97 -3.76 4.58 -45.21
C LEU C 97 -4.33 4.54 -46.61
N ASN C 98 -3.53 4.10 -47.57
CA ASN C 98 -4.04 3.80 -48.89
C ASN C 98 -3.45 2.46 -49.31
N CYS C 99 -4.31 1.46 -49.42
CA CYS C 99 -3.89 0.09 -49.65
C CYS C 99 -4.19 -0.26 -51.10
N THR C 100 -3.23 -0.88 -51.76
CA THR C 100 -3.41 -1.39 -53.11
C THR C 100 -3.55 -2.91 -53.03
N ASP C 101 -4.61 -3.44 -53.64
CA ASP C 101 -4.92 -4.86 -53.60
C ASP C 101 -4.09 -5.60 -54.65
N LEU C 102 -2.80 -5.74 -54.34
CA LEU C 102 -1.86 -6.35 -55.28
C LEU C 102 -2.20 -7.82 -55.52
N ARG C 103 -2.16 -8.62 -54.47
CA ARG C 103 -2.56 -10.02 -54.54
C ARG C 103 -4.06 -10.08 -54.71
N ASN C 104 -4.52 -10.38 -55.92
CA ASN C 104 -5.94 -10.48 -56.21
C ASN C 104 -6.33 -11.87 -56.72
N ARG C 116 -10.92 -13.52 -53.21
CA ARG C 116 -10.64 -12.73 -52.00
C ARG C 116 -9.35 -13.20 -51.33
N GLY C 117 -8.27 -12.44 -51.50
CA GLY C 117 -6.97 -12.81 -50.96
C GLY C 117 -6.52 -12.02 -49.75
N GLU C 118 -7.09 -10.83 -49.56
CA GLU C 118 -6.83 -9.98 -48.40
C GLU C 118 -5.33 -9.78 -48.16
N ILE C 119 -4.58 -9.65 -49.25
CA ILE C 119 -3.17 -9.28 -49.16
C ILE C 119 -2.93 -8.12 -50.10
N LYS C 120 -2.98 -6.91 -49.55
CA LYS C 120 -2.84 -5.69 -50.31
C LYS C 120 -1.84 -4.80 -49.58
N ASN C 121 -0.72 -4.53 -50.21
CA ASN C 121 0.26 -3.64 -49.62
C ASN C 121 -0.42 -2.31 -49.33
N CYS C 122 -0.24 -1.82 -48.11
CA CYS C 122 -0.82 -0.55 -47.72
C CYS C 122 0.33 0.38 -47.39
N SER C 123 0.28 1.61 -47.90
CA SER C 123 1.31 2.60 -47.64
C SER C 123 0.72 3.89 -47.10
N PHE C 124 0.85 4.09 -45.79
CA PHE C 124 0.33 5.29 -45.14
C PHE C 124 1.45 6.09 -44.49
N ASN C 125 1.12 7.26 -43.96
CA ASN C 125 2.10 8.11 -43.32
C ASN C 125 2.40 7.55 -41.92
N ILE C 126 3.70 7.42 -41.59
CA ILE C 126 4.23 7.04 -40.28
C ILE C 126 5.15 8.19 -39.85
N THR C 127 4.88 8.77 -38.69
CA THR C 127 5.54 9.99 -38.29
C THR C 127 6.89 9.62 -37.70
N THR C 128 7.70 10.64 -37.38
CA THR C 128 9.06 10.44 -36.89
C THR C 128 9.34 11.22 -35.60
N SER C 129 10.61 11.24 -35.18
CA SER C 129 10.95 11.79 -33.87
C SER C 129 10.63 13.28 -33.76
N ILE C 130 10.97 14.06 -34.78
CA ILE C 130 10.69 15.50 -34.72
C ILE C 130 9.22 15.76 -35.07
N ARG C 131 8.72 16.89 -34.59
CA ARG C 131 7.31 17.22 -34.80
C ARG C 131 6.98 17.35 -36.29
N ASP C 132 7.88 17.97 -37.07
CA ASP C 132 7.56 18.32 -38.46
C ASP C 132 8.22 17.41 -39.49
N LYS C 133 9.20 16.59 -39.09
CA LYS C 133 9.88 15.67 -40.03
C LYS C 133 9.11 14.36 -40.07
N VAL C 134 8.35 14.18 -41.14
CA VAL C 134 7.55 12.98 -41.36
C VAL C 134 7.87 12.42 -42.75
N LYS C 135 8.12 11.11 -42.80
CA LYS C 135 8.33 10.44 -44.07
C LYS C 135 7.11 9.55 -44.37
N LYS C 136 7.21 8.75 -45.42
CA LYS C 136 6.13 7.87 -45.84
C LYS C 136 6.64 6.43 -45.85
N ASP C 137 5.79 5.51 -45.41
CA ASP C 137 6.10 4.10 -45.41
C ASP C 137 4.91 3.32 -45.92
N TYR C 138 5.17 2.05 -46.21
CA TYR C 138 4.15 1.12 -46.66
C TYR C 138 4.42 -0.20 -45.97
N ALA C 139 3.36 -0.87 -45.56
CA ALA C 139 3.48 -2.20 -44.99
C ALA C 139 2.45 -3.07 -45.67
N LEU C 140 2.30 -4.30 -45.20
CA LEU C 140 1.23 -5.15 -45.68
C LEU C 140 0.13 -5.16 -44.64
N PHE C 141 -1.09 -4.95 -45.11
CA PHE C 141 -2.25 -5.00 -44.24
C PHE C 141 -3.27 -5.91 -44.87
N TYR C 142 -4.04 -6.54 -44.02
CA TYR C 142 -5.07 -7.44 -44.47
C TYR C 142 -6.33 -6.62 -44.69
N ARG C 143 -7.42 -7.27 -45.10
CA ARG C 143 -8.69 -6.60 -45.26
C ARG C 143 -9.44 -6.51 -43.94
N LEU C 144 -8.84 -7.02 -42.85
CA LEU C 144 -9.46 -7.02 -41.54
C LEU C 144 -8.91 -5.94 -40.61
N ASP C 145 -7.79 -5.30 -40.96
CA ASP C 145 -7.29 -4.19 -40.18
C ASP C 145 -7.86 -2.86 -40.64
N VAL C 146 -8.28 -2.75 -41.90
CA VAL C 146 -8.87 -1.53 -42.45
C VAL C 146 -10.14 -1.90 -43.20
N VAL C 147 -10.99 -0.90 -43.40
CA VAL C 147 -12.25 -1.10 -44.12
C VAL C 147 -12.36 -0.08 -45.24
N PRO C 148 -13.01 -0.43 -46.35
CA PRO C 148 -13.29 0.58 -47.37
C PRO C 148 -14.41 1.49 -46.89
N ILE C 149 -14.20 2.79 -47.02
CA ILE C 149 -15.23 3.76 -46.68
C ILE C 149 -16.19 3.82 -47.85
N ASP C 150 -17.49 3.72 -47.56
CA ASP C 150 -18.50 3.93 -48.58
C ASP C 150 -19.26 5.23 -48.42
N ASN C 151 -18.98 6.00 -47.37
CA ASN C 151 -19.59 7.32 -47.23
C ASN C 151 -18.90 8.33 -48.16
N ASP C 152 -17.58 8.48 -48.02
CA ASP C 152 -16.82 9.31 -48.93
C ASP C 152 -15.88 8.51 -49.83
N ASN C 153 -15.74 7.21 -49.59
CA ASN C 153 -14.92 6.28 -50.36
C ASN C 153 -13.64 6.90 -50.91
N THR C 154 -12.83 7.53 -50.05
CA THR C 154 -11.54 8.11 -50.40
C THR C 154 -10.37 7.16 -50.15
N SER C 155 -10.37 6.46 -49.02
CA SER C 155 -9.37 5.44 -48.76
C SER C 155 -9.93 4.46 -47.74
N TYR C 156 -9.06 3.63 -47.18
CA TYR C 156 -9.44 2.69 -46.15
C TYR C 156 -9.03 3.20 -44.78
N ARG C 157 -9.79 2.77 -43.78
CA ARG C 157 -9.59 3.18 -42.40
C ARG C 157 -9.46 1.92 -41.57
N LEU C 158 -8.56 1.96 -40.58
CA LEU C 158 -8.53 0.86 -39.63
C LEU C 158 -9.80 0.91 -38.79
N ILE C 159 -10.50 -0.22 -38.73
CA ILE C 159 -11.72 -0.25 -37.92
C ILE C 159 -11.37 0.01 -36.48
N ASN C 160 -10.30 -0.62 -35.99
CA ASN C 160 -9.84 -0.44 -34.63
C ASN C 160 -9.36 0.98 -34.37
N CYS C 161 -9.17 1.77 -35.43
CA CYS C 161 -8.64 3.11 -35.27
C CYS C 161 -9.69 4.20 -35.31
N ASN C 162 -10.90 3.91 -35.81
CA ASN C 162 -11.99 4.86 -35.74
C ASN C 162 -12.94 4.58 -34.58
N THR C 163 -12.56 3.67 -33.68
CA THR C 163 -13.44 3.27 -32.59
C THR C 163 -12.77 3.48 -31.24
N SER C 164 -11.44 3.39 -31.20
CA SER C 164 -10.68 3.56 -29.97
C SER C 164 -9.24 3.87 -30.34
N THR C 165 -8.35 3.83 -29.36
CA THR C 165 -6.95 4.10 -29.59
C THR C 165 -6.26 2.87 -30.19
N ILE C 166 -5.03 3.08 -30.65
CA ILE C 166 -4.21 2.01 -31.22
C ILE C 166 -2.85 2.02 -30.55
N THR C 167 -2.33 0.83 -30.24
CA THR C 167 -1.02 0.69 -29.62
C THR C 167 -0.43 -0.65 -30.04
N GLN C 168 0.89 -0.75 -29.93
CA GLN C 168 1.57 -1.98 -30.30
C GLN C 168 1.31 -3.09 -29.28
N ALA C 169 1.52 -4.33 -29.73
CA ALA C 169 1.26 -5.51 -28.92
C ALA C 169 2.54 -6.11 -28.34
N CYS C 170 3.55 -5.28 -28.07
CA CYS C 170 4.81 -5.79 -27.54
C CYS C 170 5.29 -6.95 -28.42
N PRO C 171 5.73 -6.66 -29.64
CA PRO C 171 6.15 -7.75 -30.54
C PRO C 171 7.21 -8.64 -29.92
N LYS C 172 8.08 -8.06 -29.09
CA LYS C 172 9.07 -8.87 -28.39
C LYS C 172 8.39 -9.94 -27.54
N VAL C 173 7.28 -9.59 -26.89
CA VAL C 173 6.52 -10.54 -26.07
C VAL C 173 5.71 -11.43 -27.01
N SER C 174 6.24 -12.60 -27.34
CA SER C 174 5.53 -13.53 -28.20
C SER C 174 4.42 -14.25 -27.42
N PHE C 175 3.29 -14.46 -28.09
CA PHE C 175 2.10 -14.98 -27.43
C PHE C 175 2.11 -16.51 -27.43
N GLU C 176 3.21 -17.05 -26.91
CA GLU C 176 3.19 -18.50 -26.93
C GLU C 176 2.66 -19.02 -25.60
N PRO C 177 2.05 -20.21 -25.63
CA PRO C 177 1.60 -20.85 -24.38
C PRO C 177 2.79 -21.32 -23.56
N ILE C 178 2.73 -21.08 -22.25
CA ILE C 178 3.72 -21.59 -21.30
C ILE C 178 2.99 -22.36 -20.19
N PRO C 179 3.64 -23.32 -19.55
CA PRO C 179 3.07 -23.95 -18.35
C PRO C 179 2.93 -22.95 -17.21
N ILE C 180 1.79 -23.02 -16.52
CA ILE C 180 1.48 -22.15 -15.37
C ILE C 180 0.92 -23.00 -14.23
N HIS C 181 1.33 -22.70 -13.00
CA HIS C 181 0.91 -23.45 -11.82
C HIS C 181 0.24 -22.52 -10.82
N TYR C 182 -0.95 -22.91 -10.34
CA TYR C 182 -1.69 -22.15 -9.34
C TYR C 182 -1.52 -22.80 -7.97
N CYS C 183 -0.97 -22.04 -7.02
CA CYS C 183 -0.78 -22.52 -5.67
C CYS C 183 -1.80 -21.86 -4.74
N THR C 184 -2.14 -22.58 -3.68
CA THR C 184 -3.06 -22.09 -2.66
C THR C 184 -2.30 -21.40 -1.55
N PRO C 185 -2.95 -20.53 -0.78
CA PRO C 185 -2.28 -19.92 0.37
C PRO C 185 -2.13 -20.92 1.51
N ALA C 186 -1.55 -20.49 2.63
CA ALA C 186 -1.18 -21.40 3.71
C ALA C 186 -2.36 -21.64 4.65
N GLY C 187 -2.96 -22.82 4.54
CA GLY C 187 -4.20 -23.14 5.20
C GLY C 187 -5.37 -23.33 4.26
N PHE C 188 -5.20 -23.07 2.96
CA PHE C 188 -6.18 -23.41 1.95
C PHE C 188 -5.61 -24.49 1.05
N ALA C 189 -6.40 -25.50 0.78
CA ALA C 189 -5.99 -26.57 -0.11
C ALA C 189 -6.87 -26.52 -1.34
N ILE C 190 -6.50 -27.29 -2.35
CA ILE C 190 -7.33 -27.46 -3.53
C ILE C 190 -7.63 -28.95 -3.60
N LEU C 191 -8.84 -29.32 -3.22
CA LEU C 191 -9.21 -30.72 -3.30
C LEU C 191 -9.58 -31.02 -4.73
N LYS C 192 -8.90 -32.01 -5.29
CA LYS C 192 -9.07 -32.32 -6.70
C LYS C 192 -9.65 -33.72 -6.78
N CYS C 193 -10.71 -33.86 -7.56
CA CYS C 193 -11.23 -35.17 -7.85
C CYS C 193 -10.27 -35.91 -8.77
N LYS C 194 -10.14 -37.21 -8.54
CA LYS C 194 -9.31 -38.07 -9.38
C LYS C 194 -10.16 -38.93 -10.30
N ASP C 195 -11.37 -38.47 -10.60
CA ASP C 195 -12.33 -39.22 -11.40
C ASP C 195 -12.37 -38.71 -12.83
N LYS C 196 -12.69 -39.60 -13.74
CA LYS C 196 -12.67 -39.30 -15.16
C LYS C 196 -14.05 -39.03 -15.73
N LYS C 197 -15.04 -39.73 -15.24
CA LYS C 197 -16.44 -39.40 -15.47
C LYS C 197 -16.97 -38.46 -14.41
N PHE C 198 -16.09 -37.74 -13.72
CA PHE C 198 -16.53 -36.79 -12.71
C PHE C 198 -16.98 -35.48 -13.37
N ASN C 199 -18.27 -35.18 -13.29
CA ASN C 199 -18.82 -33.95 -13.89
C ASN C 199 -18.60 -32.73 -13.01
N GLY C 200 -19.00 -31.56 -13.49
CA GLY C 200 -18.81 -30.35 -12.69
C GLY C 200 -19.41 -30.21 -11.30
N THR C 201 -20.74 -30.34 -11.16
CA THR C 201 -21.40 -30.25 -9.86
C THR C 201 -21.68 -31.64 -9.28
N GLY C 202 -20.63 -32.39 -8.93
CA GLY C 202 -20.79 -33.71 -8.39
C GLY C 202 -19.93 -33.98 -7.17
N PRO C 203 -20.24 -35.04 -6.42
CA PRO C 203 -19.35 -35.47 -5.34
C PRO C 203 -18.17 -36.24 -5.89
N CYS C 204 -17.18 -36.47 -5.04
CA CYS C 204 -16.02 -37.25 -5.46
C CYS C 204 -15.43 -38.01 -4.29
N LYS C 205 -15.00 -39.24 -4.55
CA LYS C 205 -14.31 -40.04 -3.55
C LYS C 205 -12.81 -40.06 -3.75
N ASN C 206 -12.34 -39.93 -5.00
CA ASN C 206 -10.91 -39.77 -5.27
C ASN C 206 -10.54 -38.31 -5.03
N VAL C 207 -10.67 -37.91 -3.78
CA VAL C 207 -10.17 -36.63 -3.33
C VAL C 207 -8.67 -36.78 -3.17
N SER C 208 -7.93 -35.85 -3.76
CA SER C 208 -6.49 -35.85 -3.61
C SER C 208 -6.09 -34.39 -3.34
N THR C 209 -6.00 -34.06 -2.06
CA THR C 209 -5.69 -32.70 -1.65
C THR C 209 -4.43 -32.24 -2.36
N VAL C 210 -4.50 -31.05 -2.93
CA VAL C 210 -3.41 -30.54 -3.76
C VAL C 210 -3.07 -29.12 -3.31
N GLN C 211 -1.86 -28.95 -2.79
CA GLN C 211 -1.41 -27.63 -2.37
C GLN C 211 -1.30 -26.68 -3.57
N CYS C 212 -0.63 -27.13 -4.63
CA CYS C 212 -0.51 -26.40 -5.89
C CYS C 212 -1.15 -27.23 -6.99
N THR C 213 -2.13 -26.65 -7.66
CA THR C 213 -2.83 -27.34 -8.75
C THR C 213 -1.87 -27.69 -9.88
N HIS C 214 -2.18 -28.80 -10.56
CA HIS C 214 -1.34 -29.31 -11.65
C HIS C 214 -1.18 -28.30 -12.77
N GLY C 215 0.03 -28.24 -13.33
CA GLY C 215 0.39 -27.36 -14.43
C GLY C 215 -0.50 -27.46 -15.66
N ILE C 216 -0.97 -26.31 -16.15
CA ILE C 216 -1.92 -26.24 -17.25
C ILE C 216 -1.35 -25.41 -18.40
N ARG C 217 -2.05 -25.40 -19.54
CA ARG C 217 -1.59 -24.72 -20.77
C ARG C 217 -2.69 -23.79 -21.27
N PRO C 218 -2.83 -22.60 -20.66
CA PRO C 218 -3.90 -21.69 -21.06
C PRO C 218 -3.63 -21.06 -22.42
N VAL C 219 -4.02 -21.75 -23.49
CA VAL C 219 -3.98 -21.21 -24.83
C VAL C 219 -5.38 -20.68 -25.15
N VAL C 220 -5.47 -19.39 -25.47
CA VAL C 220 -6.74 -18.77 -25.81
C VAL C 220 -7.29 -19.43 -27.06
N SER C 221 -8.51 -19.96 -26.96
CA SER C 221 -9.16 -20.61 -28.08
C SER C 221 -10.67 -20.43 -27.96
N THR C 222 -11.37 -20.57 -29.08
CA THR C 222 -12.81 -20.42 -29.16
C THR C 222 -13.43 -21.70 -29.70
N GLN C 223 -14.42 -22.23 -28.99
CA GLN C 223 -15.19 -23.40 -29.39
C GLN C 223 -14.36 -24.68 -29.39
N LEU C 224 -13.13 -24.65 -28.88
CA LEU C 224 -12.26 -25.82 -28.90
C LEU C 224 -11.21 -25.69 -27.79
N LEU C 225 -10.27 -26.64 -27.75
CA LEU C 225 -9.16 -26.65 -26.81
C LEU C 225 -7.87 -26.94 -27.56
N LEU C 226 -6.77 -26.35 -27.09
CA LEU C 226 -5.46 -26.56 -27.69
C LEU C 226 -4.45 -26.88 -26.58
N ASN C 227 -3.86 -28.07 -26.66
CA ASN C 227 -2.81 -28.48 -25.72
C ASN C 227 -3.30 -28.43 -24.27
N GLY C 228 -4.43 -29.10 -24.02
CA GLY C 228 -5.06 -29.08 -22.71
C GLY C 228 -5.13 -30.45 -22.03
N SER C 229 -5.73 -30.42 -20.83
CA SER C 229 -5.91 -31.63 -20.04
C SER C 229 -6.79 -32.64 -20.79
N LEU C 230 -6.26 -33.84 -20.99
CA LEU C 230 -6.98 -34.90 -21.68
C LEU C 230 -7.80 -35.73 -20.70
N ALA C 231 -9.07 -35.93 -21.05
CA ALA C 231 -9.98 -36.77 -20.26
C ALA C 231 -9.93 -38.18 -20.83
N GLU C 232 -9.56 -39.14 -19.98
CA GLU C 232 -9.25 -40.48 -20.45
C GLU C 232 -10.33 -41.50 -20.11
N GLU C 233 -10.28 -42.68 -20.77
CA GLU C 233 -11.09 -43.85 -20.42
C GLU C 233 -12.57 -43.64 -20.80
N GLU C 234 -12.89 -42.53 -21.47
CA GLU C 234 -14.24 -42.24 -21.98
C GLU C 234 -14.30 -40.88 -22.70
N VAL C 235 -15.40 -40.69 -23.43
CA VAL C 235 -15.81 -39.39 -23.95
C VAL C 235 -16.84 -38.78 -23.00
N VAL C 236 -16.57 -37.56 -22.52
CA VAL C 236 -17.44 -36.86 -21.57
C VAL C 236 -18.09 -35.68 -22.25
N ILE C 237 -19.42 -35.59 -22.14
CA ILE C 237 -20.18 -34.49 -22.74
C ILE C 237 -21.03 -33.82 -21.67
N ARG C 238 -20.48 -32.80 -21.02
CA ARG C 238 -21.19 -32.10 -19.97
C ARG C 238 -21.75 -30.79 -20.50
N SER C 239 -22.69 -30.23 -19.74
CA SER C 239 -23.16 -28.88 -20.01
C SER C 239 -23.83 -28.36 -18.75
N SER C 240 -23.69 -27.06 -18.55
CA SER C 240 -24.27 -26.43 -17.36
C SER C 240 -25.78 -26.64 -17.32
N ASN C 241 -26.44 -26.69 -18.49
CA ASN C 241 -27.84 -27.13 -18.56
C ASN C 241 -28.07 -27.81 -19.90
N PHE C 242 -28.28 -29.14 -19.85
CA PHE C 242 -28.54 -29.88 -21.08
C PHE C 242 -29.87 -29.51 -21.70
N THR C 243 -30.92 -29.42 -20.89
CA THR C 243 -32.22 -28.98 -21.39
C THR C 243 -32.09 -27.59 -22.00
N ASP C 244 -31.38 -26.70 -21.32
CA ASP C 244 -31.14 -25.36 -21.83
C ASP C 244 -30.32 -25.45 -23.12
N ASN C 245 -30.98 -25.22 -24.25
CA ASN C 245 -30.30 -25.30 -25.53
C ASN C 245 -29.24 -24.22 -25.67
N ALA C 246 -29.46 -23.05 -25.07
CA ALA C 246 -28.45 -22.01 -25.10
C ALA C 246 -27.23 -22.42 -24.30
N LYS C 247 -27.41 -23.24 -23.28
CA LYS C 247 -26.27 -23.70 -22.51
C LYS C 247 -25.28 -24.37 -23.44
N ASN C 248 -24.02 -23.95 -23.34
CA ASN C 248 -23.01 -24.60 -24.14
C ASN C 248 -22.91 -26.06 -23.70
N ILE C 249 -22.52 -26.91 -24.64
CA ILE C 249 -22.38 -28.33 -24.37
C ILE C 249 -20.88 -28.59 -24.39
N ILE C 250 -20.31 -28.75 -23.20
CA ILE C 250 -18.89 -29.02 -23.09
C ILE C 250 -18.66 -30.51 -23.29
N VAL C 251 -17.68 -30.84 -24.13
CA VAL C 251 -17.38 -32.23 -24.46
C VAL C 251 -15.92 -32.50 -24.14
N GLN C 252 -15.64 -33.69 -23.62
CA GLN C 252 -14.29 -34.14 -23.32
C GLN C 252 -14.00 -35.34 -24.21
N LEU C 253 -13.28 -35.09 -25.30
CA LEU C 253 -12.86 -36.18 -26.17
C LEU C 253 -11.91 -37.11 -25.43
N LYS C 254 -11.94 -38.38 -25.83
CA LYS C 254 -11.02 -39.34 -25.24
C LYS C 254 -9.60 -39.14 -25.76
N GLU C 255 -9.44 -39.11 -27.08
CA GLU C 255 -8.13 -38.98 -27.70
C GLU C 255 -7.93 -37.57 -28.28
N SER C 256 -6.83 -37.36 -28.98
CA SER C 256 -6.43 -36.07 -29.52
C SER C 256 -6.05 -36.22 -30.99
N VAL C 257 -6.24 -35.15 -31.76
CA VAL C 257 -5.98 -35.14 -33.19
C VAL C 257 -4.82 -34.21 -33.50
N GLU C 258 -4.20 -34.40 -34.67
CA GLU C 258 -2.99 -33.65 -35.05
C GLU C 258 -3.37 -32.52 -36.00
N ILE C 259 -3.39 -31.30 -35.47
CA ILE C 259 -3.72 -30.14 -36.29
C ILE C 259 -2.48 -29.61 -36.99
N ASN C 260 -2.70 -28.97 -38.12
CA ASN C 260 -1.63 -28.42 -38.94
C ASN C 260 -2.03 -27.01 -39.35
N CYS C 261 -2.28 -26.15 -38.36
CA CYS C 261 -2.51 -24.73 -38.65
C CYS C 261 -1.17 -24.09 -38.94
N THR C 262 -0.71 -24.30 -40.17
CA THR C 262 0.62 -23.92 -40.61
C THR C 262 0.48 -23.14 -41.90
N ARG C 263 0.98 -21.91 -41.89
CA ARG C 263 0.97 -21.08 -43.08
C ARG C 263 2.28 -21.25 -43.84
N PRO C 264 2.25 -21.77 -45.07
CA PRO C 264 3.49 -21.91 -45.85
C PRO C 264 4.21 -20.60 -46.18
N ASN C 265 3.46 -19.52 -46.44
CA ASN C 265 4.06 -18.26 -46.83
C ASN C 265 4.84 -17.63 -45.69
N ASN C 266 5.96 -16.98 -46.03
CA ASN C 266 6.78 -16.32 -45.01
C ASN C 266 6.18 -14.97 -44.62
N ASN C 267 6.82 -14.34 -43.64
CA ASN C 267 6.42 -13.03 -43.14
C ASN C 267 7.60 -12.08 -43.24
N THR C 268 7.28 -10.81 -43.43
CA THR C 268 8.33 -9.83 -43.44
C THR C 268 8.17 -9.00 -42.18
N ARG C 269 9.30 -8.51 -41.66
CA ARG C 269 9.23 -7.53 -40.60
C ARG C 269 10.06 -6.33 -40.98
N LYS C 270 9.48 -5.15 -40.77
CA LYS C 270 10.10 -3.90 -41.12
C LYS C 270 10.18 -3.06 -39.85
N SER C 271 11.19 -3.35 -39.03
CA SER C 271 11.40 -2.65 -37.78
C SER C 271 11.72 -1.19 -38.08
N ILE C 272 10.72 -0.32 -37.98
CA ILE C 272 10.86 1.09 -38.32
C ILE C 272 10.67 1.91 -37.06
N HIS C 273 11.68 2.69 -36.70
CA HIS C 273 11.58 3.59 -35.56
C HIS C 273 10.55 4.67 -35.85
N ILE C 274 9.57 4.81 -34.96
CA ILE C 274 8.53 5.81 -35.13
C ILE C 274 8.70 6.96 -34.13
N GLY C 275 8.78 6.64 -32.84
CA GLY C 275 8.90 7.63 -31.79
C GLY C 275 10.30 7.72 -31.22
N PRO C 276 10.48 8.47 -30.13
CA PRO C 276 11.79 8.49 -29.47
C PRO C 276 12.06 7.20 -28.74
N GLY C 277 12.47 6.17 -29.49
CA GLY C 277 12.66 4.85 -28.95
C GLY C 277 11.56 3.86 -29.26
N ARG C 278 10.53 4.26 -30.02
CA ARG C 278 9.42 3.39 -30.36
C ARG C 278 9.52 2.97 -31.83
N ALA C 279 9.39 1.67 -32.08
CA ALA C 279 9.45 1.11 -33.43
C ALA C 279 8.21 0.27 -33.72
N PHE C 280 7.75 0.33 -34.97
CA PHE C 280 6.59 -0.42 -35.43
C PHE C 280 7.04 -1.47 -36.44
N TYR C 281 6.70 -2.73 -36.18
CA TYR C 281 7.06 -3.83 -37.07
C TYR C 281 5.96 -3.94 -38.11
N THR C 282 6.11 -3.19 -39.20
CA THR C 282 5.18 -3.31 -40.31
C THR C 282 5.46 -4.59 -41.07
N THR C 283 4.39 -5.20 -41.56
CA THR C 283 4.54 -6.41 -42.37
C THR C 283 5.07 -6.02 -43.73
N GLY C 284 6.30 -6.44 -44.03
CA GLY C 284 6.92 -6.15 -45.30
C GLY C 284 6.42 -7.08 -46.39
N GLU C 285 7.00 -6.91 -47.57
CA GLU C 285 6.63 -7.75 -48.70
C GLU C 285 7.10 -9.18 -48.47
N ILE C 286 6.38 -10.12 -49.10
CA ILE C 286 6.64 -11.54 -48.93
C ILE C 286 7.39 -12.06 -50.15
N ILE C 287 8.49 -12.78 -49.90
CA ILE C 287 9.34 -13.27 -50.98
C ILE C 287 8.64 -14.41 -51.71
N GLY C 288 8.68 -14.38 -53.04
CA GLY C 288 8.12 -15.45 -53.84
C GLY C 288 6.62 -15.32 -54.00
N ASP C 289 6.05 -16.27 -54.73
CA ASP C 289 4.61 -16.28 -54.93
C ASP C 289 3.92 -16.39 -53.58
N ILE C 290 3.04 -15.45 -53.29
CA ILE C 290 2.34 -15.41 -52.00
C ILE C 290 1.05 -16.20 -52.15
N ARG C 291 1.00 -17.37 -51.53
CA ARG C 291 -0.18 -18.21 -51.51
C ARG C 291 -0.95 -17.98 -50.21
N GLN C 292 -1.93 -18.83 -49.94
CA GLN C 292 -2.74 -18.74 -48.74
C GLN C 292 -2.41 -19.86 -47.77
N ALA C 293 -2.63 -19.59 -46.47
CA ALA C 293 -2.42 -20.61 -45.46
C ALA C 293 -3.34 -21.81 -45.72
N HIS C 294 -2.85 -23.03 -45.45
CA HIS C 294 -3.67 -24.23 -45.57
C HIS C 294 -3.69 -24.98 -44.24
N CYS C 295 -4.44 -26.09 -44.21
CA CYS C 295 -4.47 -26.99 -43.06
C CYS C 295 -4.87 -28.41 -43.46
N ASN C 296 -4.07 -29.38 -43.02
CA ASN C 296 -4.38 -30.79 -43.29
C ASN C 296 -4.49 -31.50 -41.95
N ILE C 297 -5.63 -32.19 -41.71
CA ILE C 297 -5.97 -32.88 -40.46
C ILE C 297 -6.36 -34.32 -40.78
N SER C 298 -6.14 -35.21 -39.81
CA SER C 298 -6.39 -36.64 -39.99
C SER C 298 -7.87 -36.94 -40.06
N ARG C 299 -8.19 -38.11 -40.63
CA ARG C 299 -9.56 -38.52 -40.90
C ARG C 299 -10.06 -39.65 -40.00
N THR C 300 -9.28 -40.73 -39.87
CA THR C 300 -9.75 -41.95 -39.20
C THR C 300 -9.96 -41.73 -37.70
N LYS C 301 -8.94 -41.22 -37.01
CA LYS C 301 -9.07 -40.99 -35.57
C LYS C 301 -10.23 -40.06 -35.29
N TRP C 302 -10.41 -39.06 -36.15
CA TRP C 302 -11.54 -38.15 -36.01
C TRP C 302 -12.87 -38.87 -36.15
N ASN C 303 -12.96 -39.80 -37.12
CA ASN C 303 -14.18 -40.59 -37.25
C ASN C 303 -14.43 -41.45 -36.02
N ASN C 304 -13.37 -42.04 -35.47
CA ASN C 304 -13.52 -42.83 -34.26
C ASN C 304 -14.02 -41.97 -33.10
N THR C 305 -13.42 -40.79 -32.93
CA THR C 305 -13.87 -39.89 -31.87
C THR C 305 -15.29 -39.40 -32.11
N LEU C 306 -15.66 -39.21 -33.36
CA LEU C 306 -17.01 -38.77 -33.70
C LEU C 306 -18.04 -39.85 -33.39
N ASN C 307 -17.75 -41.09 -33.77
CA ASN C 307 -18.59 -42.20 -33.34
C ASN C 307 -18.67 -42.24 -31.84
N GLN C 308 -17.54 -41.97 -31.18
CA GLN C 308 -17.51 -41.98 -29.73
C GLN C 308 -18.43 -40.93 -29.15
N ILE C 309 -18.42 -39.73 -29.71
CA ILE C 309 -19.29 -38.67 -29.21
C ILE C 309 -20.74 -38.97 -29.52
N ALA C 310 -21.02 -39.33 -30.79
CA ALA C 310 -22.39 -39.63 -31.19
C ALA C 310 -22.96 -40.74 -30.35
N THR C 311 -22.14 -41.74 -30.02
CA THR C 311 -22.51 -42.73 -29.03
C THR C 311 -22.61 -42.12 -27.65
N LYS C 312 -21.77 -41.13 -27.36
CA LYS C 312 -21.78 -40.36 -26.13
C LYS C 312 -22.84 -39.29 -26.14
N LEU C 313 -23.30 -38.90 -27.31
CA LEU C 313 -24.36 -37.92 -27.40
C LEU C 313 -25.70 -38.52 -27.05
N LYS C 314 -25.87 -39.83 -27.22
CA LYS C 314 -27.19 -40.38 -27.07
C LYS C 314 -27.61 -40.23 -25.63
N GLU C 315 -28.21 -39.09 -25.32
CA GLU C 315 -28.63 -38.73 -23.98
C GLU C 315 -30.11 -38.98 -23.77
N GLN C 316 -30.95 -38.33 -24.56
CA GLN C 316 -32.36 -38.69 -24.65
C GLN C 316 -32.70 -39.02 -26.10
N PHE C 317 -31.73 -39.61 -26.80
CA PHE C 317 -31.91 -39.91 -28.20
C PHE C 317 -33.12 -40.81 -28.41
N GLY C 318 -33.95 -40.42 -29.38
CA GLY C 318 -35.12 -41.21 -29.68
C GLY C 318 -34.71 -42.49 -30.37
N ASN C 319 -34.79 -43.60 -29.64
CA ASN C 319 -34.43 -44.90 -30.18
C ASN C 319 -32.99 -44.94 -30.66
N ASN C 320 -32.12 -44.27 -29.90
CA ASN C 320 -30.67 -44.38 -30.06
C ASN C 320 -30.20 -43.85 -31.40
N LYS C 321 -31.01 -43.00 -31.98
CA LYS C 321 -30.56 -42.25 -33.14
C LYS C 321 -31.21 -40.88 -33.07
N THR C 322 -30.55 -39.96 -32.35
CA THR C 322 -30.78 -38.53 -32.46
C THR C 322 -29.43 -37.88 -32.16
N ILE C 323 -28.66 -37.63 -33.22
CA ILE C 323 -27.42 -36.86 -33.17
C ILE C 323 -27.38 -36.11 -34.48
N VAL C 324 -27.30 -34.78 -34.41
CA VAL C 324 -27.24 -33.95 -35.60
C VAL C 324 -26.40 -32.73 -35.29
N PHE C 325 -25.58 -32.32 -36.25
CA PHE C 325 -24.71 -31.16 -36.10
C PHE C 325 -24.91 -30.19 -37.27
N ASN C 326 -24.79 -28.90 -36.96
CA ASN C 326 -24.99 -27.85 -37.95
C ASN C 326 -24.00 -26.72 -37.68
N GLN C 327 -23.67 -25.98 -38.73
CA GLN C 327 -22.78 -24.85 -38.55
C GLN C 327 -23.50 -23.73 -37.82
N SER C 328 -22.73 -22.93 -37.10
CA SER C 328 -23.33 -21.79 -36.43
C SER C 328 -24.03 -20.93 -37.46
N SER C 329 -25.24 -20.48 -37.12
CA SER C 329 -25.98 -19.63 -38.03
C SER C 329 -25.14 -18.43 -38.44
N GLY C 330 -24.41 -17.89 -37.48
CA GLY C 330 -23.55 -16.75 -37.73
C GLY C 330 -23.34 -16.00 -36.44
N GLY C 331 -22.60 -14.91 -36.55
CA GLY C 331 -22.38 -14.05 -35.41
C GLY C 331 -20.98 -13.47 -35.39
N ASP C 332 -20.41 -13.34 -34.21
CA ASP C 332 -19.09 -12.75 -34.07
C ASP C 332 -18.03 -13.69 -34.65
N PRO C 333 -16.97 -13.14 -35.23
CA PRO C 333 -15.88 -14.00 -35.73
C PRO C 333 -15.27 -14.86 -34.65
N GLU C 334 -15.20 -14.37 -33.42
CA GLU C 334 -14.58 -15.13 -32.33
C GLU C 334 -15.50 -16.21 -31.77
N ILE C 335 -16.78 -16.20 -32.12
CA ILE C 335 -17.73 -17.18 -31.62
C ILE C 335 -18.32 -18.05 -32.73
N VAL C 336 -18.09 -17.70 -33.99
CA VAL C 336 -18.53 -18.54 -35.10
C VAL C 336 -17.42 -19.41 -35.66
N MET C 337 -16.20 -19.27 -35.15
CA MET C 337 -15.05 -20.02 -35.65
C MET C 337 -14.04 -20.24 -34.52
N HIS C 338 -13.08 -21.12 -34.78
CA HIS C 338 -12.04 -21.48 -33.81
C HIS C 338 -10.85 -20.54 -33.97
N SER C 339 -10.59 -19.73 -32.95
CA SER C 339 -9.44 -18.85 -32.92
C SER C 339 -8.50 -19.22 -31.78
N PHE C 340 -7.20 -19.04 -32.04
CA PHE C 340 -6.19 -19.25 -31.01
C PHE C 340 -4.95 -18.46 -31.37
N ASN C 341 -3.96 -18.52 -30.48
CA ASN C 341 -2.68 -17.84 -30.66
C ASN C 341 -1.60 -18.90 -30.81
N CYS C 342 -0.67 -18.66 -31.73
CA CYS C 342 0.37 -19.66 -32.02
C CYS C 342 1.54 -18.91 -32.65
N GLY C 343 2.58 -18.67 -31.87
CA GLY C 343 3.70 -17.90 -32.34
C GLY C 343 3.44 -16.41 -32.45
N GLY C 344 2.45 -15.91 -31.71
CA GLY C 344 2.09 -14.51 -31.73
C GLY C 344 1.06 -14.17 -32.79
N GLU C 345 1.02 -14.94 -33.88
CA GLU C 345 0.01 -14.76 -34.90
C GLU C 345 -1.27 -15.44 -34.46
N PHE C 346 -2.37 -14.69 -34.42
CA PHE C 346 -3.63 -15.21 -33.92
C PHE C 346 -4.29 -16.13 -34.95
N PHE C 347 -3.95 -17.42 -34.90
CA PHE C 347 -4.48 -18.35 -35.88
C PHE C 347 -5.97 -18.60 -35.66
N TYR C 348 -6.67 -18.78 -36.78
CA TYR C 348 -8.13 -18.95 -36.84
C TYR C 348 -8.51 -20.08 -37.79
N CYS C 349 -7.89 -21.24 -37.65
CA CYS C 349 -8.26 -22.38 -38.48
C CYS C 349 -9.77 -22.61 -38.41
N ASN C 350 -10.41 -22.69 -39.58
CA ASN C 350 -11.87 -22.77 -39.61
C ASN C 350 -12.35 -24.16 -39.19
N SER C 351 -13.65 -24.27 -38.97
CA SER C 351 -14.27 -25.51 -38.51
C SER C 351 -15.60 -25.75 -39.25
N THR C 352 -15.55 -25.72 -40.58
CA THR C 352 -16.69 -26.04 -41.42
C THR C 352 -16.68 -27.49 -41.88
N GLN C 353 -15.68 -28.28 -41.47
CA GLN C 353 -15.61 -29.69 -41.81
C GLN C 353 -16.26 -30.59 -40.77
N LEU C 354 -16.59 -30.06 -39.59
CA LEU C 354 -17.21 -30.85 -38.53
C LEU C 354 -18.73 -30.76 -38.50
N PHE C 355 -19.32 -29.68 -39.02
CA PHE C 355 -20.76 -29.53 -38.97
C PHE C 355 -21.48 -30.37 -40.01
N ASN C 356 -20.76 -30.89 -41.01
CA ASN C 356 -21.39 -31.64 -42.10
C ASN C 356 -21.18 -33.14 -41.92
N SER C 357 -21.65 -33.71 -40.82
CA SER C 357 -21.56 -35.15 -40.59
C SER C 357 -22.58 -35.58 -39.55
N THR C 358 -23.03 -36.84 -39.66
CA THR C 358 -24.19 -37.29 -38.89
C THR C 358 -24.12 -38.78 -38.58
N TRP C 359 -23.75 -39.13 -37.35
CA TRP C 359 -23.68 -40.54 -36.92
C TRP C 359 -24.94 -40.96 -36.18
N ASN C 360 -26.11 -40.67 -36.73
CA ASN C 360 -27.35 -40.91 -36.02
C ASN C 360 -27.71 -42.39 -36.02
N PHE C 361 -27.96 -42.95 -37.21
CA PHE C 361 -28.35 -44.35 -37.33
C PHE C 361 -27.16 -45.27 -37.08
N ASN C 362 -26.14 -45.16 -37.93
CA ASN C 362 -24.96 -46.00 -37.80
C ASN C 362 -23.76 -45.12 -37.51
N GLY C 363 -23.12 -45.39 -36.39
CA GLY C 363 -21.84 -44.77 -36.21
C GLY C 363 -20.88 -45.43 -37.19
N THR C 364 -21.15 -46.69 -37.52
CA THR C 364 -20.28 -47.40 -38.45
C THR C 364 -20.44 -46.94 -39.89
N TRP C 365 -21.65 -46.53 -40.29
CA TRP C 365 -21.83 -46.14 -41.68
C TRP C 365 -20.93 -44.96 -42.03
N ASN C 366 -20.73 -44.06 -41.08
CA ASN C 366 -19.90 -42.88 -41.27
C ASN C 366 -18.44 -43.13 -40.95
N LEU C 367 -18.08 -44.33 -40.50
CA LEU C 367 -16.71 -44.63 -40.14
C LEU C 367 -15.86 -44.93 -41.38
N THR C 368 -14.57 -44.67 -41.27
CA THR C 368 -13.64 -44.80 -42.38
C THR C 368 -12.52 -45.76 -42.01
N GLN C 369 -12.15 -46.63 -42.95
CA GLN C 369 -11.06 -47.56 -42.75
C GLN C 369 -9.73 -46.89 -43.10
N SER C 370 -8.75 -47.03 -42.21
CA SER C 370 -7.43 -46.44 -42.46
C SER C 370 -6.76 -47.09 -43.65
N ASN C 371 -6.82 -48.42 -43.74
CA ASN C 371 -6.16 -49.12 -44.84
C ASN C 371 -6.77 -48.73 -46.18
N GLY C 372 -8.10 -48.64 -46.25
CA GLY C 372 -8.80 -48.19 -47.43
C GLY C 372 -9.26 -46.76 -47.30
N THR C 373 -8.36 -45.89 -46.86
CA THR C 373 -8.69 -44.48 -46.76
C THR C 373 -9.05 -43.93 -48.13
N GLU C 374 -10.00 -43.00 -48.15
CA GLU C 374 -10.42 -42.46 -49.43
C GLU C 374 -9.35 -41.52 -49.99
N GLY C 375 -9.64 -40.98 -51.17
CA GLY C 375 -8.71 -40.04 -51.77
C GLY C 375 -8.68 -38.71 -51.04
N ASN C 376 -9.86 -38.13 -50.81
CA ASN C 376 -9.97 -36.84 -50.14
C ASN C 376 -10.17 -36.98 -48.64
N ASP C 377 -9.74 -38.11 -48.05
CA ASP C 377 -10.03 -38.34 -46.63
C ASP C 377 -9.33 -37.33 -45.74
N THR C 378 -8.02 -37.09 -45.97
CA THR C 378 -7.26 -36.13 -45.16
C THR C 378 -7.93 -34.76 -45.15
N ILE C 379 -8.52 -34.39 -44.02
CA ILE C 379 -9.21 -33.11 -43.90
C ILE C 379 -8.27 -31.97 -44.23
N THR C 380 -8.57 -31.26 -45.31
CA THR C 380 -7.84 -30.07 -45.73
C THR C 380 -8.83 -28.93 -45.89
N LEU C 381 -8.67 -27.90 -45.09
CA LEU C 381 -9.56 -26.75 -45.07
C LEU C 381 -8.72 -25.48 -44.97
N PRO C 382 -9.25 -24.34 -45.39
CA PRO C 382 -8.50 -23.08 -45.34
C PRO C 382 -8.32 -22.60 -43.90
N CYS C 383 -7.15 -22.01 -43.61
CA CYS C 383 -6.79 -21.53 -42.28
C CYS C 383 -6.40 -20.06 -42.29
N ARG C 384 -7.03 -19.28 -41.41
CA ARG C 384 -6.90 -17.83 -41.35
C ARG C 384 -6.00 -17.41 -40.18
N ILE C 385 -5.59 -16.15 -40.22
CA ILE C 385 -4.77 -15.53 -39.18
C ILE C 385 -5.30 -14.13 -38.88
N LYS C 386 -4.66 -13.42 -37.95
CA LYS C 386 -5.10 -12.07 -37.61
C LYS C 386 -3.96 -11.32 -36.91
N GLN C 387 -4.08 -9.99 -36.88
CA GLN C 387 -3.09 -9.12 -36.27
C GLN C 387 -3.57 -8.45 -34.98
N ILE C 388 -4.82 -7.99 -34.94
CA ILE C 388 -5.36 -7.33 -33.75
C ILE C 388 -6.33 -8.27 -33.04
N ILE C 389 -6.60 -7.99 -31.76
CA ILE C 389 -7.48 -8.84 -30.97
C ILE C 389 -7.96 -8.06 -29.75
N ASN C 390 -9.15 -8.40 -29.26
CA ASN C 390 -9.72 -7.84 -28.03
C ASN C 390 -10.01 -9.00 -27.07
N MET C 391 -9.20 -9.09 -26.01
CA MET C 391 -9.33 -10.18 -25.03
C MET C 391 -10.59 -10.05 -24.19
N TRP C 392 -11.25 -11.18 -23.96
CA TRP C 392 -12.45 -11.26 -23.10
C TRP C 392 -13.54 -10.31 -23.59
N GLN C 393 -13.59 -10.11 -24.90
CA GLN C 393 -14.62 -9.29 -25.54
C GLN C 393 -14.73 -7.90 -24.91
N GLU C 394 -13.59 -7.20 -24.84
CA GLU C 394 -13.49 -5.88 -24.21
C GLU C 394 -13.20 -4.81 -25.26
N VAL C 395 -14.15 -3.90 -25.47
CA VAL C 395 -14.05 -2.86 -26.49
C VAL C 395 -13.27 -1.64 -26.00
N GLY C 396 -12.03 -1.51 -26.44
CA GLY C 396 -11.19 -0.38 -26.06
C GLY C 396 -9.95 -0.23 -26.93
N LYS C 397 -8.86 0.23 -26.30
CA LYS C 397 -7.56 0.33 -26.97
C LYS C 397 -7.11 -1.04 -27.47
N ALA C 398 -6.86 -1.14 -28.78
CA ALA C 398 -6.46 -2.40 -29.40
C ALA C 398 -4.94 -2.52 -29.47
N MET C 399 -4.47 -3.63 -30.06
CA MET C 399 -3.05 -3.91 -30.21
C MET C 399 -2.77 -4.31 -31.66
N TYR C 400 -1.49 -4.56 -31.95
CA TYR C 400 -1.04 -4.92 -33.29
C TYR C 400 -0.04 -6.06 -33.19
N ALA C 401 -0.38 -7.20 -33.79
CA ALA C 401 0.53 -8.33 -33.81
C ALA C 401 1.63 -8.07 -34.83
N PRO C 402 2.89 -8.18 -34.43
CA PRO C 402 3.98 -8.01 -35.39
C PRO C 402 4.09 -9.24 -36.26
N PRO C 403 4.91 -9.20 -37.30
CA PRO C 403 5.15 -10.40 -38.08
C PRO C 403 5.97 -11.39 -37.28
N ILE C 404 5.93 -12.64 -37.73
CA ILE C 404 6.78 -13.68 -37.17
C ILE C 404 7.99 -13.93 -38.07
N ARG C 405 8.06 -13.25 -39.21
CA ARG C 405 9.16 -13.35 -40.16
C ARG C 405 9.56 -14.80 -40.40
N GLY C 406 8.64 -15.59 -40.91
CA GLY C 406 8.88 -16.99 -41.21
C GLY C 406 7.58 -17.71 -41.46
N GLN C 407 7.70 -18.90 -42.06
CA GLN C 407 6.54 -19.75 -42.29
C GLN C 407 5.90 -20.08 -40.96
N ILE C 408 4.66 -19.64 -40.76
CA ILE C 408 4.02 -19.85 -39.46
C ILE C 408 3.60 -21.32 -39.37
N ARG C 409 4.28 -22.09 -38.54
CA ARG C 409 3.94 -23.48 -38.30
C ARG C 409 3.29 -23.56 -36.94
N CYS C 410 2.03 -23.98 -36.92
CA CYS C 410 1.34 -24.21 -35.66
C CYS C 410 0.97 -25.68 -35.59
N SER C 411 1.35 -26.32 -34.49
CA SER C 411 0.95 -27.68 -34.19
C SER C 411 0.15 -27.62 -32.90
N SER C 412 -1.16 -27.81 -33.02
CA SER C 412 -2.04 -27.84 -31.87
C SER C 412 -2.73 -29.19 -31.80
N ASN C 413 -3.20 -29.54 -30.61
CA ASN C 413 -3.88 -30.80 -30.38
C ASN C 413 -5.29 -30.55 -29.89
N ILE C 414 -6.06 -31.63 -29.77
CA ILE C 414 -7.49 -31.55 -29.47
C ILE C 414 -7.81 -32.43 -28.27
N THR C 415 -8.54 -31.86 -27.31
CA THR C 415 -8.94 -32.60 -26.12
C THR C 415 -10.31 -32.18 -25.58
N GLY C 416 -11.02 -31.30 -26.28
CA GLY C 416 -12.30 -30.81 -25.82
C GLY C 416 -13.11 -30.18 -26.94
N LEU C 417 -14.36 -29.87 -26.63
CA LEU C 417 -15.26 -29.28 -27.62
C LEU C 417 -16.41 -28.58 -26.90
N ILE C 418 -16.94 -27.54 -27.54
CA ILE C 418 -18.09 -26.81 -27.03
C ILE C 418 -19.16 -26.81 -28.10
N LEU C 419 -20.39 -27.15 -27.71
CA LEU C 419 -21.52 -27.10 -28.61
C LEU C 419 -22.61 -26.27 -27.95
N THR C 420 -23.60 -25.91 -28.76
CA THR C 420 -24.80 -25.26 -28.26
C THR C 420 -25.97 -25.98 -28.90
N ARG C 421 -26.87 -26.48 -28.07
CA ARG C 421 -28.04 -27.14 -28.62
C ARG C 421 -28.88 -26.11 -29.36
N ASP C 422 -29.57 -26.56 -30.39
CA ASP C 422 -30.33 -25.66 -31.24
C ASP C 422 -31.72 -25.48 -30.66
N GLY C 423 -32.05 -24.23 -30.31
CA GLY C 423 -33.35 -23.93 -29.77
C GLY C 423 -34.37 -23.58 -30.84
N GLY C 424 -33.90 -23.12 -31.99
CA GLY C 424 -34.80 -22.74 -33.06
C GLY C 424 -35.15 -23.92 -33.93
N THR C 425 -35.61 -24.99 -33.30
CA THR C 425 -35.94 -26.24 -33.99
C THR C 425 -36.90 -27.02 -33.10
N ASN C 426 -37.20 -28.25 -33.51
CA ASN C 426 -38.12 -29.08 -32.74
C ASN C 426 -37.50 -29.52 -31.42
N SER C 427 -38.34 -29.71 -30.41
CA SER C 427 -37.86 -30.09 -29.08
C SER C 427 -37.57 -31.58 -28.98
N SER C 428 -38.44 -32.42 -29.56
CA SER C 428 -38.30 -33.86 -29.47
C SER C 428 -38.11 -34.52 -30.83
N GLY C 429 -38.03 -33.75 -31.91
CA GLY C 429 -37.88 -34.32 -33.23
C GLY C 429 -36.48 -34.80 -33.53
N SER C 430 -35.50 -33.90 -33.39
CA SER C 430 -34.10 -34.21 -33.66
C SER C 430 -33.23 -33.28 -32.85
N GLU C 431 -32.24 -33.83 -32.17
CA GLU C 431 -31.33 -33.00 -31.38
C GLU C 431 -30.28 -32.37 -32.28
N ILE C 432 -30.26 -31.05 -32.33
CA ILE C 432 -29.32 -30.30 -33.16
C ILE C 432 -28.32 -29.63 -32.25
N PHE C 433 -27.04 -29.90 -32.48
CA PHE C 433 -25.98 -29.16 -31.82
C PHE C 433 -25.27 -28.30 -32.85
N ARG C 434 -24.94 -27.10 -32.44
CA ARG C 434 -24.26 -26.12 -33.28
C ARG C 434 -23.06 -25.62 -32.51
N PRO C 435 -22.01 -25.21 -33.21
CA PRO C 435 -20.83 -24.69 -32.49
C PRO C 435 -21.22 -23.44 -31.72
N GLY C 436 -20.87 -23.41 -30.45
CA GLY C 436 -21.06 -22.23 -29.64
C GLY C 436 -19.73 -21.81 -29.06
N GLY C 437 -19.39 -20.54 -29.26
CA GLY C 437 -18.14 -20.02 -28.76
C GLY C 437 -18.41 -18.81 -27.92
N GLY C 438 -19.68 -18.63 -27.58
CA GLY C 438 -20.10 -17.48 -26.80
C GLY C 438 -19.35 -17.35 -25.50
N ASP C 439 -19.47 -18.36 -24.63
CA ASP C 439 -18.81 -18.30 -23.34
C ASP C 439 -17.35 -18.71 -23.47
N MET C 440 -16.44 -17.79 -23.14
CA MET C 440 -15.02 -18.06 -23.16
C MET C 440 -14.53 -18.67 -21.85
N ARG C 441 -15.36 -18.69 -20.80
CA ARG C 441 -14.98 -19.34 -19.56
C ARG C 441 -15.31 -20.83 -19.53
N ASP C 442 -16.17 -21.31 -20.43
CA ASP C 442 -16.33 -22.75 -20.56
C ASP C 442 -15.00 -23.40 -20.93
N ASN C 443 -14.19 -22.70 -21.74
CA ASN C 443 -12.86 -23.20 -22.05
C ASN C 443 -12.00 -23.31 -20.80
N TRP C 444 -12.08 -22.31 -19.92
CA TRP C 444 -11.23 -22.27 -18.73
C TRP C 444 -11.73 -23.19 -17.62
N ARG C 445 -13.01 -23.54 -17.61
CA ARG C 445 -13.59 -24.41 -16.59
C ARG C 445 -13.61 -25.87 -16.98
N SER C 446 -13.30 -26.21 -18.24
CA SER C 446 -13.33 -27.60 -18.65
C SER C 446 -12.38 -28.43 -17.82
N GLU C 447 -11.24 -27.85 -17.43
CA GLU C 447 -10.22 -28.55 -16.67
C GLU C 447 -10.34 -28.30 -15.17
N LEU C 448 -11.36 -27.56 -14.74
CA LEU C 448 -11.53 -27.17 -13.34
C LEU C 448 -12.72 -27.87 -12.69
N TYR C 449 -13.05 -29.06 -13.16
CA TYR C 449 -14.18 -29.82 -12.64
C TYR C 449 -13.78 -30.73 -11.48
N LYS C 450 -12.50 -30.79 -11.15
CA LYS C 450 -12.02 -31.63 -10.07
C LYS C 450 -11.46 -30.73 -8.97
N TYR C 451 -10.74 -29.70 -9.37
CA TYR C 451 -10.16 -28.81 -8.39
C TYR C 451 -11.25 -28.06 -7.66
N LYS C 452 -11.07 -27.94 -6.35
CA LYS C 452 -11.98 -27.15 -5.53
C LYS C 452 -11.17 -26.63 -4.38
N VAL C 453 -10.97 -25.31 -4.36
CA VAL C 453 -10.27 -24.73 -3.23
C VAL C 453 -11.01 -25.15 -1.98
N VAL C 454 -10.26 -25.70 -1.03
CA VAL C 454 -10.83 -26.28 0.17
C VAL C 454 -10.14 -25.64 1.36
N LYS C 455 -10.94 -25.16 2.30
CA LYS C 455 -10.40 -24.56 3.50
C LYS C 455 -10.02 -25.63 4.50
N ILE C 456 -9.03 -25.31 5.35
CA ILE C 456 -8.55 -26.23 6.37
C ILE C 456 -8.64 -25.53 7.72
N GLU C 457 -9.38 -26.12 8.65
CA GLU C 457 -9.59 -25.55 9.99
C GLU C 457 -9.13 -26.54 11.06
N PRO C 458 -8.11 -26.20 11.87
CA PRO C 458 -7.67 -27.15 12.91
C PRO C 458 -8.62 -27.22 14.12
N LEU C 459 -9.41 -26.19 14.39
CA LEU C 459 -10.28 -26.19 15.57
C LEU C 459 -11.29 -27.33 15.52
N GLY C 460 -11.48 -27.98 16.67
CA GLY C 460 -12.49 -29.04 16.74
C GLY C 460 -13.02 -29.34 18.13
N VAL C 461 -14.34 -29.31 18.33
CA VAL C 461 -14.92 -29.59 19.63
C VAL C 461 -15.40 -31.02 19.63
N ALA C 462 -15.48 -31.58 20.80
CA ALA C 462 -15.92 -32.95 20.82
C ALA C 462 -16.08 -33.37 22.26
N PRO C 463 -17.21 -33.83 22.63
CA PRO C 463 -17.44 -34.35 23.96
C PRO C 463 -16.48 -35.52 24.14
N THR C 464 -15.66 -35.40 25.16
CA THR C 464 -14.75 -36.49 25.49
C THR C 464 -14.79 -36.73 26.99
N LYS C 465 -14.65 -38.00 27.37
CA LYS C 465 -14.75 -38.40 28.76
C LYS C 465 -13.59 -37.84 29.58
N GLY D 1 -0.13 -37.73 5.27
CA GLY D 1 -1.54 -37.45 5.36
C GLY D 1 -1.83 -35.98 5.60
N PHE D 2 -1.73 -35.19 4.53
CA PHE D 2 -2.04 -33.77 4.64
C PHE D 2 -3.44 -33.57 5.21
N LEU D 3 -4.43 -34.21 4.59
CA LEU D 3 -5.82 -34.05 5.01
C LEU D 3 -6.59 -35.36 5.04
N GLY D 4 -6.09 -36.41 4.39
CA GLY D 4 -6.68 -37.73 4.52
C GLY D 4 -6.34 -38.31 5.88
N ALA D 5 -6.35 -39.64 5.95
CA ALA D 5 -6.11 -40.40 7.16
C ALA D 5 -7.31 -40.35 8.09
N ALA D 6 -8.41 -39.73 7.66
CA ALA D 6 -9.62 -39.64 8.48
C ALA D 6 -10.81 -39.56 7.53
N GLY D 7 -11.43 -40.71 7.26
CA GLY D 7 -12.67 -40.69 6.51
C GLY D 7 -13.83 -40.48 7.46
N SER D 8 -13.93 -41.34 8.47
CA SER D 8 -14.96 -41.19 9.50
C SER D 8 -14.33 -41.66 10.82
N THR D 9 -13.65 -40.74 11.47
CA THR D 9 -12.90 -41.11 12.66
C THR D 9 -12.72 -39.88 13.51
N MET D 10 -12.51 -40.16 14.78
CA MET D 10 -12.25 -39.12 15.74
C MET D 10 -10.92 -39.42 16.42
N GLY D 11 -10.66 -40.71 16.62
CA GLY D 11 -9.39 -41.13 17.19
C GLY D 11 -8.27 -41.12 16.16
N ALA D 12 -8.47 -41.80 15.04
CA ALA D 12 -7.45 -41.78 14.00
C ALA D 12 -7.25 -40.36 13.46
N ALA D 13 -8.35 -39.62 13.28
CA ALA D 13 -8.24 -38.23 12.89
C ALA D 13 -7.42 -37.44 13.89
N SER D 14 -7.64 -37.70 15.19
CA SER D 14 -6.88 -37.01 16.22
C SER D 14 -5.40 -37.39 16.21
N MET D 15 -5.08 -38.62 15.80
CA MET D 15 -3.69 -39.07 15.83
C MET D 15 -2.89 -38.65 14.61
N THR D 16 -3.55 -38.25 13.52
CA THR D 16 -2.90 -37.80 12.30
C THR D 16 -2.90 -36.28 12.19
N LEU D 17 -3.11 -35.60 13.32
CA LEU D 17 -3.20 -34.14 13.31
C LEU D 17 -1.85 -33.50 13.02
N THR D 18 -0.78 -34.00 13.63
CA THR D 18 0.53 -33.41 13.41
C THR D 18 0.98 -33.57 11.97
N VAL D 19 0.71 -34.74 11.38
CA VAL D 19 1.04 -34.95 9.97
C VAL D 19 0.25 -33.98 9.10
N GLN D 20 -1.04 -33.83 9.38
CA GLN D 20 -1.85 -32.89 8.61
C GLN D 20 -1.33 -31.45 8.78
N ALA D 21 -0.96 -31.09 10.02
CA ALA D 21 -0.50 -29.74 10.31
C ALA D 21 0.82 -29.43 9.62
N ARG D 22 1.75 -30.39 9.63
CA ARG D 22 3.02 -30.19 8.95
C ARG D 22 2.87 -30.19 7.44
N GLN D 23 1.97 -31.01 6.89
CA GLN D 23 1.78 -31.04 5.45
C GLN D 23 1.11 -29.76 4.96
N LEU D 24 0.20 -29.20 5.77
CA LEU D 24 -0.55 -28.03 5.36
C LEU D 24 0.30 -26.76 5.40
N LEU D 25 1.14 -26.62 6.43
CA LEU D 25 1.95 -25.41 6.61
C LEU D 25 3.28 -25.49 5.90
N SER D 26 3.36 -26.19 4.76
CA SER D 26 4.61 -26.40 4.04
C SER D 26 4.79 -25.44 2.86
N GLY D 27 3.90 -24.45 2.69
CA GLY D 27 3.98 -23.55 1.55
C GLY D 27 5.14 -22.56 1.61
N ILE D 28 5.77 -22.42 2.77
CA ILE D 28 6.91 -21.51 2.90
C ILE D 28 8.08 -21.98 2.03
N VAL D 29 8.24 -23.30 1.92
CA VAL D 29 9.26 -23.84 1.02
C VAL D 29 8.98 -23.40 -0.40
N GLN D 30 7.72 -23.48 -0.84
CA GLN D 30 7.34 -23.05 -2.19
C GLN D 30 7.65 -21.58 -2.39
N GLN D 31 7.35 -20.76 -1.38
CA GLN D 31 7.67 -19.34 -1.46
C GLN D 31 9.19 -19.11 -1.48
N GLN D 32 9.96 -20.12 -1.04
CA GLN D 32 11.42 -19.97 -1.00
C GLN D 32 12.06 -20.13 -2.36
N ASN D 33 11.62 -21.12 -3.12
CA ASN D 33 11.93 -21.27 -4.52
C ASN D 33 11.04 -20.38 -5.37
N ASN D 34 11.16 -19.07 -5.12
CA ASN D 34 10.56 -18.07 -5.98
C ASN D 34 11.39 -17.85 -7.24
N LEU D 35 12.71 -17.88 -7.10
CA LEU D 35 13.58 -17.67 -8.24
C LEU D 35 13.06 -16.49 -9.07
N LEU D 36 12.28 -15.63 -8.43
CA LEU D 36 11.31 -14.81 -9.13
C LEU D 36 11.65 -13.34 -9.07
N ARG D 37 12.92 -13.01 -8.86
CA ARG D 37 13.31 -11.63 -8.54
C ARG D 37 12.88 -10.67 -9.63
N ALA D 38 13.48 -10.79 -10.82
CA ALA D 38 13.16 -9.91 -11.94
C ALA D 38 13.04 -10.62 -13.27
N ILE D 39 13.74 -11.72 -13.50
CA ILE D 39 13.70 -12.42 -14.77
C ILE D 39 13.80 -13.90 -14.50
N GLU D 40 13.37 -14.71 -15.48
CA GLU D 40 13.54 -16.15 -15.44
C GLU D 40 14.94 -16.54 -15.85
N ALA D 41 15.48 -16.18 -17.01
CA ALA D 41 16.84 -16.58 -17.36
C ALA D 41 17.61 -15.53 -18.17
N GLN D 42 16.92 -14.88 -19.11
CA GLN D 42 17.59 -13.89 -19.94
C GLN D 42 17.01 -12.47 -19.84
N GLN D 43 15.72 -12.30 -20.13
CA GLN D 43 15.15 -10.95 -20.07
C GLN D 43 13.81 -11.03 -19.38
N HIS D 44 13.22 -9.87 -19.14
CA HIS D 44 11.90 -9.90 -18.52
C HIS D 44 11.45 -8.47 -18.26
N LEU D 45 10.14 -8.31 -18.08
CA LEU D 45 9.63 -7.07 -17.56
C LEU D 45 9.03 -7.22 -16.17
N LEU D 46 8.57 -6.08 -15.67
CA LEU D 46 7.99 -5.96 -14.34
C LEU D 46 6.84 -6.93 -14.13
N GLN D 47 5.79 -6.78 -14.92
CA GLN D 47 4.67 -7.73 -14.96
C GLN D 47 3.96 -7.86 -13.62
N LEU D 48 4.42 -7.13 -12.61
CA LEU D 48 3.86 -7.32 -11.30
C LEU D 48 2.44 -6.80 -11.42
N THR D 49 1.48 -7.71 -11.36
CA THR D 49 0.11 -7.28 -11.62
C THR D 49 -0.68 -7.49 -10.34
N VAL D 50 -1.95 -7.08 -10.39
CA VAL D 50 -2.83 -7.31 -9.26
C VAL D 50 -2.87 -8.79 -8.95
N TRP D 51 -2.61 -9.63 -9.96
CA TRP D 51 -2.59 -11.06 -9.73
C TRP D 51 -1.58 -11.45 -8.64
N GLY D 52 -0.35 -10.98 -8.75
CA GLY D 52 0.71 -11.43 -7.84
C GLY D 52 0.81 -10.64 -6.55
N ILE D 53 0.55 -9.34 -6.66
CA ILE D 53 0.35 -8.55 -5.44
C ILE D 53 -0.74 -9.20 -4.60
N ARG D 54 -1.76 -9.74 -5.26
CA ARG D 54 -2.81 -10.45 -4.54
C ARG D 54 -2.44 -11.88 -4.19
N GLN D 55 -1.48 -12.49 -4.89
CA GLN D 55 -0.90 -13.73 -4.40
C GLN D 55 -0.27 -13.52 -3.02
N LEU D 56 0.57 -12.50 -2.91
CA LEU D 56 1.13 -12.12 -1.61
C LEU D 56 0.02 -11.68 -0.65
N GLN D 57 -1.03 -11.05 -1.17
CA GLN D 57 -2.10 -10.56 -0.31
C GLN D 57 -2.94 -11.70 0.28
N ALA D 58 -3.26 -12.71 -0.54
CA ALA D 58 -3.92 -13.90 -0.02
C ALA D 58 -3.00 -14.64 0.94
N ARG D 59 -1.69 -14.68 0.65
CA ARG D 59 -0.72 -15.18 1.62
C ARG D 59 -0.88 -14.46 2.96
N VAL D 60 -0.92 -13.13 2.91
CA VAL D 60 -1.02 -12.32 4.12
C VAL D 60 -2.33 -12.62 4.86
N LEU D 61 -3.44 -12.72 4.13
CA LEU D 61 -4.72 -12.95 4.80
C LEU D 61 -4.74 -14.31 5.52
N ALA D 62 -4.27 -15.38 4.84
CA ALA D 62 -4.24 -16.68 5.51
C ALA D 62 -3.29 -16.68 6.71
N VAL D 63 -2.09 -16.11 6.54
CA VAL D 63 -1.13 -16.13 7.66
C VAL D 63 -1.65 -15.27 8.83
N GLU D 64 -2.44 -14.24 8.53
CA GLU D 64 -3.15 -13.51 9.58
C GLU D 64 -4.17 -14.38 10.28
N ARG D 65 -4.84 -15.26 9.52
CA ARG D 65 -5.77 -16.21 10.14
C ARG D 65 -5.03 -17.14 11.10
N TYR D 66 -3.87 -17.64 10.68
CA TYR D 66 -3.05 -18.45 11.60
C TYR D 66 -2.59 -17.63 12.81
N LEU D 67 -2.30 -16.33 12.61
CA LEU D 67 -1.95 -15.46 13.73
C LEU D 67 -3.12 -15.33 14.72
N ARG D 68 -4.34 -15.15 14.21
CA ARG D 68 -5.51 -15.14 15.08
C ARG D 68 -5.66 -16.47 15.81
N ASP D 69 -5.29 -17.57 15.14
CA ASP D 69 -5.26 -18.87 15.82
C ASP D 69 -4.31 -18.83 17.01
N GLN D 70 -3.11 -18.30 16.81
CA GLN D 70 -2.15 -18.21 17.91
C GLN D 70 -2.66 -17.29 19.02
N GLN D 71 -3.34 -16.20 18.66
CA GLN D 71 -3.91 -15.32 19.67
C GLN D 71 -4.98 -16.04 20.50
N LEU D 72 -5.83 -16.83 19.85
CA LEU D 72 -6.80 -17.62 20.59
C LEU D 72 -6.13 -18.62 21.51
N LEU D 73 -5.08 -19.29 21.01
CA LEU D 73 -4.31 -20.18 21.89
C LEU D 73 -3.82 -19.42 23.12
N GLY D 74 -3.39 -18.17 22.93
CA GLY D 74 -2.96 -17.36 24.07
C GLY D 74 -4.08 -17.00 25.01
N ILE D 75 -5.27 -16.70 24.49
CA ILE D 75 -6.38 -16.26 25.32
C ILE D 75 -6.81 -17.36 26.28
N TRP D 76 -6.92 -18.59 25.78
CA TRP D 76 -7.34 -19.72 26.60
C TRP D 76 -6.21 -20.34 27.40
N GLY D 77 -4.98 -19.86 27.24
CA GLY D 77 -3.87 -20.60 27.78
C GLY D 77 -3.69 -21.96 27.15
N CYS D 78 -3.92 -22.07 25.84
CA CYS D 78 -3.98 -23.34 25.13
C CYS D 78 -2.89 -23.49 24.08
N SER D 79 -1.78 -22.78 24.22
CA SER D 79 -0.74 -22.74 23.18
C SER D 79 0.36 -23.79 23.36
N GLY D 80 0.27 -24.66 24.37
CA GLY D 80 1.36 -25.60 24.62
C GLY D 80 1.56 -26.60 23.49
N LYS D 81 0.47 -27.20 23.02
CA LYS D 81 0.50 -28.19 21.95
C LYS D 81 -0.95 -28.48 21.55
N LEU D 82 -1.12 -29.37 20.59
CA LEU D 82 -2.47 -29.70 20.12
C LEU D 82 -3.31 -30.34 21.22
N ILE D 83 -2.67 -30.91 22.23
CA ILE D 83 -3.35 -31.57 23.34
C ILE D 83 -3.60 -30.53 24.44
N CYS D 84 -4.86 -30.06 24.57
CA CYS D 84 -5.23 -29.05 25.56
C CYS D 84 -6.74 -29.11 25.77
N THR D 85 -7.17 -29.33 27.02
CA THR D 85 -8.57 -29.59 27.34
C THR D 85 -9.33 -28.29 27.65
N THR D 86 -10.61 -28.45 27.97
CA THR D 86 -11.49 -27.34 28.34
C THR D 86 -12.12 -27.62 29.69
N ALA D 87 -12.32 -26.57 30.47
CA ALA D 87 -13.04 -26.65 31.74
C ALA D 87 -14.54 -26.47 31.55
N VAL D 88 -15.06 -26.82 30.38
CA VAL D 88 -16.45 -26.58 30.00
C VAL D 88 -17.08 -27.91 29.56
N PRO D 89 -18.22 -28.30 30.10
CA PRO D 89 -18.87 -29.54 29.66
C PRO D 89 -19.75 -29.33 28.43
N TRP D 90 -19.89 -30.39 27.65
CA TRP D 90 -20.76 -30.36 26.48
C TRP D 90 -22.21 -30.23 26.92
N ASN D 91 -22.85 -29.12 26.57
CA ASN D 91 -24.21 -28.92 27.00
C ASN D 91 -25.09 -30.01 26.42
N ALA D 92 -26.19 -30.33 27.11
CA ALA D 92 -27.14 -31.29 26.58
C ALA D 92 -27.77 -30.66 25.34
N SER D 93 -27.19 -29.54 24.93
CA SER D 93 -27.57 -28.88 23.68
C SER D 93 -27.55 -29.84 22.51
N TRP D 94 -26.36 -30.32 22.15
CA TRP D 94 -26.27 -31.41 21.20
C TRP D 94 -27.34 -32.44 21.54
N SER D 95 -27.74 -33.19 20.56
CA SER D 95 -28.76 -34.18 20.80
C SER D 95 -28.15 -35.41 21.44
N ASN D 96 -28.98 -36.19 22.13
CA ASN D 96 -28.52 -37.42 22.70
C ASN D 96 -27.71 -38.20 21.67
N LYS D 97 -26.46 -38.46 21.99
CA LYS D 97 -25.63 -39.22 21.07
C LYS D 97 -24.56 -39.92 21.87
N SER D 98 -24.22 -41.11 21.43
CA SER D 98 -23.11 -41.79 22.06
C SER D 98 -21.85 -41.04 21.68
N LEU D 99 -20.98 -40.89 22.65
CA LEU D 99 -19.74 -40.18 22.43
C LEU D 99 -18.83 -40.98 21.51
N GLU D 100 -18.48 -42.20 21.92
CA GLU D 100 -17.63 -43.03 21.08
C GLU D 100 -18.20 -43.17 19.69
N GLN D 101 -19.52 -43.26 19.55
CA GLN D 101 -20.09 -43.27 18.21
C GLN D 101 -20.04 -41.90 17.55
N ILE D 102 -20.23 -40.82 18.32
CA ILE D 102 -19.94 -39.52 17.74
C ILE D 102 -18.51 -39.50 17.20
N TRP D 103 -17.61 -40.19 17.86
CA TRP D 103 -16.25 -40.21 17.39
C TRP D 103 -16.12 -41.00 16.09
N ASN D 104 -16.61 -42.24 16.09
CA ASN D 104 -16.31 -43.18 15.02
C ASN D 104 -17.19 -43.00 13.82
N ASN D 105 -18.32 -42.37 13.99
CA ASN D 105 -19.29 -42.20 12.92
C ASN D 105 -19.74 -40.76 12.86
N MET D 106 -18.89 -39.81 13.30
CA MET D 106 -19.13 -38.39 13.03
C MET D 106 -18.03 -37.77 12.21
N THR D 107 -16.92 -38.47 11.97
CA THR D 107 -15.80 -37.97 11.19
C THR D 107 -15.34 -36.62 11.73
N TRP D 108 -15.69 -36.34 12.98
CA TRP D 108 -15.51 -35.03 13.61
C TRP D 108 -16.49 -34.05 13.02
N MET D 109 -17.04 -34.39 11.87
CA MET D 109 -17.85 -33.45 11.12
C MET D 109 -19.32 -33.54 11.49
N GLU D 110 -19.83 -34.74 11.72
CA GLU D 110 -21.23 -34.89 12.06
C GLU D 110 -21.51 -34.39 13.47
N TRP D 111 -20.63 -34.73 14.42
CA TRP D 111 -20.77 -34.19 15.75
C TRP D 111 -20.61 -32.69 15.74
N ASP D 112 -19.66 -32.18 14.94
CA ASP D 112 -19.47 -30.75 14.86
C ASP D 112 -20.71 -30.07 14.27
N ARG D 113 -21.32 -30.71 13.27
CA ARG D 113 -22.29 -30.02 12.42
C ARG D 113 -23.59 -29.79 13.20
N GLU D 114 -24.18 -30.89 13.75
CA GLU D 114 -25.22 -30.85 14.77
C GLU D 114 -24.69 -30.80 16.20
N ILE D 115 -23.59 -30.09 16.40
CA ILE D 115 -23.29 -29.45 17.66
C ILE D 115 -22.91 -28.06 17.26
N ASN D 116 -23.05 -27.82 15.97
CA ASN D 116 -22.30 -26.76 15.34
C ASN D 116 -22.54 -25.44 16.02
N ASN D 117 -23.79 -25.00 16.12
CA ASN D 117 -23.99 -23.84 16.98
C ASN D 117 -23.91 -24.27 18.42
N TYR D 118 -23.96 -25.58 18.67
CA TYR D 118 -23.64 -26.09 20.00
C TYR D 118 -22.14 -26.08 20.27
N THR D 119 -21.33 -26.45 19.27
CA THR D 119 -19.88 -26.43 19.41
C THR D 119 -19.39 -25.02 19.66
N SER D 120 -19.90 -24.05 18.89
CA SER D 120 -19.62 -22.65 19.16
C SER D 120 -20.28 -22.19 20.44
N LEU D 121 -21.47 -22.72 20.76
CA LEU D 121 -22.10 -22.38 22.02
C LEU D 121 -21.21 -22.78 23.19
N ILE D 122 -20.57 -23.94 23.07
CA ILE D 122 -19.62 -24.36 24.09
C ILE D 122 -18.29 -23.64 23.96
N HIS D 123 -18.09 -22.87 22.89
CA HIS D 123 -16.79 -22.24 22.66
C HIS D 123 -16.54 -21.05 23.58
N SER D 124 -17.47 -20.10 23.63
CA SER D 124 -17.19 -18.83 24.32
C SER D 124 -17.05 -19.01 25.82
N LEU D 125 -17.61 -20.10 26.37
CA LEU D 125 -17.55 -20.31 27.82
C LEU D 125 -16.12 -20.51 28.30
N ILE D 126 -15.23 -20.94 27.40
CA ILE D 126 -13.91 -21.42 27.79
C ILE D 126 -13.06 -20.29 28.38
N GLU D 127 -13.15 -19.09 27.81
CA GLU D 127 -12.28 -18.00 28.23
C GLU D 127 -12.48 -17.62 29.70
N GLU D 128 -13.74 -17.55 30.14
CA GLU D 128 -14.07 -17.12 31.50
C GLU D 128 -14.45 -18.31 32.36
N ALA D 129 -14.11 -19.51 31.89
CA ALA D 129 -14.47 -20.75 32.55
C ALA D 129 -13.21 -21.57 32.75
N GLN D 130 -12.24 -21.32 31.88
CA GLN D 130 -10.94 -21.99 31.95
C GLN D 130 -9.87 -21.00 32.38
N ASN D 131 -10.17 -19.71 32.24
CA ASN D 131 -9.25 -18.65 32.62
C ASN D 131 -9.86 -17.73 33.67
N GLN D 132 -11.16 -17.50 33.56
CA GLN D 132 -11.88 -16.66 34.51
C GLN D 132 -12.15 -17.45 35.79
N GLN D 133 -12.61 -18.67 35.62
CA GLN D 133 -12.90 -19.56 36.75
C GLN D 133 -11.78 -20.59 36.86
N GLU D 134 -10.55 -20.11 36.73
CA GLU D 134 -9.42 -20.95 36.37
C GLU D 134 -8.87 -21.74 37.56
N LYS D 135 -9.10 -23.05 37.54
CA LYS D 135 -8.62 -23.92 38.60
C LYS D 135 -7.35 -24.62 38.15
N ASN D 136 -6.65 -25.26 39.09
CA ASN D 136 -5.41 -25.96 38.77
C ASN D 136 -5.69 -27.36 38.23
N GLU D 137 -5.17 -28.36 38.94
CA GLU D 137 -5.36 -29.76 38.54
C GLU D 137 -6.28 -30.48 39.52
N GLN D 138 -5.90 -31.69 39.88
CA GLN D 138 -6.69 -32.49 40.80
C GLN D 138 -6.39 -32.11 42.25
N GLU D 139 -7.22 -32.62 43.17
CA GLU D 139 -7.10 -32.37 44.60
C GLU D 139 -6.88 -33.71 45.28
N LEU D 140 -5.62 -34.08 45.44
CA LEU D 140 -5.26 -35.35 46.08
C LEU D 140 -4.19 -35.15 47.14
N LEU D 141 -4.03 -36.15 48.01
CA LEU D 141 -3.04 -36.09 49.07
C LEU D 141 -1.76 -36.82 48.68
N GLU D 142 -0.84 -36.92 49.63
CA GLU D 142 0.44 -37.60 49.39
C GLU D 142 0.86 -38.42 50.60
N LYS E 1 25.65 -39.69 25.24
CA LYS E 1 24.50 -39.43 24.38
C LYS E 1 24.48 -37.97 23.91
N LEU E 2 24.62 -37.77 22.59
CA LEU E 2 24.60 -36.44 22.01
C LEU E 2 23.16 -36.06 21.65
N TRP E 3 22.30 -36.10 22.67
CA TRP E 3 20.93 -35.66 22.48
C TRP E 3 20.95 -34.28 21.85
N VAL E 4 20.33 -34.15 20.67
CA VAL E 4 20.26 -32.83 20.06
C VAL E 4 19.50 -31.93 21.02
N THR E 5 19.95 -30.69 21.10
CA THR E 5 19.28 -29.70 21.92
C THR E 5 19.13 -28.42 21.11
N VAL E 6 18.07 -27.69 21.39
CA VAL E 6 17.75 -26.45 20.71
C VAL E 6 17.91 -25.30 21.69
N TYR E 7 18.35 -24.16 21.18
CA TYR E 7 18.62 -22.99 22.01
C TYR E 7 18.15 -21.74 21.28
N TYR E 8 17.77 -20.73 22.05
CA TYR E 8 17.23 -19.48 21.54
C TYR E 8 18.02 -18.31 22.12
N GLY E 9 17.91 -17.15 21.48
CA GLY E 9 18.69 -16.00 21.90
C GLY E 9 20.18 -16.23 21.80
N VAL E 10 20.60 -17.18 20.99
CA VAL E 10 22.00 -17.56 20.85
C VAL E 10 22.75 -16.40 20.20
N PRO E 11 24.03 -16.20 20.52
CA PRO E 11 24.83 -15.23 19.76
C PRO E 11 25.16 -15.77 18.39
N VAL E 12 24.58 -15.16 17.37
CA VAL E 12 24.83 -15.59 16.00
C VAL E 12 24.93 -14.35 15.12
N TRP E 13 25.88 -14.41 14.17
CA TRP E 13 26.18 -13.30 13.28
C TRP E 13 26.33 -13.86 11.88
N LYS E 14 25.47 -13.44 10.97
CA LYS E 14 25.46 -13.95 9.61
C LYS E 14 25.40 -12.79 8.63
N GLU E 15 25.74 -13.07 7.37
CA GLU E 15 25.88 -12.04 6.36
C GLU E 15 24.51 -11.44 6.06
N ALA E 16 24.30 -10.22 6.50
CA ALA E 16 23.05 -9.54 6.20
C ALA E 16 23.16 -8.73 4.92
N THR E 17 22.07 -8.72 4.15
CA THR E 17 21.89 -7.84 2.99
C THR E 17 20.45 -7.34 3.08
N THR E 18 20.26 -6.24 3.81
CA THR E 18 18.92 -5.72 4.08
C THR E 18 18.96 -4.21 4.00
N THR E 19 17.78 -3.62 4.18
CA THR E 19 17.63 -2.18 4.14
C THR E 19 18.12 -1.58 5.43
N LEU E 20 18.61 -0.35 5.35
CA LEU E 20 18.92 0.43 6.53
C LEU E 20 18.03 1.66 6.54
N PHE E 21 17.86 2.22 7.74
CA PHE E 21 16.92 3.31 7.95
C PHE E 21 17.69 4.60 8.19
N CYS E 22 16.98 5.73 8.09
CA CYS E 22 17.58 7.05 8.30
C CYS E 22 17.53 7.45 9.77
N ALA E 23 18.60 8.09 10.24
CA ALA E 23 18.60 8.66 11.58
C ALA E 23 19.31 10.01 11.54
N SER E 24 18.68 11.00 12.19
CA SER E 24 19.20 12.36 12.22
C SER E 24 19.05 12.92 13.64
N ASP E 25 20.16 13.37 14.21
CA ASP E 25 20.24 13.62 15.64
C ASP E 25 19.27 14.71 16.06
N ALA E 26 19.19 14.92 17.38
CA ALA E 26 18.38 16.01 17.91
C ALA E 26 18.84 17.35 17.34
N LYS E 27 20.15 17.55 17.24
CA LYS E 27 20.65 18.75 16.60
C LYS E 27 20.12 18.87 15.17
N ALA E 28 19.99 17.74 14.46
CA ALA E 28 19.27 17.74 13.20
C ALA E 28 17.92 18.41 13.35
N TYR E 29 16.98 17.76 14.03
CA TYR E 29 15.64 18.34 14.08
C TYR E 29 15.63 19.72 14.74
N ASP E 30 16.76 20.19 15.26
CA ASP E 30 16.83 21.55 15.76
C ASP E 30 17.45 22.49 14.74
N THR E 31 17.73 21.97 13.54
CA THR E 31 18.30 22.78 12.46
C THR E 31 17.24 23.76 11.97
N GLU E 32 15.97 23.43 12.21
CA GLU E 32 14.82 24.25 11.85
C GLU E 32 14.67 24.64 10.37
N VAL E 33 15.38 23.96 9.47
CA VAL E 33 15.26 24.28 8.08
C VAL E 33 14.22 23.32 7.58
N HIS E 34 13.26 23.80 6.82
CA HIS E 34 12.24 22.87 6.43
C HIS E 34 12.90 21.64 5.80
N ASN E 35 13.90 21.86 4.98
CA ASN E 35 14.80 20.76 4.64
C ASN E 35 16.06 21.41 4.08
N VAL E 36 17.20 21.24 4.78
CA VAL E 36 18.44 21.75 4.22
C VAL E 36 19.05 20.60 3.43
N TRP E 37 18.48 20.35 2.26
CA TRP E 37 18.94 19.37 1.28
C TRP E 37 18.90 17.93 1.81
N ALA E 38 18.70 17.70 3.11
CA ALA E 38 18.98 16.37 3.63
C ALA E 38 17.98 15.80 4.63
N THR E 39 17.28 16.63 5.41
CA THR E 39 16.50 16.13 6.54
C THR E 39 15.08 15.80 6.06
N HIS E 40 14.39 14.92 6.81
CA HIS E 40 13.03 14.37 6.61
C HIS E 40 12.17 14.43 7.88
N ALA E 41 11.00 13.74 7.87
CA ALA E 41 10.23 13.28 9.03
C ALA E 41 10.72 11.91 9.55
N CYS E 42 11.96 11.51 9.22
CA CYS E 42 12.47 10.19 9.56
C CYS E 42 12.82 10.08 11.02
N VAL E 43 13.12 8.88 11.45
CA VAL E 43 13.43 8.68 12.88
C VAL E 43 14.73 9.39 13.23
N PRO E 44 14.74 10.18 14.30
CA PRO E 44 16.00 10.67 14.87
C PRO E 44 16.80 9.54 15.51
N THR E 45 18.12 9.76 15.55
CA THR E 45 19.04 8.96 16.34
C THR E 45 18.59 8.87 17.80
N ASP E 46 18.71 7.67 18.39
CA ASP E 46 18.35 7.51 19.79
C ASP E 46 19.39 8.18 20.69
N PRO E 47 18.99 8.60 21.90
CA PRO E 47 19.94 9.31 22.77
C PRO E 47 21.24 8.57 23.00
N ASN E 48 21.23 7.24 23.12
CA ASN E 48 22.42 6.47 23.48
C ASN E 48 22.37 5.07 22.84
N PRO E 49 22.60 4.98 21.53
CA PRO E 49 22.67 3.67 20.88
C PRO E 49 23.86 2.84 21.37
N GLN E 50 23.65 1.51 21.45
CA GLN E 50 24.69 0.61 21.96
C GLN E 50 25.62 0.16 20.84
N GLU E 51 26.92 0.39 21.03
CA GLU E 51 27.95 -0.12 20.12
C GLU E 51 28.81 -1.08 20.91
N VAL E 52 28.34 -2.31 21.04
CA VAL E 52 29.07 -3.33 21.80
C VAL E 52 30.31 -3.67 21.01
N VAL E 53 31.47 -3.33 21.54
CA VAL E 53 32.72 -3.77 20.93
C VAL E 53 32.83 -5.27 21.19
N LEU E 54 33.06 -6.04 20.13
CA LEU E 54 33.23 -7.47 20.25
C LEU E 54 34.70 -7.77 20.04
N GLU E 55 35.34 -8.32 21.06
CA GLU E 55 36.75 -8.64 21.04
C GLU E 55 36.90 -10.15 21.08
N ASN E 56 38.10 -10.62 20.79
CA ASN E 56 38.35 -12.04 20.61
C ASN E 56 37.31 -12.62 19.64
N VAL E 57 36.90 -11.80 18.69
CA VAL E 57 35.98 -12.17 17.64
C VAL E 57 36.63 -11.83 16.32
N THR E 58 36.06 -12.36 15.24
CA THR E 58 36.61 -12.14 13.91
C THR E 58 35.45 -11.90 12.96
N GLU E 59 35.66 -11.02 11.99
CA GLU E 59 34.64 -10.69 11.03
C GLU E 59 35.31 -10.23 9.74
N ASN E 60 34.94 -10.85 8.63
CA ASN E 60 35.47 -10.52 7.32
C ASN E 60 34.51 -9.51 6.67
N PHE E 61 35.07 -8.44 6.12
CA PHE E 61 34.28 -7.39 5.52
C PHE E 61 34.69 -7.22 4.07
N ASN E 62 33.80 -6.60 3.30
CA ASN E 62 34.10 -6.22 1.93
C ASN E 62 33.25 -5.00 1.64
N MET E 63 33.86 -3.81 1.74
CA MET E 63 33.11 -2.59 1.53
C MET E 63 32.64 -2.45 0.10
N TRP E 64 33.44 -2.88 -0.87
CA TRP E 64 33.02 -2.76 -2.26
C TRP E 64 31.85 -3.69 -2.57
N LYS E 65 31.79 -4.84 -1.90
CA LYS E 65 30.64 -5.74 -2.02
C LYS E 65 29.54 -5.42 -1.02
N ASN E 66 29.78 -4.48 -0.11
CA ASN E 66 28.74 -4.12 0.83
C ASN E 66 27.61 -3.41 0.09
N ASN E 67 26.38 -3.84 0.34
CA ASN E 67 25.23 -3.32 -0.35
C ASN E 67 24.77 -1.99 0.20
N MET E 68 25.38 -1.54 1.29
CA MET E 68 24.95 -0.30 1.92
C MET E 68 24.98 0.85 0.92
N VAL E 69 26.03 0.90 0.07
CA VAL E 69 26.17 2.00 -0.88
C VAL E 69 24.93 2.10 -1.77
N GLU E 70 24.40 0.95 -2.18
CA GLU E 70 23.29 0.93 -3.13
C GLU E 70 22.04 1.57 -2.54
N GLN E 71 21.58 1.06 -1.40
CA GLN E 71 20.41 1.65 -0.77
C GLN E 71 20.66 3.11 -0.42
N MET E 72 21.89 3.43 0.00
CA MET E 72 22.22 4.81 0.32
C MET E 72 21.95 5.71 -0.88
N HIS E 73 22.52 5.38 -2.04
CA HIS E 73 22.36 6.25 -3.19
C HIS E 73 20.92 6.25 -3.69
N GLU E 74 20.24 5.10 -3.61
CA GLU E 74 18.86 5.03 -4.06
C GLU E 74 17.96 5.92 -3.21
N ASP E 75 18.09 5.82 -1.89
CA ASP E 75 17.29 6.66 -1.01
C ASP E 75 17.67 8.13 -1.14
N ILE E 76 18.95 8.40 -1.44
CA ILE E 76 19.35 9.77 -1.76
C ILE E 76 18.58 10.26 -2.97
N ILE E 77 18.51 9.44 -4.01
CA ILE E 77 17.81 9.83 -5.23
C ILE E 77 16.31 9.98 -4.96
N SER E 78 15.73 9.05 -4.20
CA SER E 78 14.31 9.14 -3.88
C SER E 78 14.02 10.43 -3.12
N LEU E 79 14.86 10.75 -2.13
CA LEU E 79 14.67 11.97 -1.36
C LEU E 79 14.84 13.22 -2.22
N TRP E 80 15.84 13.25 -3.10
CA TRP E 80 16.04 14.40 -3.97
C TRP E 80 14.87 14.57 -4.94
N ASP E 81 14.38 13.47 -5.51
CA ASP E 81 13.22 13.53 -6.39
C ASP E 81 12.01 14.08 -5.63
N GLN E 82 11.76 13.53 -4.44
CA GLN E 82 10.58 13.93 -3.67
C GLN E 82 10.71 15.37 -3.19
N SER E 83 11.95 15.85 -3.02
CA SER E 83 12.17 17.25 -2.66
C SER E 83 11.98 18.18 -3.86
N LEU E 84 12.38 17.71 -5.06
CA LEU E 84 12.17 18.49 -6.27
C LEU E 84 10.70 18.61 -6.59
N LYS E 85 9.89 17.62 -6.19
CA LYS E 85 8.47 17.65 -6.53
C LYS E 85 7.80 18.96 -6.11
N PRO E 86 7.99 19.47 -4.89
CA PRO E 86 7.32 20.72 -4.49
C PRO E 86 7.90 21.97 -5.13
N CYS E 87 9.10 21.92 -5.70
CA CYS E 87 9.71 23.11 -6.26
C CYS E 87 8.95 23.55 -7.51
N VAL E 88 8.96 24.86 -7.77
CA VAL E 88 8.28 25.42 -8.93
C VAL E 88 9.05 25.06 -10.19
N LYS E 89 8.35 25.02 -11.31
CA LYS E 89 8.97 24.68 -12.57
C LYS E 89 9.50 25.92 -13.27
N LEU E 90 10.40 25.71 -14.23
CA LEU E 90 11.01 26.78 -14.99
C LEU E 90 10.85 26.58 -16.50
N THR E 91 9.87 25.78 -16.91
CA THR E 91 9.68 25.52 -18.33
C THR E 91 9.60 26.79 -19.16
N PRO E 92 8.82 27.81 -18.79
CA PRO E 92 8.86 29.07 -19.55
C PRO E 92 10.14 29.87 -19.35
N LEU E 93 10.84 29.68 -18.22
CA LEU E 93 12.15 30.27 -18.07
C LEU E 93 13.13 29.68 -19.06
N CYS E 94 12.75 28.60 -19.72
CA CYS E 94 13.51 27.97 -20.78
C CYS E 94 13.67 28.87 -22.00
N VAL E 95 12.82 29.89 -22.14
CA VAL E 95 12.78 30.65 -23.39
C VAL E 95 14.19 31.10 -23.75
N THR E 96 14.40 31.39 -25.04
CA THR E 96 15.68 31.95 -25.44
C THR E 96 16.02 33.14 -24.56
N LEU E 97 17.31 33.47 -24.51
CA LEU E 97 17.80 34.61 -23.76
C LEU E 97 18.71 35.40 -24.68
N ASN E 98 19.06 36.61 -24.26
CA ASN E 98 20.11 37.35 -24.94
C ASN E 98 21.02 37.92 -23.86
N CYS E 99 22.25 37.42 -23.82
CA CYS E 99 23.18 37.75 -22.76
C CYS E 99 24.22 38.71 -23.33
N THR E 100 24.51 39.76 -22.57
CA THR E 100 25.57 40.70 -22.90
C THR E 100 26.75 40.42 -21.99
N ASP E 101 27.94 40.26 -22.58
CA ASP E 101 29.15 39.92 -21.84
C ASP E 101 29.76 41.20 -21.26
N LEU E 102 29.11 41.69 -20.20
CA LEU E 102 29.52 42.95 -19.59
C LEU E 102 30.91 42.83 -18.97
N ARG E 103 31.04 41.94 -17.99
CA ARG E 103 32.33 41.66 -17.37
C ARG E 103 33.19 40.91 -18.38
N ASN E 104 34.16 41.60 -18.97
CA ASN E 104 35.05 40.98 -19.94
C ASN E 104 36.51 41.05 -19.50
N ARG E 116 38.48 35.39 -19.99
CA ARG E 116 37.23 34.66 -19.82
C ARG E 116 36.67 34.84 -18.41
N GLY E 117 35.64 35.67 -18.27
CA GLY E 117 35.06 35.96 -16.97
C GLY E 117 33.71 35.32 -16.69
N GLU E 118 33.01 34.92 -17.75
CA GLU E 118 31.73 34.21 -17.66
C GLU E 118 30.75 34.92 -16.72
N ILE E 119 30.75 36.24 -16.76
CA ILE E 119 29.75 37.02 -16.05
C ILE E 119 29.16 38.01 -17.04
N LYS E 120 28.02 37.63 -17.62
CA LYS E 120 27.35 38.43 -18.63
C LYS E 120 25.88 38.49 -18.26
N ASN E 121 25.39 39.69 -17.96
CA ASN E 121 23.98 39.86 -17.67
C ASN E 121 23.18 39.33 -18.84
N CYS E 122 22.20 38.50 -18.54
CA CYS E 122 21.35 37.95 -19.58
C CYS E 122 19.93 38.42 -19.29
N SER E 123 19.26 38.90 -20.33
CA SER E 123 17.89 39.39 -20.19
C SER E 123 16.95 38.71 -21.19
N PHE E 124 16.19 37.74 -20.70
CA PHE E 124 15.24 37.01 -21.55
C PHE E 124 13.80 37.21 -21.07
N ASN E 125 12.85 36.68 -21.82
CA ASN E 125 11.45 36.81 -21.48
C ASN E 125 11.12 35.82 -20.35
N ILE E 126 10.45 36.30 -19.29
CA ILE E 126 9.92 35.53 -18.17
C ILE E 126 8.41 35.81 -18.14
N THR E 127 7.60 34.77 -18.23
CA THR E 127 6.18 34.92 -18.43
C THR E 127 5.55 35.22 -17.07
N THR E 128 4.24 35.52 -17.07
CA THR E 128 3.53 35.91 -15.85
C THR E 128 2.24 35.09 -15.65
N SER E 129 1.42 35.49 -14.68
CA SER E 129 0.27 34.69 -14.27
C SER E 129 -0.74 34.53 -15.40
N ILE E 130 -1.07 35.61 -16.10
CA ILE E 130 -2.05 35.52 -17.19
C ILE E 130 -1.38 34.95 -18.44
N ARG E 131 -2.20 34.37 -19.31
CA ARG E 131 -1.68 33.74 -20.52
C ARG E 131 -0.97 34.76 -21.41
N ASP E 132 -1.55 35.96 -21.56
CA ASP E 132 -1.06 36.92 -22.54
C ASP E 132 -0.24 38.06 -21.95
N LYS E 133 -0.26 38.25 -20.63
CA LYS E 133 0.49 39.33 -19.97
C LYS E 133 1.89 38.80 -19.65
N VAL E 134 2.86 39.22 -20.46
CA VAL E 134 4.26 38.83 -20.29
C VAL E 134 5.13 40.08 -20.30
N LYS E 135 6.01 40.17 -19.31
CA LYS E 135 6.97 41.26 -19.25
C LYS E 135 8.37 40.71 -19.58
N LYS E 136 9.38 41.55 -19.44
CA LYS E 136 10.76 41.19 -19.74
C LYS E 136 11.60 41.38 -18.50
N ASP E 137 12.52 40.44 -18.27
CA ASP E 137 13.44 40.53 -17.16
C ASP E 137 14.85 40.17 -17.63
N TYR E 138 15.81 40.45 -16.77
CA TYR E 138 17.21 40.13 -17.01
C TYR E 138 17.78 39.64 -15.70
N ALA E 139 18.62 38.63 -15.78
CA ALA E 139 19.32 38.14 -14.61
C ALA E 139 20.79 38.02 -15.00
N LEU E 140 21.59 37.44 -14.11
CA LEU E 140 22.96 37.14 -14.45
C LEU E 140 23.06 35.65 -14.74
N PHE E 141 23.70 35.33 -15.85
CA PHE E 141 23.92 33.95 -16.20
C PHE E 141 25.40 33.79 -16.55
N TYR E 142 25.88 32.60 -16.28
CA TYR E 142 27.26 32.28 -16.56
C TYR E 142 27.34 31.77 -18.00
N ARG E 143 28.54 31.42 -18.44
CA ARG E 143 28.72 30.85 -19.76
C ARG E 143 28.45 29.36 -19.77
N LEU E 144 28.07 28.80 -18.61
CA LEU E 144 27.80 27.38 -18.47
C LEU E 144 26.33 27.03 -18.44
N ASP E 145 25.45 28.02 -18.27
CA ASP E 145 24.01 27.78 -18.34
C ASP E 145 23.48 27.92 -19.76
N VAL E 146 24.15 28.69 -20.61
CA VAL E 146 23.74 28.90 -22.00
C VAL E 146 24.97 28.73 -22.89
N VAL E 147 24.71 28.47 -24.18
CA VAL E 147 25.78 28.28 -25.15
C VAL E 147 25.54 29.21 -26.33
N PRO E 148 26.61 29.70 -26.98
CA PRO E 148 26.41 30.43 -28.23
C PRO E 148 26.06 29.46 -29.35
N ILE E 149 25.02 29.79 -30.10
CA ILE E 149 24.63 28.99 -31.26
C ILE E 149 25.56 29.37 -32.39
N ASP E 150 26.14 28.37 -33.05
CA ASP E 150 26.92 28.61 -34.25
C ASP E 150 26.23 28.14 -35.52
N ASN E 151 25.05 27.52 -35.41
CA ASN E 151 24.29 27.16 -36.60
C ASN E 151 23.59 28.40 -37.17
N ASP E 152 22.78 29.07 -36.36
CA ASP E 152 22.16 30.32 -36.78
C ASP E 152 22.70 31.54 -36.02
N ASN E 153 23.52 31.31 -34.99
CA ASN E 153 24.15 32.34 -34.17
C ASN E 153 23.30 33.59 -33.97
N THR E 154 22.06 33.41 -33.50
CA THR E 154 21.13 34.51 -33.18
C THR E 154 21.19 34.92 -31.72
N SER E 155 21.23 33.95 -30.81
CA SER E 155 21.40 34.24 -29.39
C SER E 155 21.98 33.01 -28.71
N TYR E 156 21.94 33.00 -27.39
CA TYR E 156 22.41 31.88 -26.60
C TYR E 156 21.23 31.05 -26.11
N ARG E 157 21.50 29.77 -25.92
CA ARG E 157 20.49 28.82 -25.48
C ARG E 157 21.02 28.11 -24.26
N LEU E 158 20.14 27.85 -23.29
CA LEU E 158 20.55 27.01 -22.18
C LEU E 158 20.77 25.59 -22.69
N ILE E 159 21.94 25.04 -22.39
CA ILE E 159 22.21 23.68 -22.83
C ILE E 159 21.22 22.74 -22.19
N ASN E 160 20.97 22.92 -20.89
CA ASN E 160 20.02 22.11 -20.15
C ASN E 160 18.60 22.29 -20.66
N CYS E 161 18.36 23.32 -21.47
CA CYS E 161 17.01 23.61 -21.92
C CYS E 161 16.72 23.12 -23.33
N ASN E 162 17.74 22.79 -24.12
CA ASN E 162 17.53 22.17 -25.41
C ASN E 162 17.69 20.66 -25.37
N THR E 163 17.81 20.08 -24.17
CA THR E 163 18.08 18.65 -24.03
C THR E 163 17.00 17.98 -23.20
N SER E 164 16.42 18.72 -22.27
CA SER E 164 15.38 18.19 -21.37
C SER E 164 14.61 19.36 -20.81
N THR E 165 13.78 19.08 -19.80
CA THR E 165 12.99 20.12 -19.15
C THR E 165 13.85 20.91 -18.17
N ILE E 166 13.30 22.02 -17.68
CA ILE E 166 13.95 22.86 -16.70
C ILE E 166 12.99 23.12 -15.55
N THR E 167 13.50 23.09 -14.33
CA THR E 167 12.71 23.35 -13.14
C THR E 167 13.62 23.92 -12.07
N GLN E 168 13.02 24.60 -11.09
CA GLN E 168 13.77 25.20 -10.01
C GLN E 168 14.30 24.15 -9.05
N ALA E 169 15.34 24.51 -8.30
CA ALA E 169 16.02 23.62 -7.37
C ALA E 169 15.60 23.85 -5.93
N CYS E 170 14.36 24.29 -5.70
CA CYS E 170 13.92 24.57 -4.33
C CYS E 170 14.93 25.47 -3.65
N PRO E 171 15.02 26.74 -4.04
CA PRO E 171 16.03 27.61 -3.44
C PRO E 171 15.93 27.67 -1.92
N LYS E 172 14.71 27.56 -1.39
CA LYS E 172 14.53 27.51 0.05
C LYS E 172 15.32 26.34 0.65
N VAL E 173 15.31 25.20 -0.03
CA VAL E 173 16.05 24.01 0.43
C VAL E 173 17.53 24.22 0.09
N SER E 174 18.31 24.70 1.06
CA SER E 174 19.73 24.90 0.85
C SER E 174 20.47 23.57 0.92
N PHE E 175 21.47 23.43 0.05
CA PHE E 175 22.16 22.15 -0.12
C PHE E 175 23.32 22.04 0.87
N GLU E 176 22.98 22.23 2.13
CA GLU E 176 24.09 22.11 3.06
C GLU E 176 24.19 20.68 3.59
N PRO E 177 25.39 20.25 3.96
CA PRO E 177 25.55 18.94 4.58
C PRO E 177 24.98 18.93 5.99
N ILE E 178 24.27 17.86 6.33
CA ILE E 178 23.76 17.63 7.68
C ILE E 178 24.22 16.25 8.16
N PRO E 179 24.37 16.04 9.46
CA PRO E 179 24.60 14.68 9.98
C PRO E 179 23.43 13.76 9.71
N ILE E 180 23.73 12.53 9.30
CA ILE E 180 22.72 11.50 9.00
C ILE E 180 23.16 10.19 9.65
N HIS E 181 22.20 9.46 10.22
CA HIS E 181 22.47 8.21 10.92
C HIS E 181 21.65 7.07 10.30
N TYR E 182 22.32 5.97 9.98
CA TYR E 182 21.67 4.78 9.41
C TYR E 182 21.49 3.72 10.49
N CYS E 183 20.24 3.35 10.75
CA CYS E 183 19.94 2.32 11.73
C CYS E 183 19.53 1.04 11.03
N THR E 184 19.78 -0.08 11.70
CA THR E 184 19.42 -1.40 11.20
C THR E 184 18.04 -1.79 11.71
N PRO E 185 17.38 -2.73 11.03
CA PRO E 185 16.09 -3.21 11.55
C PRO E 185 16.29 -4.11 12.75
N ALA E 186 15.19 -4.66 13.31
CA ALA E 186 15.25 -5.38 14.58
C ALA E 186 15.59 -6.84 14.34
N GLY E 187 16.82 -7.20 14.68
CA GLY E 187 17.39 -8.49 14.35
C GLY E 187 18.51 -8.42 13.34
N PHE E 188 18.78 -7.26 12.74
CA PHE E 188 19.96 -7.06 11.92
C PHE E 188 20.89 -6.07 12.62
N ALA E 189 22.16 -6.42 12.64
CA ALA E 189 23.15 -5.54 13.24
C ALA E 189 24.08 -5.06 12.14
N ILE E 190 24.92 -4.09 12.47
CA ILE E 190 25.96 -3.64 11.56
C ILE E 190 27.26 -3.88 12.29
N LEU E 191 27.97 -4.92 11.91
CA LEU E 191 29.24 -5.19 12.54
C LEU E 191 30.27 -4.27 11.90
N LYS E 192 30.93 -3.50 12.75
CA LYS E 192 31.87 -2.50 12.28
C LYS E 192 33.25 -2.89 12.77
N CYS E 193 34.20 -2.88 11.85
CA CYS E 193 35.58 -3.06 12.24
C CYS E 193 36.06 -1.81 12.96
N LYS E 194 36.89 -2.03 13.98
CA LYS E 194 37.50 -0.94 14.73
C LYS E 194 38.97 -0.76 14.36
N ASP E 195 39.33 -1.20 13.15
CA ASP E 195 40.72 -1.19 12.70
C ASP E 195 40.96 -0.01 11.76
N LYS E 196 42.20 0.47 11.75
CA LYS E 196 42.56 1.65 11.00
C LYS E 196 43.27 1.32 9.70
N LYS E 197 44.08 0.28 9.71
CA LYS E 197 44.61 -0.32 8.50
C LYS E 197 43.69 -1.42 7.97
N PHE E 198 42.43 -1.40 8.37
CA PHE E 198 41.48 -2.40 7.88
C PHE E 198 40.99 -2.02 6.48
N ASN E 199 41.35 -2.81 5.48
CA ASN E 199 40.95 -2.56 4.09
C ASN E 199 39.53 -3.04 3.80
N GLY E 200 39.04 -2.80 2.59
CA GLY E 200 37.68 -3.22 2.26
C GLY E 200 37.27 -4.69 2.34
N THR E 201 37.95 -5.59 1.63
CA THR E 201 37.65 -7.02 1.68
C THR E 201 38.59 -7.77 2.62
N GLY E 202 38.49 -7.48 3.92
CA GLY E 202 39.35 -8.12 4.90
C GLY E 202 38.61 -8.62 6.13
N PRO E 203 39.25 -9.50 6.90
CA PRO E 203 38.68 -9.88 8.20
C PRO E 203 38.92 -8.80 9.25
N CYS E 204 38.25 -8.93 10.38
CA CYS E 204 38.46 -7.96 11.45
C CYS E 204 38.23 -8.62 12.80
N LYS E 205 39.08 -8.26 13.78
CA LYS E 205 38.93 -8.73 15.14
C LYS E 205 38.30 -7.68 16.05
N ASN E 206 38.51 -6.39 15.76
CA ASN E 206 37.81 -5.33 16.46
C ASN E 206 36.42 -5.18 15.86
N VAL E 207 35.64 -6.24 16.02
CA VAL E 207 34.22 -6.20 15.71
C VAL E 207 33.52 -5.47 16.85
N SER E 208 32.73 -4.49 16.48
CA SER E 208 31.95 -3.75 17.48
C SER E 208 30.55 -3.62 16.90
N THR E 209 29.70 -4.57 17.27
CA THR E 209 28.34 -4.61 16.75
C THR E 209 27.67 -3.26 16.99
N VAL E 210 27.03 -2.74 15.94
CA VAL E 210 26.48 -1.39 15.99
C VAL E 210 25.06 -1.45 15.48
N GLN E 211 24.11 -1.13 16.36
CA GLN E 211 22.70 -1.10 15.96
C GLN E 211 22.45 -0.01 14.94
N CYS E 212 22.92 1.21 15.24
CA CYS E 212 22.85 2.35 14.34
C CYS E 212 24.26 2.80 14.00
N THR E 213 24.59 2.81 12.71
CA THR E 213 25.91 3.21 12.26
C THR E 213 26.21 4.67 12.65
N HIS E 214 27.50 4.94 12.89
CA HIS E 214 27.95 6.26 13.32
C HIS E 214 27.58 7.35 12.31
N GLY E 215 27.19 8.52 12.84
CA GLY E 215 26.82 9.68 12.05
C GLY E 215 27.86 10.14 11.05
N ILE E 216 27.42 10.35 9.80
CA ILE E 216 28.30 10.69 8.68
C ILE E 216 27.89 12.02 8.04
N ARG E 217 28.71 12.53 7.12
CA ARG E 217 28.49 13.84 6.48
C ARG E 217 28.54 13.67 4.97
N PRO E 218 27.45 13.19 4.37
CA PRO E 218 27.44 12.96 2.91
C PRO E 218 27.41 14.26 2.13
N VAL E 219 28.59 14.84 1.88
CA VAL E 219 28.74 15.99 1.01
C VAL E 219 29.15 15.47 -0.36
N VAL E 220 28.35 15.78 -1.37
CA VAL E 220 28.64 15.36 -2.74
C VAL E 220 29.96 16.00 -3.18
N SER E 221 30.90 15.16 -3.59
CA SER E 221 32.21 15.61 -4.04
C SER E 221 32.74 14.65 -5.09
N THR E 222 33.67 15.14 -5.90
CA THR E 222 34.30 14.36 -6.97
C THR E 222 35.81 14.33 -6.77
N GLN E 223 36.38 13.13 -6.78
CA GLN E 223 37.82 12.91 -6.67
C GLN E 223 38.39 13.29 -5.31
N LEU E 224 37.55 13.61 -4.33
CA LEU E 224 38.02 14.03 -3.02
C LEU E 224 36.94 13.77 -1.98
N LEU E 225 37.19 14.21 -0.75
CA LEU E 225 36.25 14.10 0.37
C LEU E 225 36.17 15.44 1.08
N LEU E 226 34.97 15.76 1.60
CA LEU E 226 34.75 17.00 2.35
C LEU E 226 34.04 16.67 3.65
N ASN E 227 34.68 16.98 4.78
CA ASN E 227 34.08 16.82 6.10
C ASN E 227 33.66 15.36 6.34
N GLY E 228 34.60 14.44 6.15
CA GLY E 228 34.34 13.03 6.26
C GLY E 228 35.11 12.32 7.38
N SER E 229 34.88 11.01 7.46
CA SER E 229 35.55 10.16 8.44
C SER E 229 37.05 10.17 8.22
N LEU E 230 37.80 10.54 9.26
CA LEU E 230 39.26 10.59 9.18
C LEU E 230 39.87 9.26 9.59
N ALA E 231 40.78 8.77 8.76
CA ALA E 231 41.52 7.54 9.03
C ALA E 231 42.81 7.91 9.74
N GLU E 232 43.00 7.37 10.94
CA GLU E 232 44.06 7.82 11.83
C GLU E 232 45.23 6.83 11.93
N GLU E 233 46.38 7.29 12.43
CA GLU E 233 47.51 6.45 12.81
C GLU E 233 48.24 5.91 11.57
N GLU E 234 47.83 6.34 10.37
CA GLU E 234 48.50 5.98 9.10
C GLU E 234 47.81 6.64 7.90
N VAL E 235 48.50 6.60 6.76
CA VAL E 235 47.95 6.88 5.43
C VAL E 235 47.57 5.56 4.76
N VAL E 236 46.31 5.44 4.35
CA VAL E 236 45.79 4.21 3.74
C VAL E 236 45.50 4.48 2.26
N ILE E 237 46.02 3.61 1.39
CA ILE E 237 45.83 3.73 -0.05
C ILE E 237 45.27 2.42 -0.59
N ARG E 238 43.94 2.31 -0.64
CA ARG E 238 43.30 1.10 -1.12
C ARG E 238 42.81 1.30 -2.54
N SER E 239 42.52 0.18 -3.21
CA SER E 239 41.84 0.23 -4.48
C SER E 239 41.22 -1.13 -4.73
N SER E 240 40.08 -1.11 -5.41
CA SER E 240 39.38 -2.35 -5.70
C SER E 240 40.25 -3.29 -6.53
N ASN E 241 41.11 -2.74 -7.39
CA ASN E 241 42.15 -3.55 -8.05
C ASN E 241 43.36 -2.65 -8.30
N PHE E 242 44.45 -2.91 -7.57
CA PHE E 242 45.67 -2.14 -7.75
C PHE E 242 46.31 -2.39 -9.11
N THR E 243 46.40 -3.67 -9.51
CA THR E 243 46.91 -3.98 -10.85
C THR E 243 46.06 -3.30 -11.90
N ASP E 244 44.74 -3.37 -11.75
CA ASP E 244 43.82 -2.69 -12.65
C ASP E 244 44.06 -1.19 -12.59
N ASN E 245 44.68 -0.65 -13.63
CA ASN E 245 44.96 0.78 -13.66
C ASN E 245 43.68 1.60 -13.72
N ALA E 246 42.65 1.08 -14.37
CA ALA E 246 41.38 1.78 -14.41
C ALA E 246 40.74 1.82 -13.03
N LYS E 247 41.02 0.82 -12.20
CA LYS E 247 40.49 0.83 -10.85
C LYS E 247 40.91 2.12 -10.16
N ASN E 248 39.94 2.80 -9.57
CA ASN E 248 40.29 3.98 -8.83
C ASN E 248 41.15 3.58 -7.64
N ILE E 249 42.02 4.50 -7.22
CA ILE E 249 42.91 4.25 -6.11
C ILE E 249 42.39 5.11 -4.97
N ILE E 250 41.72 4.49 -4.02
CA ILE E 250 41.18 5.21 -2.88
C ILE E 250 42.29 5.39 -1.85
N VAL E 251 42.43 6.61 -1.35
CA VAL E 251 43.48 6.94 -0.39
C VAL E 251 42.83 7.52 0.86
N GLN E 252 43.39 7.17 2.01
CA GLN E 252 42.93 7.68 3.30
C GLN E 252 44.09 8.47 3.90
N LEU E 253 44.03 9.79 3.77
CA LEU E 253 45.02 10.65 4.38
C LEU E 253 44.95 10.54 5.89
N LYS E 254 46.10 10.74 6.53
CA LYS E 254 46.12 10.72 7.99
C LYS E 254 45.51 12.00 8.57
N GLU E 255 45.96 13.16 8.12
CA GLU E 255 45.51 14.44 8.62
C GLU E 255 44.59 15.13 7.61
N SER E 256 44.19 16.37 7.90
CA SER E 256 43.24 17.13 7.11
C SER E 256 43.81 18.54 6.85
N VAL E 257 43.42 19.13 5.72
CA VAL E 257 43.90 20.44 5.30
C VAL E 257 42.75 21.45 5.33
N GLU E 258 43.10 22.73 5.37
CA GLU E 258 42.12 23.81 5.52
C GLU E 258 41.85 24.43 4.16
N ILE E 259 40.70 24.10 3.58
CA ILE E 259 40.34 24.66 2.28
C ILE E 259 39.63 25.99 2.45
N ASN E 260 39.74 26.83 1.44
CA ASN E 260 39.16 28.15 1.45
C ASN E 260 38.45 28.36 0.11
N CYS E 261 37.49 27.50 -0.20
CA CYS E 261 36.66 27.71 -1.39
C CYS E 261 35.64 28.77 -1.05
N THR E 262 36.11 30.02 -1.12
CA THR E 262 35.35 31.19 -0.69
C THR E 262 35.38 32.21 -1.80
N ARG E 263 34.20 32.59 -2.27
CA ARG E 263 34.09 33.62 -3.29
C ARG E 263 33.91 34.98 -2.64
N PRO E 264 34.84 35.91 -2.83
CA PRO E 264 34.69 37.25 -2.25
C PRO E 264 33.49 38.04 -2.77
N ASN E 265 33.14 37.89 -4.05
CA ASN E 265 32.05 38.68 -4.64
C ASN E 265 30.69 38.26 -4.08
N ASN E 266 29.80 39.24 -3.91
CA ASN E 266 28.48 38.95 -3.39
C ASN E 266 27.57 38.40 -4.49
N ASN E 267 26.36 38.03 -4.08
CA ASN E 267 25.34 37.50 -4.98
C ASN E 267 24.09 38.35 -4.88
N THR E 268 23.36 38.42 -5.98
CA THR E 268 22.11 39.13 -5.94
C THR E 268 21.01 38.09 -6.06
N ARG E 269 19.87 38.36 -5.43
CA ARG E 269 18.70 37.54 -5.68
C ARG E 269 17.55 38.44 -6.07
N LYS E 270 16.84 38.02 -7.11
CA LYS E 270 15.74 38.78 -7.67
C LYS E 270 14.52 37.86 -7.64
N SER E 271 13.90 37.78 -6.46
CA SER E 271 12.71 36.95 -6.27
C SER E 271 11.59 37.49 -7.12
N ILE E 272 11.37 36.89 -8.29
CA ILE E 272 10.37 37.36 -9.25
C ILE E 272 9.30 36.30 -9.39
N HIS E 273 8.06 36.67 -9.09
CA HIS E 273 6.92 35.76 -9.27
C HIS E 273 6.74 35.48 -10.75
N ILE E 274 6.72 34.19 -11.11
CA ILE E 274 6.54 33.79 -12.50
C ILE E 274 5.16 33.19 -12.73
N GLY E 275 4.82 32.16 -11.94
CA GLY E 275 3.55 31.48 -12.08
C GLY E 275 2.55 31.84 -10.99
N PRO E 276 1.42 31.12 -10.92
CA PRO E 276 0.48 31.36 -9.82
C PRO E 276 1.02 30.83 -8.50
N GLY E 277 1.92 31.60 -7.89
CA GLY E 277 2.61 31.17 -6.69
C GLY E 277 4.03 30.69 -6.89
N ARG E 278 4.54 30.73 -8.12
CA ARG E 278 5.90 30.28 -8.42
C ARG E 278 6.80 31.49 -8.68
N ALA E 279 7.96 31.52 -8.04
CA ALA E 279 8.93 32.59 -8.18
C ALA E 279 10.31 32.04 -8.57
N PHE E 280 11.02 32.78 -9.41
CA PHE E 280 12.36 32.40 -9.86
C PHE E 280 13.37 33.40 -9.31
N TYR E 281 14.37 32.88 -8.61
CA TYR E 281 15.42 33.72 -8.03
C TYR E 281 16.49 33.91 -9.09
N THR E 282 16.32 34.93 -9.92
CA THR E 282 17.33 35.27 -10.90
C THR E 282 18.50 35.94 -10.20
N THR E 283 19.70 35.67 -10.70
CA THR E 283 20.89 36.31 -10.15
C THR E 283 20.93 37.75 -10.61
N GLY E 284 20.78 38.67 -9.67
CA GLY E 284 20.80 40.08 -9.98
C GLY E 284 22.21 40.60 -10.13
N GLU E 285 22.31 41.91 -10.36
CA GLU E 285 23.61 42.53 -10.52
C GLU E 285 24.38 42.49 -9.20
N ILE E 286 25.70 42.52 -9.31
CA ILE E 286 26.60 42.42 -8.16
C ILE E 286 27.14 43.80 -7.83
N ILE E 287 27.05 44.18 -6.56
CA ILE E 287 27.48 45.52 -6.13
C ILE E 287 29.00 45.59 -6.14
N GLY E 288 29.52 46.70 -6.68
CA GLY E 288 30.95 46.92 -6.68
C GLY E 288 31.66 46.18 -7.80
N ASP E 289 32.98 46.37 -7.86
CA ASP E 289 33.78 45.68 -8.86
C ASP E 289 33.61 44.18 -8.68
N ILE E 290 33.20 43.49 -9.74
CA ILE E 290 32.95 42.05 -9.69
C ILE E 290 34.24 41.35 -10.08
N ARG E 291 34.89 40.73 -9.11
CA ARG E 291 36.09 39.95 -9.33
C ARG E 291 35.73 38.47 -9.43
N GLN E 292 36.74 37.61 -9.41
CA GLN E 292 36.54 36.17 -9.51
C GLN E 292 36.82 35.49 -8.17
N ALA E 293 36.18 34.35 -7.97
CA ALA E 293 36.42 33.57 -6.75
C ALA E 293 37.87 33.14 -6.69
N HIS E 294 38.45 33.11 -5.48
CA HIS E 294 39.81 32.64 -5.28
C HIS E 294 39.82 31.50 -4.26
N CYS E 295 41.01 30.94 -4.03
CA CYS E 295 41.22 29.92 -3.00
C CYS E 295 42.66 29.89 -2.51
N ASN E 296 42.83 29.93 -1.18
CA ASN E 296 44.15 29.86 -0.57
C ASN E 296 44.18 28.66 0.35
N ILE E 297 45.16 27.74 0.15
CA ILE E 297 45.32 26.49 0.89
C ILE E 297 46.73 26.38 1.44
N SER E 298 46.88 25.67 2.54
CA SER E 298 48.16 25.56 3.24
C SER E 298 49.15 24.71 2.45
N ARG E 299 50.43 24.90 2.75
CA ARG E 299 51.53 24.27 2.02
C ARG E 299 52.25 23.17 2.80
N THR E 300 52.63 23.43 4.05
CA THR E 300 53.49 22.51 4.80
C THR E 300 52.79 21.20 5.14
N LYS E 301 51.61 21.29 5.76
CA LYS E 301 50.88 20.06 6.11
C LYS E 301 50.61 19.23 4.87
N TRP E 302 50.32 19.90 3.76
CA TRP E 302 50.11 19.21 2.50
C TRP E 302 51.38 18.48 2.05
N ASN E 303 52.53 19.12 2.19
CA ASN E 303 53.79 18.46 1.86
C ASN E 303 54.03 17.25 2.75
N ASN E 304 53.72 17.38 4.04
CA ASN E 304 53.88 16.25 4.94
C ASN E 304 52.97 15.09 4.54
N THR E 305 51.70 15.40 4.24
CA THR E 305 50.77 14.36 3.80
C THR E 305 51.21 13.75 2.47
N LEU E 306 51.79 14.56 1.59
CA LEU E 306 52.25 14.07 0.30
C LEU E 306 53.44 13.14 0.45
N ASN E 307 54.41 13.52 1.28
CA ASN E 307 55.48 12.59 1.63
C ASN E 307 54.89 11.33 2.23
N GLN E 308 53.85 11.47 3.05
CA GLN E 308 53.23 10.33 3.67
C GLN E 308 52.62 9.40 2.62
N ILE E 309 51.94 9.96 1.63
CA ILE E 309 51.35 9.13 0.59
C ILE E 309 52.42 8.52 -0.28
N ALA E 310 53.38 9.33 -0.75
CA ALA E 310 54.44 8.83 -1.61
C ALA E 310 55.21 7.73 -0.91
N THR E 311 55.42 7.86 0.39
CA THR E 311 55.93 6.77 1.20
C THR E 311 54.92 5.65 1.30
N LYS E 312 53.63 5.98 1.32
CA LYS E 312 52.52 5.05 1.32
C LYS E 312 52.24 4.52 -0.06
N LEU E 313 52.67 5.23 -1.08
CA LEU E 313 52.47 4.76 -2.43
C LEU E 313 53.42 3.64 -2.78
N LYS E 314 54.58 3.57 -2.11
CA LYS E 314 55.58 2.63 -2.55
C LYS E 314 55.05 1.24 -2.32
N GLU E 315 54.33 0.73 -3.34
CA GLU E 315 53.69 -0.57 -3.28
C GLU E 315 54.51 -1.63 -4.00
N GLN E 316 54.78 -1.43 -5.29
CA GLN E 316 55.78 -2.21 -6.00
C GLN E 316 56.80 -1.27 -6.59
N PHE E 317 57.09 -0.19 -5.87
CA PHE E 317 58.01 0.81 -6.37
C PHE E 317 59.37 0.19 -6.66
N GLY E 318 59.88 0.52 -7.84
CA GLY E 318 61.19 0.02 -8.21
C GLY E 318 62.26 0.71 -7.40
N ASN E 319 62.83 -0.02 -6.44
CA ASN E 319 63.88 0.52 -5.59
C ASN E 319 63.40 1.75 -4.82
N ASN E 320 62.15 1.70 -4.38
CA ASN E 320 61.59 2.67 -3.43
C ASN E 320 61.55 4.07 -4.02
N LYS E 321 61.54 4.14 -5.34
CA LYS E 321 61.24 5.38 -5.99
C LYS E 321 60.48 5.07 -7.27
N THR E 322 59.15 4.94 -7.14
CA THR E 322 58.23 5.01 -8.26
C THR E 322 56.95 5.62 -7.68
N ILE E 323 56.84 6.94 -7.78
CA ILE E 323 55.64 7.69 -7.46
C ILE E 323 55.61 8.84 -8.45
N VAL E 324 54.53 8.93 -9.22
CA VAL E 324 54.38 10.00 -10.21
C VAL E 324 52.91 10.34 -10.31
N PHE E 325 52.62 11.62 -10.45
CA PHE E 325 51.25 12.11 -10.57
C PHE E 325 51.11 13.00 -11.80
N ASN E 326 49.94 12.94 -12.42
CA ASN E 326 49.66 13.70 -13.63
C ASN E 326 48.20 14.15 -13.61
N GLN E 327 47.93 15.25 -14.29
CA GLN E 327 46.56 15.73 -14.38
C GLN E 327 45.75 14.79 -15.27
N SER E 328 44.45 14.73 -15.00
CA SER E 328 43.59 13.94 -15.84
C SER E 328 43.72 14.42 -17.27
N SER E 329 43.82 13.47 -18.21
CA SER E 329 43.93 13.84 -19.61
C SER E 329 42.78 14.75 -20.00
N GLY E 330 41.60 14.45 -19.49
CA GLY E 330 40.43 15.24 -19.77
C GLY E 330 39.20 14.38 -19.59
N GLY E 331 38.06 15.01 -19.87
CA GLY E 331 36.80 14.30 -19.82
C GLY E 331 35.69 15.15 -19.27
N ASP E 332 34.78 14.52 -18.51
CA ASP E 332 33.65 15.25 -17.98
C ASP E 332 34.09 16.26 -16.92
N PRO E 333 33.40 17.39 -16.82
CA PRO E 333 33.75 18.36 -15.77
C PRO E 333 33.64 17.78 -14.38
N GLU E 334 32.70 16.87 -14.13
CA GLU E 334 32.51 16.30 -12.82
C GLU E 334 33.52 15.21 -12.48
N ILE E 335 34.30 14.75 -13.46
CA ILE E 335 35.29 13.71 -13.24
C ILE E 335 36.71 14.20 -13.51
N VAL E 336 36.88 15.37 -14.10
CA VAL E 336 38.22 15.93 -14.31
C VAL E 336 38.57 16.97 -13.25
N MET E 337 37.65 17.29 -12.34
CA MET E 337 37.88 18.30 -11.32
C MET E 337 37.07 17.96 -10.06
N HIS E 338 37.38 18.68 -8.98
CA HIS E 338 36.74 18.47 -7.68
C HIS E 338 35.51 19.37 -7.57
N SER E 339 34.33 18.77 -7.51
CA SER E 339 33.08 19.48 -7.33
C SER E 339 32.42 19.10 -6.02
N PHE E 340 31.77 20.08 -5.40
CA PHE E 340 30.99 19.82 -4.19
C PHE E 340 29.93 20.91 -4.05
N ASN E 341 29.12 20.77 -3.01
CA ASN E 341 28.05 21.72 -2.68
C ASN E 341 28.40 22.39 -1.36
N CYS E 342 28.17 23.71 -1.29
CA CYS E 342 28.53 24.47 -0.10
C CYS E 342 27.67 25.72 -0.07
N GLY E 343 26.64 25.72 0.77
CA GLY E 343 25.71 26.83 0.79
C GLY E 343 24.77 26.87 -0.38
N GLY E 344 24.54 25.73 -1.04
CA GLY E 344 23.66 25.66 -2.19
C GLY E 344 24.36 25.94 -3.50
N GLU E 345 25.44 26.72 -3.47
CA GLU E 345 26.23 26.97 -4.66
C GLU E 345 27.19 25.80 -4.86
N PHE E 346 27.13 25.19 -6.05
CA PHE E 346 27.92 24.00 -6.32
C PHE E 346 29.38 24.37 -6.58
N PHE E 347 30.18 24.42 -5.51
CA PHE E 347 31.57 24.83 -5.65
C PHE E 347 32.39 23.76 -6.37
N TYR E 348 33.35 24.23 -7.16
CA TYR E 348 34.21 23.41 -8.02
C TYR E 348 35.66 23.87 -7.93
N CYS E 349 36.18 24.02 -6.71
CA CYS E 349 37.58 24.38 -6.55
C CYS E 349 38.47 23.43 -7.35
N ASN E 350 39.34 23.98 -8.20
CA ASN E 350 40.13 23.13 -9.10
C ASN E 350 41.24 22.41 -8.34
N SER E 351 41.86 21.45 -9.02
CA SER E 351 42.91 20.62 -8.44
C SER E 351 44.05 20.41 -9.45
N THR E 352 44.57 21.52 -9.97
CA THR E 352 45.74 21.51 -10.84
C THR E 352 47.04 21.76 -10.09
N GLN E 353 46.98 21.95 -8.77
CA GLN E 353 48.16 22.16 -7.95
C GLN E 353 48.70 20.87 -7.36
N LEU E 354 47.95 19.77 -7.45
CA LEU E 354 48.41 18.49 -6.90
C LEU E 354 49.06 17.58 -7.93
N PHE E 355 48.75 17.74 -9.21
CA PHE E 355 49.32 16.86 -10.23
C PHE E 355 50.76 17.21 -10.57
N ASN E 356 51.23 18.39 -10.19
CA ASN E 356 52.57 18.84 -10.55
C ASN E 356 53.54 18.71 -9.37
N SER E 357 53.72 17.49 -8.87
CA SER E 357 54.67 17.25 -7.79
C SER E 357 55.05 15.78 -7.75
N THR E 358 56.28 15.49 -7.27
CA THR E 358 56.86 14.16 -7.41
C THR E 358 57.82 13.84 -6.27
N TRP E 359 57.38 13.03 -5.32
CA TRP E 359 58.22 12.61 -4.19
C TRP E 359 58.85 11.25 -4.43
N ASN E 360 59.42 11.03 -5.60
CA ASN E 360 59.91 9.70 -5.96
C ASN E 360 61.22 9.37 -5.23
N PHE E 361 62.27 10.13 -5.52
CA PHE E 361 63.57 9.90 -4.92
C PHE E 361 63.59 10.32 -3.45
N ASN E 362 63.38 11.61 -3.21
CA ASN E 362 63.38 12.13 -1.85
C ASN E 362 62.01 12.67 -1.53
N GLY E 363 61.41 12.13 -0.48
CA GLY E 363 60.25 12.78 0.03
C GLY E 363 60.70 14.09 0.67
N THR E 364 61.93 14.09 1.17
CA THR E 364 62.44 15.30 1.81
C THR E 364 62.80 16.40 0.83
N TRP E 365 63.24 16.04 -0.38
CA TRP E 365 63.63 17.09 -1.32
C TRP E 365 62.45 17.99 -1.64
N ASN E 366 61.26 17.41 -1.71
CA ASN E 366 60.04 18.15 -2.00
C ASN E 366 59.38 18.73 -0.76
N LEU E 367 59.93 18.48 0.43
CA LEU E 367 59.32 18.97 1.65
C LEU E 367 59.68 20.44 1.88
N THR E 368 58.80 21.13 2.61
CA THR E 368 58.92 22.56 2.83
C THR E 368 58.95 22.84 4.33
N GLN E 369 59.83 23.75 4.73
CA GLN E 369 59.93 24.17 6.13
C GLN E 369 58.93 25.26 6.42
N SER E 370 58.17 25.11 7.51
CA SER E 370 57.19 26.13 7.87
C SER E 370 57.86 27.45 8.24
N ASN E 371 58.95 27.38 9.02
CA ASN E 371 59.64 28.59 9.45
C ASN E 371 60.21 29.35 8.26
N GLY E 372 60.81 28.62 7.32
CA GLY E 372 61.33 29.20 6.10
C GLY E 372 60.40 28.93 4.93
N THR E 373 59.11 29.19 5.12
CA THR E 373 58.16 29.02 4.04
C THR E 373 58.51 29.97 2.90
N GLU E 374 58.28 29.50 1.68
CA GLU E 374 58.63 30.32 0.54
C GLU E 374 57.63 31.47 0.40
N GLY E 375 57.86 32.31 -0.62
CA GLY E 375 56.95 33.41 -0.88
C GLY E 375 55.62 32.94 -1.42
N ASN E 376 55.65 32.11 -2.46
CA ASN E 376 54.43 31.61 -3.08
C ASN E 376 54.00 30.27 -2.51
N ASP E 377 54.39 29.95 -1.28
CA ASP E 377 54.10 28.63 -0.73
C ASP E 377 52.59 28.41 -0.56
N THR E 378 51.87 29.37 0.03
CA THR E 378 50.44 29.24 0.24
C THR E 378 49.72 28.96 -1.08
N ILE E 379 49.23 27.74 -1.24
CA ILE E 379 48.53 27.32 -2.45
C ILE E 379 47.36 28.25 -2.72
N THR E 380 47.42 28.99 -3.82
CA THR E 380 46.35 29.85 -4.27
C THR E 380 46.03 29.48 -5.71
N LEU E 381 44.83 29.02 -5.95
CA LEU E 381 44.38 28.58 -7.26
C LEU E 381 42.96 29.09 -7.49
N PRO E 382 42.54 29.21 -8.75
CA PRO E 382 41.19 29.71 -9.05
C PRO E 382 40.12 28.70 -8.66
N CYS E 383 38.98 29.20 -8.17
CA CYS E 383 37.87 28.38 -7.70
C CYS E 383 36.55 28.72 -8.39
N ARG E 384 35.90 27.70 -8.95
CA ARG E 384 34.70 27.85 -9.77
C ARG E 384 33.45 27.47 -8.99
N ILE E 385 32.29 27.85 -9.55
CA ILE E 385 30.98 27.53 -9.00
C ILE E 385 30.04 27.10 -10.13
N LYS E 386 28.79 26.79 -9.79
CA LYS E 386 27.83 26.36 -10.80
C LYS E 386 26.42 26.53 -10.27
N GLN E 387 25.45 26.53 -11.19
CA GLN E 387 24.03 26.69 -10.85
C GLN E 387 23.22 25.44 -11.07
N ILE E 388 23.45 24.70 -12.16
CA ILE E 388 22.70 23.48 -12.46
C ILE E 388 23.58 22.27 -12.18
N ILE E 389 22.95 21.10 -12.03
CA ILE E 389 23.69 19.87 -11.72
C ILE E 389 22.80 18.68 -12.05
N ASN E 390 23.43 17.56 -12.38
CA ASN E 390 22.75 16.28 -12.61
C ASN E 390 23.36 15.24 -11.66
N MET E 391 22.59 14.84 -10.66
CA MET E 391 23.04 13.90 -9.64
C MET E 391 23.19 12.48 -10.20
N TRP E 392 24.29 11.82 -9.80
CA TRP E 392 24.55 10.43 -10.17
C TRP E 392 24.57 10.25 -11.69
N GLN E 393 25.00 11.30 -12.39
CA GLN E 393 25.17 11.27 -13.83
C GLN E 393 23.89 10.81 -14.55
N GLU E 394 22.77 11.48 -14.24
CA GLU E 394 21.45 11.13 -14.77
C GLU E 394 20.94 12.24 -15.69
N VAL E 395 20.80 11.93 -16.98
CA VAL E 395 20.40 12.89 -18.01
C VAL E 395 18.88 13.05 -18.09
N GLY E 396 18.37 14.15 -17.55
CA GLY E 396 16.94 14.41 -17.58
C GLY E 396 16.60 15.86 -17.22
N LYS E 397 15.45 16.04 -16.57
CA LYS E 397 15.03 17.34 -16.06
C LYS E 397 16.07 17.90 -15.09
N ALA E 398 16.59 19.10 -15.39
CA ALA E 398 17.62 19.73 -14.57
C ALA E 398 17.00 20.66 -13.53
N MET E 399 17.86 21.33 -12.77
CA MET E 399 17.46 22.26 -11.73
C MET E 399 18.25 23.56 -11.86
N TYR E 400 17.93 24.52 -10.99
CA TYR E 400 18.56 25.84 -11.02
C TYR E 400 18.91 26.26 -9.60
N ALA E 401 20.19 26.45 -9.34
CA ALA E 401 20.61 26.90 -8.03
C ALA E 401 20.32 28.40 -7.89
N PRO E 402 19.62 28.81 -6.84
CA PRO E 402 19.38 30.22 -6.65
C PRO E 402 20.64 30.90 -6.13
N PRO E 403 20.65 32.22 -6.05
CA PRO E 403 21.79 32.90 -5.44
C PRO E 403 21.80 32.64 -3.94
N ILE E 404 22.96 32.88 -3.34
CA ILE E 404 23.09 32.86 -1.89
C ILE E 404 23.08 34.27 -1.32
N ARG E 405 23.01 35.28 -2.19
CA ARG E 405 22.97 36.69 -1.79
C ARG E 405 23.98 36.99 -0.69
N GLY E 406 25.25 36.80 -0.99
CA GLY E 406 26.32 37.08 -0.05
C GLY E 406 27.62 36.45 -0.52
N GLN E 407 28.71 36.91 0.07
CA GLN E 407 30.02 36.35 -0.22
C GLN E 407 30.01 34.87 0.11
N ILE E 408 30.20 34.02 -0.89
CA ILE E 408 30.11 32.59 -0.63
C ILE E 408 31.39 32.15 0.07
N ARG E 409 31.28 31.82 1.35
CA ARG E 409 32.41 31.31 2.12
C ARG E 409 32.20 29.83 2.31
N CYS E 410 33.12 29.03 1.78
CA CYS E 410 33.09 27.60 1.98
C CYS E 410 34.36 27.20 2.72
N SER E 411 34.18 26.49 3.82
CA SER E 411 35.29 25.91 4.56
C SER E 411 35.08 24.41 4.53
N SER E 412 35.91 23.71 3.77
CA SER E 412 35.86 22.27 3.68
C SER E 412 37.19 21.70 4.13
N ASN E 413 37.18 20.44 4.54
CA ASN E 413 38.37 19.76 5.01
C ASN E 413 38.65 18.55 4.13
N ILE E 414 39.80 17.92 4.38
CA ILE E 414 40.31 16.84 3.53
C ILE E 414 40.60 15.61 4.37
N THR E 415 40.13 14.45 3.92
CA THR E 415 40.37 13.20 4.62
C THR E 415 40.49 11.99 3.70
N GLY E 416 40.47 12.22 2.38
CA GLY E 416 40.51 11.13 1.43
C GLY E 416 40.91 11.61 0.05
N LEU E 417 41.15 10.65 -0.85
CA LEU E 417 41.56 10.96 -2.21
C LEU E 417 41.30 9.77 -3.11
N ILE E 418 41.02 10.06 -4.38
CA ILE E 418 40.81 9.03 -5.40
C ILE E 418 41.80 9.27 -6.52
N LEU E 419 42.48 8.20 -6.94
CA LEU E 419 43.38 8.26 -8.07
C LEU E 419 42.99 7.16 -9.05
N THR E 420 43.56 7.26 -10.25
CA THR E 420 43.43 6.21 -11.23
C THR E 420 44.82 5.98 -11.79
N ARG E 421 45.28 4.74 -11.71
CA ARG E 421 46.59 4.45 -12.26
C ARG E 421 46.53 4.63 -13.77
N ASP E 422 47.66 5.02 -14.35
CA ASP E 422 47.71 5.34 -15.78
C ASP E 422 47.99 4.06 -16.55
N GLY E 423 47.05 3.69 -17.41
CA GLY E 423 47.24 2.51 -18.24
C GLY E 423 47.92 2.79 -19.56
N GLY E 424 47.84 4.03 -20.02
CA GLY E 424 48.45 4.40 -21.29
C GLY E 424 49.89 4.81 -21.11
N THR E 425 50.66 3.94 -20.45
CA THR E 425 52.06 4.21 -20.14
C THR E 425 52.74 2.86 -19.90
N ASN E 426 53.99 2.91 -19.48
CA ASN E 426 54.74 1.68 -19.22
C ASN E 426 54.21 0.96 -18.00
N SER E 427 54.33 -0.37 -18.01
CA SER E 427 53.82 -1.19 -16.91
C SER E 427 54.77 -1.21 -15.72
N SER E 428 56.07 -1.32 -15.98
CA SER E 428 57.06 -1.43 -14.93
C SER E 428 58.06 -0.28 -14.92
N GLY E 429 57.90 0.70 -15.81
CA GLY E 429 58.82 1.81 -15.88
C GLY E 429 58.62 2.83 -14.78
N SER E 430 57.41 3.36 -14.68
CA SER E 430 57.09 4.38 -13.68
C SER E 430 55.60 4.32 -13.39
N GLU E 431 55.25 4.30 -12.11
CA GLU E 431 53.84 4.26 -11.74
C GLU E 431 53.24 5.66 -11.83
N ILE E 432 52.23 5.82 -12.70
CA ILE E 432 51.57 7.10 -12.91
C ILE E 432 50.19 7.01 -12.32
N PHE E 433 49.86 7.92 -11.41
CA PHE E 433 48.50 8.07 -10.94
C PHE E 433 47.95 9.39 -11.45
N ARG E 434 46.69 9.35 -11.84
CA ARG E 434 45.98 10.50 -12.38
C ARG E 434 44.68 10.62 -11.60
N PRO E 435 44.16 11.83 -11.47
CA PRO E 435 42.89 11.99 -10.76
C PRO E 435 41.79 11.25 -11.50
N GLY E 436 41.05 10.44 -10.78
CA GLY E 436 39.90 9.76 -11.33
C GLY E 436 38.68 10.10 -10.51
N GLY E 437 37.64 10.57 -11.18
CA GLY E 437 36.42 10.95 -10.50
C GLY E 437 35.26 10.20 -11.12
N GLY E 438 35.59 9.20 -11.93
CA GLY E 438 34.60 8.41 -12.62
C GLY E 438 33.58 7.82 -11.67
N ASP E 439 34.03 6.97 -10.76
CA ASP E 439 33.11 6.31 -9.84
C ASP E 439 32.76 7.25 -8.69
N MET E 440 31.48 7.58 -8.57
CA MET E 440 31.00 8.41 -7.47
C MET E 440 30.66 7.60 -6.23
N ARG E 441 30.63 6.27 -6.33
CA ARG E 441 30.41 5.44 -5.15
C ARG E 441 31.68 5.11 -4.40
N ASP E 442 32.85 5.28 -5.02
CA ASP E 442 34.08 5.18 -4.24
C ASP E 442 34.09 6.20 -3.11
N ASN E 443 33.52 7.39 -3.37
CA ASN E 443 33.38 8.39 -2.31
C ASN E 443 32.50 7.87 -1.18
N TRP E 444 31.41 7.20 -1.51
CA TRP E 444 30.45 6.74 -0.50
C TRP E 444 30.91 5.48 0.22
N ARG E 445 31.81 4.69 -0.39
CA ARG E 445 32.30 3.46 0.21
C ARG E 445 33.60 3.64 0.99
N SER E 446 34.24 4.80 0.89
CA SER E 446 35.50 5.01 1.60
C SER E 446 35.31 4.83 3.10
N GLU E 447 34.14 5.24 3.62
CA GLU E 447 33.84 5.16 5.03
C GLU E 447 33.08 3.90 5.41
N LEU E 448 32.81 3.01 4.45
CA LEU E 448 32.00 1.82 4.66
C LEU E 448 32.83 0.55 4.60
N TYR E 449 34.10 0.64 4.97
CA TYR E 449 35.00 -0.51 4.94
C TYR E 449 35.00 -1.28 6.25
N LYS E 450 34.28 -0.79 7.25
CA LYS E 450 34.22 -1.47 8.54
C LYS E 450 32.80 -1.94 8.77
N TYR E 451 31.83 -1.12 8.42
CA TYR E 451 30.45 -1.49 8.61
C TYR E 451 30.10 -2.67 7.73
N LYS E 452 29.35 -3.60 8.30
CA LYS E 452 28.85 -4.73 7.54
C LYS E 452 27.55 -5.15 8.18
N VAL E 453 26.45 -4.93 7.47
CA VAL E 453 25.18 -5.38 8.00
C VAL E 453 25.33 -6.86 8.31
N VAL E 454 24.98 -7.23 9.54
CA VAL E 454 25.18 -8.58 10.04
C VAL E 454 23.84 -9.08 10.56
N LYS E 455 23.46 -10.26 10.11
CA LYS E 455 22.22 -10.87 10.56
C LYS E 455 22.41 -11.54 11.91
N ILE E 456 21.33 -11.62 12.68
CA ILE E 456 21.35 -12.23 14.01
C ILE E 456 20.28 -13.32 14.05
N GLU E 457 20.69 -14.55 14.31
CA GLU E 457 19.79 -15.71 14.37
C GLU E 457 19.86 -16.37 15.74
N PRO E 458 18.76 -16.40 16.51
CA PRO E 458 18.81 -17.06 17.83
C PRO E 458 18.81 -18.59 17.76
N LEU E 459 18.29 -19.19 16.69
CA LEU E 459 18.21 -20.65 16.60
C LEU E 459 19.59 -21.31 16.67
N GLY E 460 19.68 -22.39 17.43
CA GLY E 460 20.94 -23.12 17.49
C GLY E 460 20.82 -24.58 17.90
N VAL E 461 21.36 -25.51 17.11
CA VAL E 461 21.30 -26.93 17.45
C VAL E 461 22.62 -27.32 18.05
N ALA E 462 22.59 -28.35 18.85
CA ALA E 462 23.83 -28.74 19.45
C ALA E 462 23.61 -30.02 20.22
N PRO E 463 24.34 -31.01 19.92
CA PRO E 463 24.28 -32.28 20.65
C PRO E 463 24.63 -31.94 22.08
N THR E 464 23.70 -32.26 22.98
CA THR E 464 23.94 -32.09 24.40
C THR E 464 23.49 -33.35 25.13
N LYS E 465 24.22 -33.68 26.19
CA LYS E 465 23.99 -34.89 26.95
C LYS E 465 22.65 -34.82 27.68
N GLY F 1 26.47 -7.32 26.42
CA GLY F 1 26.90 -8.21 25.35
C GLY F 1 25.83 -8.44 24.32
N PHE F 2 25.64 -7.47 23.44
CA PHE F 2 24.66 -7.62 22.37
C PHE F 2 24.94 -8.88 21.57
N LEU F 3 26.18 -9.02 21.08
CA LEU F 3 26.56 -10.15 20.26
C LEU F 3 27.92 -10.73 20.61
N GLY F 4 28.74 -10.01 21.36
CA GLY F 4 29.97 -10.57 21.87
C GLY F 4 29.68 -11.51 23.02
N ALA F 5 30.66 -11.67 23.89
CA ALA F 5 30.60 -12.57 25.04
C ALA F 5 30.73 -14.02 24.61
N ALA F 6 31.00 -14.27 23.33
CA ALA F 6 31.16 -15.62 22.82
C ALA F 6 32.09 -15.55 21.61
N GLY F 7 33.37 -15.80 21.84
CA GLY F 7 34.28 -15.92 20.72
C GLY F 7 34.29 -17.34 20.22
N SER F 8 34.57 -18.30 21.13
CA SER F 8 34.50 -19.71 20.78
C SER F 8 33.98 -20.44 22.01
N THR F 9 32.67 -20.50 22.14
CA THR F 9 32.07 -21.04 23.34
C THR F 9 30.69 -21.53 23.02
N MET F 10 30.25 -22.44 23.86
CA MET F 10 28.92 -22.97 23.74
C MET F 10 28.21 -22.78 25.06
N GLY F 11 28.97 -22.90 26.15
CA GLY F 11 28.43 -22.63 27.46
C GLY F 11 28.32 -21.15 27.78
N ALA F 12 29.42 -20.42 27.63
CA ALA F 12 29.35 -18.97 27.84
C ALA F 12 28.41 -18.32 26.84
N ALA F 13 28.47 -18.76 25.58
CA ALA F 13 27.52 -18.26 24.59
C ALA F 13 26.09 -18.53 25.03
N SER F 14 25.84 -19.72 25.56
CA SER F 14 24.50 -20.05 26.05
C SER F 14 24.07 -19.20 27.24
N MET F 15 25.02 -18.78 28.08
CA MET F 15 24.67 -18.03 29.28
C MET F 15 24.49 -16.54 29.02
N THR F 16 24.99 -16.03 27.90
CA THR F 16 24.84 -14.62 27.54
C THR F 16 23.74 -14.41 26.51
N LEU F 17 22.84 -15.38 26.39
CA LEU F 17 21.78 -15.32 25.39
C LEU F 17 20.76 -14.24 25.73
N THR F 18 20.36 -14.15 27.00
CA THR F 18 19.36 -13.15 27.38
C THR F 18 19.89 -11.74 27.18
N VAL F 19 21.15 -11.51 27.53
CA VAL F 19 21.77 -10.20 27.29
C VAL F 19 21.79 -9.89 25.80
N GLN F 20 22.18 -10.85 24.99
CA GLN F 20 22.19 -10.63 23.55
C GLN F 20 20.78 -10.36 23.03
N ALA F 21 19.78 -11.10 23.53
CA ALA F 21 18.41 -10.95 23.08
C ALA F 21 17.83 -9.60 23.46
N ARG F 22 18.11 -9.14 24.68
CA ARG F 22 17.62 -7.84 25.10
C ARG F 22 18.35 -6.71 24.39
N GLN F 23 19.65 -6.86 24.10
CA GLN F 23 20.38 -5.81 23.41
C GLN F 23 19.94 -5.71 21.96
N LEU F 24 19.61 -6.85 21.33
CA LEU F 24 19.26 -6.86 19.92
C LEU F 24 17.86 -6.30 19.68
N LEU F 25 16.91 -6.62 20.54
CA LEU F 25 15.52 -6.19 20.36
C LEU F 25 15.24 -4.84 21.00
N SER F 26 16.22 -3.95 21.03
CA SER F 26 16.08 -2.65 21.67
C SER F 26 15.77 -1.51 20.69
N GLY F 27 15.53 -1.81 19.41
CA GLY F 27 15.28 -0.77 18.42
C GLY F 27 13.95 -0.06 18.55
N ILE F 28 13.03 -0.62 19.34
CA ILE F 28 11.73 0.02 19.54
C ILE F 28 11.90 1.36 20.26
N VAL F 29 12.87 1.45 21.17
CA VAL F 29 13.18 2.72 21.80
C VAL F 29 13.59 3.75 20.76
N GLN F 30 14.46 3.34 19.82
CA GLN F 30 14.89 4.25 18.75
C GLN F 30 13.71 4.71 17.91
N GLN F 31 12.80 3.78 17.60
CA GLN F 31 11.59 4.16 16.86
C GLN F 31 10.70 5.08 17.69
N GLN F 32 10.88 5.10 19.02
CA GLN F 32 10.04 5.93 19.89
C GLN F 32 10.44 7.39 19.84
N ASN F 33 11.74 7.66 19.89
CA ASN F 33 12.30 8.97 19.62
C ASN F 33 12.42 9.21 18.12
N ASN F 34 11.27 9.17 17.45
CA ASN F 34 11.16 9.59 16.07
C ASN F 34 11.14 11.11 15.96
N LEU F 35 10.46 11.76 16.89
CA LEU F 35 10.36 13.22 16.85
C LEU F 35 10.08 13.68 15.43
N LEU F 36 9.53 12.77 14.62
CA LEU F 36 9.68 12.83 13.17
C LEU F 36 8.36 13.10 12.47
N ARG F 37 7.41 13.70 13.17
CA ARG F 37 6.04 13.79 12.67
C ARG F 37 5.98 14.49 11.32
N ALA F 38 6.29 15.78 11.30
CA ALA F 38 6.25 16.57 10.08
C ALA F 38 7.43 17.53 9.91
N ILE F 39 8.03 18.02 10.98
CA ILE F 39 9.13 18.98 10.88
C ILE F 39 10.10 18.69 12.02
N GLU F 40 11.33 19.16 11.86
CA GLU F 40 12.34 19.12 12.90
C GLU F 40 12.11 20.24 13.92
N ALA F 41 12.08 21.52 13.55
CA ALA F 41 11.87 22.56 14.54
C ALA F 41 11.06 23.76 14.04
N GLN F 42 11.29 24.16 12.79
CA GLN F 42 10.57 25.30 12.24
C GLN F 42 9.73 25.00 11.00
N GLN F 43 10.36 24.49 9.93
CA GLN F 43 9.59 24.21 8.73
C GLN F 43 9.99 22.86 8.19
N HIS F 44 9.30 22.41 7.15
CA HIS F 44 9.70 21.14 6.58
C HIS F 44 8.73 20.78 5.47
N LEU F 45 9.15 19.87 4.59
CA LEU F 45 8.24 19.26 3.66
C LEU F 45 8.05 17.78 3.95
N LEU F 46 7.18 17.19 3.12
CA LEU F 46 6.80 15.79 3.20
C LEU F 46 8.01 14.88 3.17
N GLN F 47 8.75 14.89 2.07
CA GLN F 47 10.04 14.20 1.94
C GLN F 47 9.90 12.70 2.11
N LEU F 48 8.69 12.21 2.35
CA LEU F 48 8.54 10.81 2.65
C LEU F 48 8.89 10.12 1.35
N THR F 49 10.02 9.43 1.32
CA THR F 49 10.48 8.87 0.07
C THR F 49 10.47 7.36 0.20
N VAL F 50 10.80 6.69 -0.89
CA VAL F 50 10.91 5.25 -0.86
C VAL F 50 11.92 4.85 0.21
N TRP F 51 12.87 5.74 0.50
CA TRP F 51 13.85 5.46 1.52
C TRP F 51 13.19 5.13 2.87
N GLY F 52 12.27 5.99 3.33
CA GLY F 52 11.71 5.85 4.67
C GLY F 52 10.51 4.92 4.74
N ILE F 53 9.68 4.96 3.70
CA ILE F 53 8.67 3.93 3.56
C ILE F 53 9.33 2.56 3.61
N ARG F 54 10.53 2.44 3.03
CA ARG F 54 11.26 1.19 3.10
C ARG F 54 12.02 1.01 4.41
N GLN F 55 12.32 2.10 5.14
CA GLN F 55 12.77 1.94 6.52
C GLN F 55 11.70 1.22 7.34
N LEU F 56 10.47 1.70 7.27
CA LEU F 56 9.35 1.01 7.93
C LEU F 56 9.14 -0.37 7.32
N GLN F 57 9.40 -0.53 6.02
CA GLN F 57 9.18 -1.81 5.36
C GLN F 57 10.21 -2.87 5.78
N ALA F 58 11.47 -2.48 5.89
CA ALA F 58 12.48 -3.37 6.46
C ALA F 58 12.18 -3.67 7.91
N ARG F 59 11.71 -2.67 8.66
CA ARG F 59 11.19 -2.92 10.00
C ARG F 59 10.14 -4.03 9.98
N VAL F 60 9.17 -3.91 9.08
CA VAL F 60 8.08 -4.88 9.00
C VAL F 60 8.63 -6.26 8.64
N LEU F 61 9.56 -6.34 7.68
CA LEU F 61 10.07 -7.65 7.28
C LEU F 61 10.80 -8.34 8.44
N ALA F 62 11.69 -7.62 9.15
CA ALA F 62 12.37 -8.24 10.28
C ALA F 62 11.39 -8.64 11.39
N VAL F 63 10.44 -7.77 11.73
CA VAL F 63 9.51 -8.11 12.81
C VAL F 63 8.61 -9.28 12.40
N GLU F 64 8.33 -9.42 11.10
CA GLU F 64 7.67 -10.62 10.60
C GLU F 64 8.53 -11.86 10.80
N ARG F 65 9.85 -11.71 10.61
CA ARG F 65 10.76 -12.83 10.88
C ARG F 65 10.69 -13.24 12.34
N TYR F 66 10.69 -12.26 13.26
CA TYR F 66 10.51 -12.59 14.68
C TYR F 66 9.15 -13.24 14.93
N LEU F 67 8.11 -12.78 14.21
CA LEU F 67 6.80 -13.43 14.33
C LEU F 67 6.83 -14.89 13.89
N ARG F 68 7.51 -15.18 12.78
CA ARG F 68 7.69 -16.57 12.37
C ARG F 68 8.47 -17.35 13.42
N ASP F 69 9.41 -16.69 14.10
CA ASP F 69 10.09 -17.32 15.24
C ASP F 69 9.09 -17.72 16.31
N GLN F 70 8.19 -16.80 16.66
CA GLN F 70 7.18 -17.12 17.67
C GLN F 70 6.25 -18.25 17.20
N GLN F 71 5.91 -18.27 15.91
CA GLN F 71 5.08 -19.35 15.38
C GLN F 71 5.79 -20.69 15.51
N LEU F 72 7.08 -20.74 15.19
CA LEU F 72 7.85 -21.97 15.37
C LEU F 72 7.87 -22.39 16.83
N LEU F 73 8.09 -21.44 17.74
CA LEU F 73 8.01 -21.75 19.17
C LEU F 73 6.67 -22.39 19.49
N GLY F 74 5.59 -21.89 18.89
CA GLY F 74 4.28 -22.49 19.11
C GLY F 74 4.13 -23.88 18.53
N ILE F 75 4.72 -24.13 17.36
CA ILE F 75 4.56 -25.43 16.69
C ILE F 75 5.20 -26.54 17.53
N TRP F 76 6.40 -26.30 18.04
CA TRP F 76 7.11 -27.30 18.83
C TRP F 76 6.68 -27.32 20.28
N GLY F 77 5.80 -26.43 20.71
CA GLY F 77 5.58 -26.27 22.13
C GLY F 77 6.80 -25.77 22.86
N CYS F 78 7.56 -24.86 22.25
CA CYS F 78 8.86 -24.44 22.74
C CYS F 78 8.90 -22.95 23.10
N SER F 79 7.75 -22.36 23.43
CA SER F 79 7.67 -20.90 23.65
C SER F 79 7.85 -20.49 25.12
N GLY F 80 8.12 -21.42 26.02
CA GLY F 80 8.20 -21.06 27.44
C GLY F 80 9.35 -20.12 27.75
N LYS F 81 10.53 -20.44 27.25
CA LYS F 81 11.73 -19.63 27.46
C LYS F 81 12.82 -20.19 26.56
N LEU F 82 14.01 -19.57 26.62
CA LEU F 82 15.11 -20.02 25.76
C LEU F 82 15.54 -21.44 26.09
N ILE F 83 15.22 -21.93 27.28
CA ILE F 83 15.58 -23.28 27.72
C ILE F 83 14.45 -24.24 27.33
N CYS F 84 14.65 -25.02 26.28
CA CYS F 84 13.63 -25.96 25.79
C CYS F 84 14.31 -27.03 24.93
N THR F 85 14.15 -28.30 25.31
CA THR F 85 14.89 -29.41 24.70
C THR F 85 14.14 -30.00 23.50
N THR F 86 14.75 -31.02 22.90
CA THR F 86 14.17 -31.75 21.77
C THR F 86 14.12 -33.23 22.09
N ALA F 87 13.06 -33.89 21.60
CA ALA F 87 12.94 -35.34 21.70
C ALA F 87 13.62 -36.06 20.54
N VAL F 88 14.65 -35.44 19.95
CA VAL F 88 15.30 -35.94 18.74
C VAL F 88 16.80 -36.04 19.01
N PRO F 89 17.42 -37.19 18.74
CA PRO F 89 18.88 -37.31 18.94
C PRO F 89 19.67 -36.82 17.74
N TRP F 90 20.87 -36.36 18.02
CA TRP F 90 21.78 -35.93 16.96
C TRP F 90 22.20 -37.12 16.12
N ASN F 91 21.82 -37.12 14.85
CA ASN F 91 22.15 -38.26 14.00
C ASN F 91 23.65 -38.39 13.91
N ALA F 92 24.12 -39.62 13.68
CA ALA F 92 25.55 -39.83 13.47
C ALA F 92 25.92 -39.15 12.16
N SER F 93 24.96 -38.39 11.63
CA SER F 93 25.17 -37.56 10.46
C SER F 93 26.39 -36.67 10.61
N TRP F 94 26.34 -35.73 11.54
CA TRP F 94 27.54 -35.00 11.91
C TRP F 94 28.68 -35.98 12.04
N SER F 95 29.88 -35.48 11.85
CA SER F 95 31.02 -36.36 11.93
C SER F 95 31.39 -36.61 13.38
N ASN F 96 32.08 -37.72 13.61
CA ASN F 96 32.55 -38.01 14.96
C ASN F 96 33.19 -36.76 15.55
N LYS F 97 32.65 -36.31 16.67
CA LYS F 97 33.22 -35.14 17.31
C LYS F 97 32.88 -35.22 18.78
N SER F 98 33.82 -34.76 19.59
CA SER F 98 33.52 -34.67 21.00
C SER F 98 32.50 -33.55 21.18
N LEU F 99 31.54 -33.83 22.05
CA LEU F 99 30.49 -32.86 22.30
C LEU F 99 31.06 -31.65 23.03
N GLU F 100 31.64 -31.87 24.21
CA GLU F 100 32.22 -30.76 24.95
C GLU F 100 33.20 -29.98 24.10
N GLN F 101 33.97 -30.66 23.25
CA GLN F 101 34.83 -29.91 22.34
C GLN F 101 34.04 -29.25 21.23
N ILE F 102 32.99 -29.88 20.72
CA ILE F 102 32.11 -29.14 19.84
C ILE F 102 31.63 -27.87 20.52
N TRP F 103 31.43 -27.93 21.81
CA TRP F 103 30.98 -26.74 22.52
C TRP F 103 32.08 -25.69 22.58
N ASN F 104 33.25 -26.07 23.07
CA ASN F 104 34.30 -25.11 23.44
C ASN F 104 35.11 -24.65 22.26
N ASN F 105 35.11 -25.40 21.18
CA ASN F 105 35.90 -25.09 20.02
C ASN F 105 35.06 -25.19 18.77
N MET F 106 33.73 -24.98 18.88
CA MET F 106 32.89 -24.78 17.71
C MET F 106 32.22 -23.42 17.68
N THR F 107 32.33 -22.63 18.76
CA THR F 107 31.73 -21.30 18.86
C THR F 107 30.25 -21.37 18.49
N TRP F 108 29.67 -22.56 18.60
CA TRP F 108 28.32 -22.85 18.13
C TRP F 108 28.30 -22.88 16.61
N MET F 109 29.32 -22.30 16.01
CA MET F 109 29.32 -22.09 14.57
C MET F 109 29.95 -23.25 13.83
N GLU F 110 31.01 -23.83 14.37
CA GLU F 110 31.66 -24.95 13.70
C GLU F 110 30.81 -26.21 13.77
N TRP F 111 30.24 -26.49 14.94
CA TRP F 111 29.31 -27.60 15.06
C TRP F 111 28.10 -27.38 14.18
N ASP F 112 27.61 -26.14 14.14
CA ASP F 112 26.45 -25.84 13.30
C ASP F 112 26.79 -26.04 11.84
N ARG F 113 28.00 -25.64 11.43
CA ARG F 113 28.31 -25.48 10.02
C ARG F 113 28.45 -26.86 9.35
N GLU F 114 29.33 -27.72 9.90
CA GLU F 114 29.37 -29.16 9.61
C GLU F 114 28.45 -29.98 10.51
N ILE F 115 27.30 -29.45 10.84
CA ILE F 115 26.11 -30.24 11.13
C ILE F 115 25.05 -29.58 10.33
N ASN F 116 25.49 -28.60 9.56
CA ASN F 116 24.60 -27.57 9.11
C ASN F 116 23.40 -28.15 8.38
N ASN F 117 23.64 -28.93 7.33
CA ASN F 117 22.49 -29.64 6.79
C ASN F 117 22.16 -30.81 7.71
N TYR F 118 23.06 -31.13 8.62
CA TYR F 118 22.73 -32.06 9.69
C TYR F 118 21.88 -31.39 10.77
N THR F 119 22.19 -30.14 11.12
CA THR F 119 21.41 -29.39 12.11
C THR F 119 19.98 -29.21 11.62
N SER F 120 19.84 -28.80 10.35
CA SER F 120 18.52 -28.74 9.75
C SER F 120 17.93 -30.13 9.54
N LEU F 121 18.78 -31.12 9.25
CA LEU F 121 18.28 -32.49 9.13
C LEU F 121 17.66 -32.94 10.43
N ILE F 122 18.27 -32.56 11.55
CA ILE F 122 17.71 -32.85 12.85
C ILE F 122 16.55 -31.91 13.19
N HIS F 123 16.33 -30.87 12.40
CA HIS F 123 15.32 -29.87 12.73
C HIS F 123 13.90 -30.37 12.50
N SER F 124 13.60 -30.87 11.30
CA SER F 124 12.22 -31.17 10.96
C SER F 124 11.64 -32.31 11.77
N LEU F 125 12.49 -33.18 12.33
CA LEU F 125 12.01 -34.32 13.09
C LEU F 125 11.26 -33.88 14.34
N ILE F 126 11.54 -32.66 14.83
CA ILE F 126 11.09 -32.26 16.16
C ILE F 126 9.56 -32.13 16.22
N GLU F 127 8.94 -31.63 15.16
CA GLU F 127 7.50 -31.37 15.19
C GLU F 127 6.69 -32.64 15.41
N GLU F 128 7.05 -33.72 14.73
CA GLU F 128 6.30 -34.98 14.79
C GLU F 128 7.02 -36.00 15.66
N ALA F 129 7.96 -35.52 16.46
CA ALA F 129 8.81 -36.35 17.30
C ALA F 129 8.72 -35.84 18.72
N GLN F 130 8.43 -34.54 18.84
CA GLN F 130 8.29 -33.89 20.14
C GLN F 130 6.82 -33.53 20.37
N ASN F 131 6.05 -33.50 19.28
CA ASN F 131 4.63 -33.18 19.35
C ASN F 131 3.78 -34.31 18.79
N GLN F 132 4.29 -34.96 17.75
CA GLN F 132 3.59 -36.09 17.13
C GLN F 132 3.77 -37.34 17.99
N GLN F 133 5.00 -37.57 18.41
CA GLN F 133 5.33 -38.72 19.26
C GLN F 133 5.52 -38.23 20.69
N GLU F 134 4.60 -37.37 21.12
CA GLU F 134 4.85 -36.48 22.26
C GLU F 134 4.68 -37.18 23.60
N LYS F 135 5.78 -37.41 24.29
CA LYS F 135 5.76 -38.05 25.59
C LYS F 135 5.87 -36.99 26.68
N ASN F 136 5.61 -37.39 27.92
CA ASN F 136 5.69 -36.47 29.05
C ASN F 136 7.11 -36.31 29.56
N GLU F 137 7.32 -36.66 30.82
CA GLU F 137 8.64 -36.55 31.43
C GLU F 137 9.22 -37.95 31.70
N GLN F 138 9.80 -38.12 32.89
CA GLN F 138 10.39 -39.38 33.27
C GLN F 138 9.33 -40.34 33.80
N GLU F 139 9.73 -41.60 33.98
CA GLU F 139 8.86 -42.67 34.46
C GLU F 139 9.49 -43.20 35.75
N LEU F 140 9.09 -42.61 36.88
CA LEU F 140 9.61 -43.01 38.18
C LEU F 140 8.49 -43.14 39.21
N LEU F 141 8.82 -43.71 40.36
CA LEU F 141 7.85 -43.90 41.43
C LEU F 141 8.18 -43.03 42.64
N GLU F 142 7.20 -42.83 43.52
CA GLU F 142 7.39 -42.03 44.71
C GLU F 142 7.39 -42.90 45.96
#